data_2ZU6
#
_entry.id   2ZU6
#
_cell.length_a   156.893
_cell.length_b   165.384
_cell.length_c   100.424
_cell.angle_alpha   90.00
_cell.angle_beta   90.00
_cell.angle_gamma   90.00
#
_symmetry.space_group_name_H-M   'P 21 21 2'
#
loop_
_entity.id
_entity.type
_entity.pdbx_description
1 polymer 'Eukaryotic initiation factor 4A-I'
2 polymer 'Programmed cell death protein 4'
3 non-polymer 1,2-ETHANEDIOL
4 non-polymer 'ACETIC ACID'
5 water water
#
loop_
_entity_poly.entity_id
_entity_poly.type
_entity_poly.pdbx_seq_one_letter_code
_entity_poly.pdbx_strand_id
1 'polypeptide(L)'
;MEGVIESNWNEIVDSFDDMNLSESLLRGIYAYGFEKPSAIQQRAILPCIKGYDVIAQAQSGTGKTATFAISILQQIELDL
KATQALVLAPTRELAQQIQKVVMALGDYMGASCHACIGGTNVRAEVQKLQMEAPHIIVGTPGRVFDMLNRRYLSPKYIKM
FVLDEADEMLSRGFKDQIYDIFQKLNSNTQVVLLSATMPSDVLEVTKKFMRDPIRILVKKEELTLEGIRQFYINVEREEW
KLDTLCDLYETLTITQAVIFINTRRKVDWLTEKMHARDFTVSAMHGDMDQKERDVIMREFRSGSSRVLITTDLLARGIDV
QQVSLVINYDLPTNRENYIHRIGRGGRFGRKGVAINMVTEEDKRTLRDIETFYNTSIEEMPLNVADLI
;
A,C,D,F
2 'polypeptide(L)'
;AFEKTLTPIIQEYFEHGDTNEVAE(MSE)LRDLNLGE(MSE)KSGVPVLAVSLALEGKASHRE(MSE)TSKLLSDLCGTV
(MSE)STTDVEKSFDKLLKDLPELALDTPRAPQLVGQFIARAVGDGILCNTYIDSYKGTVDCVQARAALDKATVLLS
(MSE)SKGGKRKDSVWGSGGGQQSVNHLVKEID(MSE)LLKEYLLSGDISEAEHCLKELEVPHFHHELVYEAII(MSE)V
LESTGESTFK(MSE)ILDLLKSLWKSSTITVDQ(MSE)KRGYERIYNEIPDINLDVPHSYSVLERFVEECFQAGIISKQL
RDLCPSRGRKRFVSEGDGGRLKPESY
;
B,E
#
loop_
_chem_comp.id
_chem_comp.type
_chem_comp.name
_chem_comp.formula
ACY non-polymer 'ACETIC ACID' 'C2 H4 O2'
EDO non-polymer 1,2-ETHANEDIOL 'C2 H6 O2'
#
# COMPACT_ATOMS: atom_id res chain seq x y z
N MET A 1 -44.13 -21.12 29.07
CA MET A 1 -44.68 -21.22 27.68
C MET A 1 -43.93 -20.24 26.73
N GLU A 2 -43.79 -20.62 25.46
CA GLU A 2 -43.00 -19.82 24.54
C GLU A 2 -43.72 -19.31 23.27
N GLY A 3 -43.93 -18.01 23.22
CA GLY A 3 -44.66 -17.41 22.13
C GLY A 3 -43.83 -17.22 20.86
N VAL A 4 -44.51 -16.97 19.75
CA VAL A 4 -43.86 -16.65 18.50
C VAL A 4 -44.88 -15.80 17.81
N ILE A 5 -44.44 -14.77 17.09
CA ILE A 5 -45.27 -14.29 16.00
C ILE A 5 -44.86 -14.94 14.70
N GLU A 6 -45.77 -15.69 14.10
CA GLU A 6 -45.48 -16.31 12.81
C GLU A 6 -45.95 -15.52 11.63
N SER A 7 -45.12 -15.56 10.61
CA SER A 7 -45.38 -14.86 9.37
C SER A 7 -45.08 -15.75 8.17
N ASN A 8 -45.96 -15.71 7.17
CA ASN A 8 -45.62 -16.30 5.89
C ASN A 8 -45.08 -15.32 4.82
N TRP A 9 -44.45 -15.92 3.80
CA TRP A 9 -43.44 -15.28 2.93
C TRP A 9 -43.57 -13.78 2.68
N ASN A 10 -42.44 -13.09 2.83
CA ASN A 10 -42.27 -11.74 2.29
C ASN A 10 -43.60 -11.01 1.96
N GLU A 11 -44.09 -11.16 0.73
CA GLU A 11 -45.21 -10.36 0.22
C GLU A 11 -46.50 -10.45 1.05
N ALA A 44 -45.62 4.42 5.07
CA ALA A 44 -45.38 2.99 4.81
C ALA A 44 -46.46 2.06 5.39
N ILE A 45 -46.86 1.11 4.54
CA ILE A 45 -47.91 0.17 4.84
C ILE A 45 -47.55 -0.84 5.92
N LEU A 46 -46.28 -0.86 6.33
CA LEU A 46 -45.77 -1.92 7.22
C LEU A 46 -46.01 -1.64 8.67
N PRO A 47 -46.19 -2.71 9.45
CA PRO A 47 -46.27 -2.64 10.91
C PRO A 47 -44.96 -2.10 11.45
N CYS A 48 -44.98 -1.65 12.68
CA CYS A 48 -43.85 -0.91 13.14
C CYS A 48 -43.72 -1.17 14.64
N ILE A 49 -42.83 -2.13 14.94
CA ILE A 49 -42.52 -2.58 16.26
C ILE A 49 -41.65 -1.53 16.89
N LYS A 50 -42.22 -0.62 17.66
CA LYS A 50 -41.45 0.23 18.58
C LYS A 50 -41.06 -0.45 19.89
N GLY A 51 -39.85 -0.23 20.40
CA GLY A 51 -39.58 -0.51 21.79
C GLY A 51 -39.13 -1.95 21.98
N TYR A 52 -39.97 -2.93 21.66
CA TYR A 52 -39.61 -4.35 21.88
C TYR A 52 -38.33 -4.83 21.22
N ASP A 53 -37.40 -5.36 21.99
CA ASP A 53 -36.38 -6.18 21.42
C ASP A 53 -37.10 -7.24 20.59
N VAL A 54 -36.50 -7.68 19.49
CA VAL A 54 -37.04 -8.64 18.56
C VAL A 54 -36.03 -9.67 18.04
N ILE A 55 -36.21 -10.94 18.37
CA ILE A 55 -35.49 -12.01 17.71
C ILE A 55 -36.27 -12.54 16.52
N ALA A 56 -35.78 -12.25 15.31
CA ALA A 56 -36.50 -12.62 14.08
C ALA A 56 -35.78 -13.75 13.39
N GLN A 57 -36.43 -14.86 13.14
CA GLN A 57 -35.78 -15.85 12.30
C GLN A 57 -36.15 -15.62 10.84
N ALA A 58 -35.18 -15.25 10.03
CA ALA A 58 -35.48 -14.98 8.65
C ALA A 58 -34.30 -15.34 7.78
N GLN A 59 -34.59 -15.65 6.53
CA GLN A 59 -33.55 -16.10 5.64
C GLN A 59 -32.74 -14.89 5.18
N SER A 60 -31.51 -15.21 4.75
CA SER A 60 -30.44 -14.27 4.44
C SER A 60 -30.88 -13.48 3.24
N GLY A 61 -30.60 -12.18 3.24
CA GLY A 61 -31.07 -11.34 2.18
C GLY A 61 -32.40 -10.65 2.46
N THR A 62 -32.88 -10.71 3.69
CA THR A 62 -34.00 -9.80 4.01
C THR A 62 -33.54 -8.36 4.21
N GLY A 63 -32.23 -8.18 4.30
CA GLY A 63 -31.64 -6.89 4.67
C GLY A 63 -31.67 -6.05 3.42
N LYS A 64 -31.74 -6.77 2.29
CA LYS A 64 -31.83 -6.21 0.96
C LYS A 64 -33.27 -5.89 0.59
N THR A 65 -34.23 -6.27 1.43
CA THR A 65 -35.67 -6.30 1.12
C THR A 65 -36.30 -4.92 1.38
N ALA A 66 -37.28 -4.52 0.58
CA ALA A 66 -38.01 -3.25 0.82
C ALA A 66 -38.65 -3.22 2.18
N THR A 67 -38.96 -4.39 2.71
CA THR A 67 -39.53 -4.52 4.03
C THR A 67 -38.56 -4.13 5.13
N PHE A 68 -37.32 -4.59 5.01
CA PHE A 68 -36.29 -4.21 5.96
C PHE A 68 -36.12 -2.70 6.10
N ALA A 69 -35.77 -2.11 4.97
CA ALA A 69 -35.75 -0.67 4.77
C ALA A 69 -36.88 0.10 5.47
N ILE A 70 -38.15 -0.25 5.19
CA ILE A 70 -39.27 0.44 5.84
C ILE A 70 -39.35 0.28 7.36
N SER A 71 -39.22 -0.96 7.83
CA SER A 71 -39.07 -1.22 9.25
C SER A 71 -38.27 -0.11 9.97
N ILE A 72 -37.09 0.20 9.42
CA ILE A 72 -36.20 1.19 10.04
C ILE A 72 -36.56 2.63 9.66
N LEU A 73 -36.80 2.85 8.37
CA LEU A 73 -37.08 4.20 7.90
C LEU A 73 -38.15 4.88 8.73
N GLN A 74 -39.35 4.30 8.71
CA GLN A 74 -40.47 4.90 9.43
C GLN A 74 -40.27 5.20 10.93
N GLN A 75 -39.09 4.91 11.49
CA GLN A 75 -38.88 5.19 12.90
C GLN A 75 -37.86 6.28 13.14
N ILE A 76 -37.35 6.82 12.05
CA ILE A 76 -36.44 7.95 12.12
C ILE A 76 -37.16 9.28 12.20
N GLU A 77 -36.89 10.01 13.28
CA GLU A 77 -37.03 11.46 13.33
C GLU A 77 -36.20 12.18 12.26
N LEU A 78 -36.80 12.47 11.11
CA LEU A 78 -36.09 13.19 10.04
C LEU A 78 -35.47 14.55 10.40
N ASP A 79 -35.76 15.08 11.59
CA ASP A 79 -35.25 16.39 11.90
C ASP A 79 -34.27 16.39 13.04
N LEU A 80 -33.95 15.20 13.53
CA LEU A 80 -32.79 15.03 14.36
C LEU A 80 -31.60 14.74 13.41
N LYS A 81 -30.70 15.70 13.26
CA LYS A 81 -29.51 15.44 12.45
C LYS A 81 -28.53 14.63 13.29
N ALA A 82 -28.91 13.39 13.57
CA ALA A 82 -28.12 12.45 14.33
C ALA A 82 -28.27 11.01 13.81
N THR A 83 -27.45 10.10 14.28
CA THR A 83 -27.58 8.72 13.85
C THR A 83 -28.55 8.06 14.78
N GLN A 84 -29.63 7.53 14.21
CA GLN A 84 -30.69 6.92 15.02
C GLN A 84 -30.80 5.39 14.98
N ALA A 85 -30.31 4.76 13.91
CA ALA A 85 -30.21 3.32 13.86
C ALA A 85 -28.84 2.81 13.40
N LEU A 86 -28.46 1.66 13.91
CA LEU A 86 -27.19 1.10 13.58
C LEU A 86 -27.42 -0.29 13.04
N VAL A 87 -27.01 -0.57 11.81
CA VAL A 87 -27.30 -1.91 11.28
C VAL A 87 -25.99 -2.65 11.10
N LEU A 88 -25.83 -3.78 11.72
CA LEU A 88 -24.58 -4.51 11.45
C LEU A 88 -24.82 -5.61 10.44
N ALA A 89 -23.86 -5.78 9.54
CA ALA A 89 -24.00 -6.77 8.52
C ALA A 89 -22.73 -7.57 8.40
N PRO A 90 -22.78 -8.77 7.87
CA PRO A 90 -21.51 -9.47 7.98
C PRO A 90 -20.42 -9.09 6.98
N THR A 91 -20.69 -8.30 5.95
CA THR A 91 -19.60 -7.94 5.02
C THR A 91 -19.92 -6.60 4.37
N ARG A 92 -18.88 -5.87 3.93
CA ARG A 92 -19.09 -4.58 3.29
C ARG A 92 -20.08 -4.69 2.17
N GLU A 93 -19.97 -5.73 1.35
CA GLU A 93 -20.93 -5.85 0.28
C GLU A 93 -22.37 -5.88 0.78
N LEU A 94 -22.67 -6.74 1.74
CA LEU A 94 -24.04 -6.77 2.22
C LEU A 94 -24.45 -5.43 2.78
N ALA A 95 -23.55 -4.78 3.50
CA ALA A 95 -23.79 -3.45 3.95
C ALA A 95 -24.18 -2.45 2.85
N GLN A 96 -23.49 -2.40 1.72
CA GLN A 96 -23.84 -1.45 0.64
C GLN A 96 -25.24 -1.74 0.09
N GLN A 97 -25.53 -3.02 -0.05
CA GLN A 97 -26.81 -3.40 -0.56
C GLN A 97 -27.90 -2.86 0.35
N ILE A 98 -27.84 -3.20 1.63
CA ILE A 98 -28.79 -2.64 2.58
C ILE A 98 -28.91 -1.13 2.41
N GLN A 99 -27.79 -0.45 2.26
CA GLN A 99 -27.86 0.99 2.15
C GLN A 99 -28.49 1.41 0.81
N LYS A 100 -28.04 0.80 -0.27
CA LYS A 100 -28.70 1.02 -1.55
C LYS A 100 -30.22 0.98 -1.45
N VAL A 101 -30.76 -0.04 -0.77
CA VAL A 101 -32.18 -0.28 -0.79
C VAL A 101 -32.85 0.74 0.09
N VAL A 102 -32.27 1.02 1.25
CA VAL A 102 -32.76 2.06 2.13
C VAL A 102 -32.83 3.42 1.42
N MET A 103 -31.77 3.79 0.73
CA MET A 103 -31.73 5.07 0.04
C MET A 103 -32.69 5.18 -1.13
N ALA A 104 -32.80 4.10 -1.91
CA ALA A 104 -33.84 4.03 -2.93
C ALA A 104 -35.19 4.48 -2.34
N LEU A 105 -35.45 4.09 -1.09
CA LEU A 105 -36.69 4.45 -0.43
C LEU A 105 -36.61 5.73 0.41
N GLY A 106 -35.41 6.23 0.64
CA GLY A 106 -35.21 7.19 1.73
C GLY A 106 -35.10 8.64 1.30
N ASP A 107 -34.76 8.86 0.04
CA ASP A 107 -34.66 10.22 -0.51
C ASP A 107 -36.00 10.96 -0.53
N TYR A 108 -37.07 10.20 -0.59
CA TYR A 108 -38.41 10.75 -0.45
C TYR A 108 -38.54 11.35 0.92
N MET A 109 -38.55 10.53 1.95
CA MET A 109 -38.60 11.08 3.29
C MET A 109 -37.55 12.20 3.55
N GLY A 110 -36.39 12.14 2.90
CA GLY A 110 -35.27 13.00 3.31
C GLY A 110 -34.37 12.30 4.31
N ALA A 111 -34.42 10.97 4.30
CA ALA A 111 -33.66 10.15 5.25
C ALA A 111 -32.29 9.81 4.69
N SER A 112 -31.28 9.80 5.55
CA SER A 112 -29.94 9.58 5.05
C SER A 112 -29.33 8.31 5.63
N CYS A 113 -28.52 7.65 4.83
CA CYS A 113 -28.02 6.39 5.25
C CYS A 113 -26.68 6.14 4.61
N HIS A 114 -25.67 5.87 5.43
CA HIS A 114 -24.36 5.58 4.91
C HIS A 114 -23.92 4.16 5.27
N ALA A 115 -23.32 3.46 4.31
CA ALA A 115 -22.67 2.19 4.55
C ALA A 115 -21.21 2.42 4.73
N CYS A 116 -20.64 2.16 5.89
CA CYS A 116 -19.19 2.23 6.06
C CYS A 116 -18.46 1.22 5.24
N ILE A 117 -17.59 1.74 4.37
CA ILE A 117 -16.92 0.94 3.37
C ILE A 117 -15.39 0.96 3.42
N GLY A 118 -14.84 1.95 4.11
CA GLY A 118 -13.37 2.11 4.13
C GLY A 118 -12.79 2.41 2.74
N GLY A 119 -11.54 2.07 2.53
CA GLY A 119 -10.99 2.08 1.17
C GLY A 119 -10.19 3.34 0.88
N THR A 120 -9.96 3.58 -0.39
CA THR A 120 -9.15 4.74 -0.76
C THR A 120 -9.78 6.03 -0.24
N ASN A 121 -11.12 6.09 -0.13
CA ASN A 121 -11.77 7.30 0.35
C ASN A 121 -12.20 7.39 1.85
N VAL A 122 -11.52 6.66 2.72
CA VAL A 122 -11.78 6.76 4.13
C VAL A 122 -11.93 8.17 4.58
N ARG A 123 -10.89 8.95 4.42
CA ARG A 123 -10.94 10.29 4.97
C ARG A 123 -12.23 11.04 4.63
N ALA A 124 -12.69 10.97 3.38
CA ALA A 124 -13.95 11.62 3.06
C ALA A 124 -15.15 10.98 3.77
N GLU A 125 -15.26 9.66 3.70
CA GLU A 125 -16.17 8.87 4.53
C GLU A 125 -16.28 9.40 5.94
N VAL A 126 -15.14 9.41 6.61
CA VAL A 126 -15.06 9.80 8.02
C VAL A 126 -15.41 11.27 8.22
N GLN A 127 -15.10 12.10 7.23
CA GLN A 127 -15.50 13.47 7.33
C GLN A 127 -17.01 13.59 7.25
N LYS A 128 -17.62 12.81 6.35
CA LYS A 128 -19.08 12.84 6.18
C LYS A 128 -19.78 12.38 7.45
N LEU A 129 -19.47 11.17 7.90
CA LEU A 129 -19.92 10.65 9.15
C LEU A 129 -20.00 11.72 10.24
N GLN A 130 -18.86 12.32 10.57
CA GLN A 130 -18.85 13.45 11.51
C GLN A 130 -19.76 14.59 11.04
N MET A 131 -19.48 15.16 9.87
CA MET A 131 -20.11 16.42 9.52
C MET A 131 -21.64 16.34 9.42
N GLU A 132 -22.14 15.17 9.00
CA GLU A 132 -23.57 15.00 8.74
C GLU A 132 -24.22 13.86 9.49
N ALA A 133 -23.53 13.28 10.45
CA ALA A 133 -24.11 12.25 11.34
C ALA A 133 -25.32 11.59 10.68
N PRO A 134 -25.09 10.63 9.80
CA PRO A 134 -26.27 10.24 9.04
C PRO A 134 -27.26 9.46 9.95
N HIS A 135 -28.51 9.41 9.53
CA HIS A 135 -29.57 8.88 10.33
C HIS A 135 -29.39 7.38 10.58
N ILE A 136 -29.00 6.67 9.51
CA ILE A 136 -28.83 5.23 9.52
C ILE A 136 -27.44 4.86 9.01
N ILE A 137 -26.65 4.18 9.86
CA ILE A 137 -25.30 3.73 9.51
C ILE A 137 -25.36 2.26 9.35
N VAL A 138 -24.80 1.72 8.28
CA VAL A 138 -24.71 0.27 8.19
C VAL A 138 -23.28 -0.13 7.82
N GLY A 139 -22.80 -1.22 8.39
CA GLY A 139 -21.45 -1.70 8.17
C GLY A 139 -21.19 -2.94 9.04
N THR A 140 -20.00 -3.51 8.84
CA THR A 140 -19.53 -4.66 9.58
C THR A 140 -19.26 -4.20 11.00
N PRO A 141 -19.39 -5.09 11.95
CA PRO A 141 -19.08 -4.78 13.37
C PRO A 141 -17.68 -4.20 13.62
N GLY A 142 -16.68 -4.70 12.87
CA GLY A 142 -15.32 -4.25 13.04
C GLY A 142 -15.20 -2.79 12.71
N ARG A 143 -15.65 -2.41 11.50
CA ARG A 143 -15.57 -1.02 11.08
C ARG A 143 -16.44 -0.12 11.96
N VAL A 144 -17.66 -0.56 12.22
CA VAL A 144 -18.56 0.26 13.02
C VAL A 144 -17.92 0.45 14.38
N PHE A 145 -17.45 -0.63 15.00
CA PHE A 145 -16.81 -0.47 16.29
C PHE A 145 -15.67 0.53 16.23
N ASP A 146 -14.84 0.41 15.19
CA ASP A 146 -13.76 1.33 15.02
C ASP A 146 -14.19 2.77 14.92
N MET A 147 -15.27 3.03 14.18
CA MET A 147 -15.80 4.40 14.05
C MET A 147 -16.36 4.93 15.33
N LEU A 148 -16.94 4.03 16.14
CA LEU A 148 -17.55 4.47 17.35
C LEU A 148 -16.43 4.84 18.26
N ASN A 149 -15.49 3.91 18.35
CA ASN A 149 -14.42 3.95 19.30
C ASN A 149 -13.39 4.97 19.08
N ARG A 150 -13.46 5.74 17.99
CA ARG A 150 -12.63 6.91 17.89
C ARG A 150 -13.47 8.12 17.48
N ARG A 151 -14.74 8.09 17.91
CA ARG A 151 -15.58 9.28 18.03
C ARG A 151 -16.11 9.89 16.74
N TYR A 152 -16.03 9.18 15.62
CA TYR A 152 -16.55 9.67 14.34
C TYR A 152 -18.05 9.60 14.24
N LEU A 153 -18.65 9.00 15.25
CA LEU A 153 -19.98 8.52 15.17
C LEU A 153 -20.38 8.30 16.60
N SER A 154 -21.55 8.82 16.98
CA SER A 154 -21.95 8.82 18.38
C SER A 154 -23.07 7.84 18.75
N PRO A 155 -22.95 7.24 19.93
CA PRO A 155 -24.03 6.38 20.43
C PRO A 155 -25.21 7.16 20.95
N LYS A 156 -25.05 8.46 21.17
CA LYS A 156 -26.03 9.23 21.93
C LYS A 156 -27.51 8.98 21.53
N TYR A 157 -27.83 9.10 20.24
CA TYR A 157 -29.20 9.02 19.74
C TYR A 157 -29.53 7.71 19.03
N ILE A 158 -28.73 6.67 19.24
CA ILE A 158 -29.04 5.39 18.64
C ILE A 158 -30.13 4.68 19.42
N LYS A 159 -31.36 4.79 18.93
CA LYS A 159 -32.49 4.19 19.60
C LYS A 159 -32.74 2.80 19.06
N MET A 160 -32.09 2.45 17.96
CA MET A 160 -32.29 1.13 17.38
C MET A 160 -31.01 0.44 16.83
N PHE A 161 -30.83 -0.83 17.18
CA PHE A 161 -29.64 -1.56 16.86
C PHE A 161 -29.97 -2.94 16.24
N VAL A 162 -29.57 -3.18 15.00
CA VAL A 162 -30.01 -4.36 14.26
C VAL A 162 -28.82 -5.17 13.89
N LEU A 163 -28.88 -6.45 14.12
CA LEU A 163 -27.79 -7.31 13.81
C LEU A 163 -28.30 -8.15 12.72
N ASP A 164 -28.09 -7.70 11.49
CA ASP A 164 -28.52 -8.51 10.38
C ASP A 164 -27.67 -9.78 10.17
N GLU A 165 -28.31 -10.94 10.02
CA GLU A 165 -27.59 -12.20 9.76
C GLU A 165 -26.56 -12.50 10.81
N ALA A 166 -27.05 -12.66 12.01
CA ALA A 166 -26.19 -12.71 13.11
C ALA A 166 -25.39 -13.97 13.00
N ASP A 167 -25.89 -14.99 12.33
CA ASP A 167 -25.15 -16.23 12.33
C ASP A 167 -23.87 -16.12 11.51
N GLU A 168 -24.01 -15.56 10.31
CA GLU A 168 -22.83 -15.18 9.52
C GLU A 168 -21.84 -14.29 10.28
N MET A 169 -22.33 -13.27 10.97
CA MET A 169 -21.40 -12.39 11.69
C MET A 169 -20.65 -13.16 12.77
N LEU A 170 -21.31 -14.02 13.52
CA LEU A 170 -20.55 -14.75 14.53
C LEU A 170 -19.48 -15.66 13.88
N SER A 171 -19.85 -16.38 12.82
CA SER A 171 -18.96 -17.24 12.03
C SER A 171 -17.72 -16.65 11.49
N ARG A 172 -17.76 -15.37 11.13
CA ARG A 172 -16.56 -14.71 10.63
C ARG A 172 -15.77 -14.08 11.74
N GLY A 173 -16.17 -14.23 12.98
CA GLY A 173 -15.36 -13.77 14.09
C GLY A 173 -15.79 -12.49 14.73
N PHE A 174 -17.00 -12.00 14.45
CA PHE A 174 -17.27 -10.44 14.69
C PHE A 174 -17.77 -10.24 16.06
N LYS A 175 -17.56 -11.30 16.84
CA LYS A 175 -18.22 -11.29 18.11
C LYS A 175 -17.83 -10.40 19.28
N ASP A 176 -16.52 -10.52 19.68
CA ASP A 176 -15.91 -9.50 20.49
C ASP A 176 -16.36 -8.15 19.95
N GLN A 177 -16.37 -7.95 18.63
CA GLN A 177 -16.73 -6.58 18.22
C GLN A 177 -18.20 -6.16 18.41
N ILE A 178 -19.08 -7.15 18.27
CA ILE A 178 -20.51 -6.89 18.56
C ILE A 178 -20.74 -6.55 20.03
N TYR A 179 -20.14 -7.36 20.91
CA TYR A 179 -20.12 -7.07 22.35
C TYR A 179 -19.65 -5.67 22.64
N ASP A 180 -18.50 -5.28 22.05
CA ASP A 180 -17.88 -3.99 22.30
C ASP A 180 -18.76 -2.85 21.84
N ILE A 181 -19.42 -3.01 20.70
CA ILE A 181 -20.38 -2.00 20.28
C ILE A 181 -21.58 -1.94 21.21
N PHE A 182 -22.04 -3.10 21.67
CA PHE A 182 -23.26 -3.13 22.49
C PHE A 182 -23.06 -2.33 23.76
N GLN A 183 -21.92 -2.60 24.38
CA GLN A 183 -21.50 -1.92 25.56
C GLN A 183 -21.56 -0.38 25.44
N LYS A 184 -21.41 0.15 24.26
CA LYS A 184 -21.42 1.59 24.14
C LYS A 184 -22.85 2.17 24.05
N LEU A 185 -23.84 1.30 23.85
CA LEU A 185 -25.20 1.78 23.60
C LEU A 185 -26.02 1.97 24.90
N ASN A 186 -26.82 3.05 24.91
CA ASN A 186 -27.94 3.27 25.86
C ASN A 186 -28.76 2.03 26.22
N SER A 187 -29.06 1.87 27.51
CA SER A 187 -29.89 0.73 27.95
C SER A 187 -31.29 0.69 27.33
N ASN A 188 -31.74 1.78 26.72
CA ASN A 188 -33.06 1.72 26.22
C ASN A 188 -33.10 1.41 24.74
N THR A 189 -31.94 1.37 24.14
CA THR A 189 -31.85 0.99 22.72
C THR A 189 -32.71 -0.25 22.41
N GLN A 190 -33.52 -0.17 21.36
CA GLN A 190 -34.11 -1.40 20.80
C GLN A 190 -33.05 -2.30 20.14
N VAL A 191 -32.94 -3.54 20.59
CA VAL A 191 -32.10 -4.52 19.91
C VAL A 191 -32.91 -5.46 19.01
N VAL A 192 -32.49 -5.63 17.75
CA VAL A 192 -33.19 -6.54 16.84
C VAL A 192 -32.19 -7.51 16.23
N LEU A 193 -32.49 -8.80 16.22
CA LEU A 193 -31.53 -9.70 15.74
C LEU A 193 -32.22 -10.61 14.73
N LEU A 194 -31.68 -10.67 13.53
CA LEU A 194 -32.27 -11.38 12.43
C LEU A 194 -31.28 -12.46 12.11
N SER A 195 -31.69 -13.71 12.04
CA SER A 195 -30.76 -14.73 11.61
C SER A 195 -31.46 -15.96 11.01
N ALA A 196 -30.81 -16.65 10.09
CA ALA A 196 -31.44 -17.77 9.37
C ALA A 196 -31.37 -18.97 10.27
N THR A 197 -30.21 -19.20 10.85
CA THR A 197 -30.07 -20.30 11.77
C THR A 197 -29.84 -19.75 13.14
N MET A 198 -30.01 -20.57 14.14
CA MET A 198 -30.13 -20.03 15.45
C MET A 198 -29.35 -21.01 16.35
N PRO A 199 -28.03 -21.09 16.13
CA PRO A 199 -27.12 -21.88 16.92
C PRO A 199 -26.95 -21.24 18.28
N SER A 200 -26.20 -21.86 19.18
CA SER A 200 -26.30 -21.44 20.57
C SER A 200 -25.50 -20.19 20.86
N ASP A 201 -24.56 -19.87 19.97
CA ASP A 201 -23.76 -18.67 20.15
C ASP A 201 -24.63 -17.50 19.79
N VAL A 202 -25.51 -17.71 18.81
CA VAL A 202 -26.52 -16.70 18.51
C VAL A 202 -27.56 -16.59 19.63
N LEU A 203 -27.89 -17.69 20.30
CA LEU A 203 -28.83 -17.53 21.40
C LEU A 203 -28.18 -16.82 22.59
N GLU A 204 -26.90 -17.07 22.81
CA GLU A 204 -26.15 -16.35 23.83
C GLU A 204 -26.21 -14.83 23.63
N VAL A 205 -26.09 -14.33 22.41
CA VAL A 205 -26.20 -12.87 22.20
C VAL A 205 -27.59 -12.33 22.66
N THR A 206 -28.62 -12.95 22.09
CA THR A 206 -30.01 -12.92 22.60
C THR A 206 -30.16 -12.87 24.12
N LYS A 207 -29.72 -13.92 24.81
CA LYS A 207 -29.87 -13.99 26.25
C LYS A 207 -29.12 -12.82 26.82
N LYS A 208 -27.88 -12.65 26.44
CA LYS A 208 -27.12 -11.53 26.99
C LYS A 208 -27.59 -10.07 26.74
N PHE A 209 -28.22 -9.75 25.60
CA PHE A 209 -28.39 -8.35 25.17
C PHE A 209 -29.81 -7.87 25.32
N MET A 210 -30.72 -8.83 25.35
CA MET A 210 -32.07 -8.50 25.08
C MET A 210 -33.00 -8.65 26.26
N ARG A 211 -33.97 -7.76 26.34
CA ARG A 211 -34.95 -7.86 27.40
C ARG A 211 -36.27 -8.23 26.82
N ASP A 212 -36.77 -9.40 27.23
CA ASP A 212 -38.18 -9.78 26.98
C ASP A 212 -38.50 -9.78 25.50
N PRO A 213 -37.61 -10.34 24.68
CA PRO A 213 -37.78 -10.02 23.29
C PRO A 213 -39.05 -10.66 22.70
N ILE A 214 -39.57 -10.08 21.63
CA ILE A 214 -40.54 -10.74 20.80
C ILE A 214 -39.82 -11.66 19.79
N ARG A 215 -40.08 -12.96 19.80
CA ARG A 215 -39.65 -13.80 18.69
C ARG A 215 -40.60 -13.81 17.53
N ILE A 216 -40.05 -13.68 16.32
CA ILE A 216 -40.81 -13.69 15.09
C ILE A 216 -40.22 -14.74 14.14
N LEU A 217 -41.03 -15.66 13.63
CA LEU A 217 -40.60 -16.56 12.55
C LEU A 217 -41.07 -15.98 11.27
N VAL A 218 -40.16 -15.79 10.33
CA VAL A 218 -40.57 -15.43 8.99
C VAL A 218 -40.24 -16.57 8.05
N LYS A 219 -41.26 -17.24 7.54
CA LYS A 219 -41.02 -18.28 6.54
C LYS A 219 -41.06 -17.75 5.10
N LYS A 220 -40.17 -18.27 4.26
CA LYS A 220 -40.30 -18.13 2.82
C LYS A 220 -40.21 -19.51 2.20
N GLU A 221 -40.78 -19.62 1.01
CA GLU A 221 -40.56 -20.78 0.15
C GLU A 221 -39.08 -21.11 -0.04
N GLU A 222 -38.72 -22.37 0.22
CA GLU A 222 -37.53 -22.95 -0.39
C GLU A 222 -37.71 -22.92 -1.88
N LEU A 223 -36.70 -22.47 -2.61
CA LEU A 223 -36.55 -22.86 -4.00
C LEU A 223 -36.81 -24.35 -4.10
N THR A 224 -37.41 -24.80 -5.19
CA THR A 224 -37.48 -26.21 -5.47
C THR A 224 -37.49 -26.49 -6.96
N LEU A 225 -37.11 -27.72 -7.31
CA LEU A 225 -37.21 -28.20 -8.68
C LEU A 225 -38.60 -28.74 -9.02
N GLU A 226 -39.32 -29.22 -8.01
CA GLU A 226 -40.67 -29.72 -8.24
C GLU A 226 -41.56 -28.65 -8.88
N GLY A 227 -42.22 -29.01 -9.98
CA GLY A 227 -43.01 -28.06 -10.75
C GLY A 227 -42.20 -27.35 -11.82
N ILE A 228 -41.08 -27.95 -12.20
CA ILE A 228 -40.31 -27.53 -13.36
C ILE A 228 -39.98 -28.79 -14.13
N ARG A 229 -40.21 -28.77 -15.44
CA ARG A 229 -39.80 -29.86 -16.30
C ARG A 229 -38.42 -29.57 -16.83
N GLN A 230 -37.55 -30.56 -16.70
CA GLN A 230 -36.15 -30.42 -17.02
C GLN A 230 -35.78 -31.40 -18.10
N PHE A 231 -35.28 -30.87 -19.22
CA PHE A 231 -34.92 -31.68 -20.36
C PHE A 231 -33.51 -31.36 -20.76
N TYR A 232 -32.85 -32.31 -21.43
CA TYR A 232 -31.54 -32.03 -21.98
C TYR A 232 -31.43 -32.17 -23.50
N ILE A 233 -30.35 -31.67 -24.05
CA ILE A 233 -30.07 -31.77 -25.48
C ILE A 233 -28.61 -32.11 -25.64
N ASN A 234 -28.32 -33.29 -26.17
CA ASN A 234 -26.95 -33.80 -26.18
C ASN A 234 -26.15 -33.33 -27.38
N VAL A 235 -26.31 -32.07 -27.78
CA VAL A 235 -25.40 -31.45 -28.75
C VAL A 235 -24.00 -32.06 -28.59
N GLU A 236 -23.15 -31.96 -29.60
CA GLU A 236 -21.85 -32.63 -29.56
C GLU A 236 -20.81 -31.75 -28.89
N ARG A 237 -20.80 -30.48 -29.26
CA ARG A 237 -19.73 -29.58 -28.86
C ARG A 237 -20.16 -28.12 -29.09
N GLU A 238 -19.40 -27.20 -28.49
CA GLU A 238 -19.80 -25.80 -28.43
C GLU A 238 -20.28 -25.26 -29.77
N GLU A 239 -19.47 -25.50 -30.81
CA GLU A 239 -19.75 -25.00 -32.15
C GLU A 239 -21.21 -25.22 -32.48
N TRP A 240 -21.71 -26.40 -32.08
CA TRP A 240 -23.07 -26.83 -32.42
C TRP A 240 -24.15 -26.07 -31.66
N LYS A 241 -23.77 -25.48 -30.52
CA LYS A 241 -24.72 -24.84 -29.63
C LYS A 241 -25.59 -23.79 -30.33
N LEU A 242 -24.94 -22.78 -30.90
CA LEU A 242 -25.63 -21.62 -31.50
C LEU A 242 -26.84 -21.97 -32.38
N ASP A 243 -26.70 -23.01 -33.21
CA ASP A 243 -27.78 -23.40 -34.11
C ASP A 243 -28.93 -24.01 -33.32
N THR A 244 -28.60 -25.03 -32.54
CA THR A 244 -29.58 -25.77 -31.75
C THR A 244 -30.46 -24.82 -30.93
N LEU A 245 -29.98 -23.60 -30.71
CA LEU A 245 -30.73 -22.61 -29.92
C LEU A 245 -31.83 -21.97 -30.75
N CYS A 246 -31.53 -21.65 -31.99
CA CYS A 246 -32.46 -20.90 -32.84
C CYS A 246 -33.59 -21.79 -33.33
N ASP A 247 -33.26 -23.05 -33.64
CA ASP A 247 -34.26 -24.07 -33.92
C ASP A 247 -35.29 -24.07 -32.80
N LEU A 248 -34.79 -24.03 -31.57
CA LEU A 248 -35.62 -24.09 -30.38
C LEU A 248 -36.58 -22.91 -30.30
N TYR A 249 -36.08 -21.76 -30.73
CA TYR A 249 -36.86 -20.53 -30.77
C TYR A 249 -37.99 -20.72 -31.77
N GLU A 250 -37.69 -21.34 -32.90
CA GLU A 250 -38.72 -21.72 -33.88
C GLU A 250 -39.64 -22.72 -33.23
N THR A 251 -39.21 -23.97 -33.16
CA THR A 251 -40.02 -25.05 -32.63
C THR A 251 -40.97 -24.54 -31.56
N LEU A 252 -40.42 -24.11 -30.43
CA LEU A 252 -41.22 -23.82 -29.26
C LEU A 252 -41.85 -22.44 -29.33
N THR A 253 -41.64 -21.78 -30.47
CA THR A 253 -42.37 -20.56 -30.80
C THR A 253 -42.37 -19.61 -29.61
N ILE A 254 -41.19 -19.44 -29.03
CA ILE A 254 -41.06 -18.83 -27.72
C ILE A 254 -41.28 -17.33 -27.77
N THR A 255 -42.13 -16.86 -26.87
CA THR A 255 -42.37 -15.43 -26.71
C THR A 255 -41.39 -14.84 -25.71
N GLN A 256 -41.15 -15.57 -24.62
CA GLN A 256 -40.42 -15.04 -23.44
C GLN A 256 -39.64 -16.12 -22.70
N ALA A 257 -38.31 -15.99 -22.66
CA ALA A 257 -37.42 -17.00 -22.08
C ALA A 257 -36.08 -16.42 -21.59
N VAL A 258 -35.53 -17.01 -20.53
CA VAL A 258 -34.25 -16.58 -19.97
C VAL A 258 -33.15 -17.55 -20.37
N ILE A 259 -32.05 -17.04 -20.91
CA ILE A 259 -30.98 -17.90 -21.37
C ILE A 259 -29.72 -17.68 -20.55
N PHE A 260 -29.15 -18.77 -20.04
CA PHE A 260 -28.03 -18.68 -19.13
C PHE A 260 -26.71 -19.04 -19.75
N ILE A 261 -25.75 -18.11 -19.66
CA ILE A 261 -24.38 -18.39 -20.05
C ILE A 261 -23.38 -18.09 -18.94
N ASN A 262 -22.29 -18.83 -18.93
CA ASN A 262 -21.27 -18.71 -17.89
C ASN A 262 -20.33 -17.49 -17.94
N THR A 263 -20.35 -16.70 -19.02
CA THR A 263 -19.58 -15.45 -19.01
C THR A 263 -20.23 -14.35 -19.80
N ARG A 264 -19.80 -13.14 -19.53
CA ARG A 264 -20.44 -11.98 -20.12
C ARG A 264 -19.84 -11.61 -21.47
N ARG A 265 -18.57 -11.97 -21.69
CA ARG A 265 -18.03 -11.93 -23.04
C ARG A 265 -18.87 -12.86 -23.92
N LYS A 266 -19.23 -14.02 -23.39
CA LYS A 266 -20.05 -14.95 -24.14
C LYS A 266 -21.48 -14.49 -24.19
N VAL A 267 -21.86 -13.63 -23.26
CA VAL A 267 -23.24 -13.23 -23.18
C VAL A 267 -23.44 -12.23 -24.28
N ASP A 268 -22.33 -11.71 -24.78
CA ASP A 268 -22.34 -10.61 -25.75
C ASP A 268 -22.14 -11.12 -27.17
N TRP A 269 -21.09 -11.89 -27.38
CA TRP A 269 -21.01 -12.70 -28.55
C TRP A 269 -22.43 -13.18 -28.92
N LEU A 270 -23.08 -13.89 -28.01
CA LEU A 270 -24.32 -14.57 -28.34
C LEU A 270 -25.49 -13.66 -28.66
N THR A 271 -25.45 -12.43 -28.17
CA THR A 271 -26.52 -11.48 -28.46
C THR A 271 -26.28 -10.83 -29.82
N GLU A 272 -25.07 -11.00 -30.33
CA GLU A 272 -24.71 -10.52 -31.65
C GLU A 272 -25.08 -11.53 -32.72
N LYS A 273 -24.50 -12.72 -32.63
CA LYS A 273 -24.99 -13.88 -33.36
C LYS A 273 -26.51 -13.98 -33.29
N MET A 274 -27.19 -12.89 -33.00
CA MET A 274 -28.61 -12.96 -32.68
C MET A 274 -29.35 -11.77 -33.19
N HIS A 275 -28.60 -10.78 -33.66
CA HIS A 275 -29.14 -9.79 -34.57
C HIS A 275 -28.59 -10.07 -35.96
N ALA A 276 -27.71 -11.08 -36.01
CA ALA A 276 -27.23 -11.65 -37.26
C ALA A 276 -28.04 -12.91 -37.64
N ARG A 277 -29.11 -13.15 -36.89
CA ARG A 277 -30.11 -14.15 -37.25
C ARG A 277 -31.45 -13.52 -36.97
N ASP A 278 -31.40 -12.25 -36.59
CA ASP A 278 -32.54 -11.49 -36.12
C ASP A 278 -33.50 -12.26 -35.21
N PHE A 279 -33.37 -12.04 -33.91
CA PHE A 279 -34.37 -12.45 -32.93
C PHE A 279 -34.60 -11.31 -31.93
N THR A 280 -35.84 -11.15 -31.49
CA THR A 280 -36.13 -10.10 -30.51
C THR A 280 -35.49 -10.48 -29.16
N VAL A 281 -34.20 -10.21 -29.06
CA VAL A 281 -33.39 -10.66 -27.93
C VAL A 281 -32.61 -9.52 -27.27
N SER A 282 -32.53 -9.56 -25.95
CA SER A 282 -31.88 -8.51 -25.18
C SER A 282 -30.95 -9.11 -24.13
N ALA A 283 -29.66 -8.80 -24.24
CA ALA A 283 -28.70 -9.27 -23.25
C ALA A 283 -28.68 -8.38 -22.02
N MET A 284 -28.44 -9.01 -20.87
CA MET A 284 -28.35 -8.33 -19.60
C MET A 284 -26.95 -7.77 -19.40
N HIS A 285 -26.87 -6.52 -18.95
CA HIS A 285 -25.59 -5.95 -18.50
C HIS A 285 -25.75 -4.98 -17.33
N ARG A 293 -28.62 0.52 -15.09
CA ARG A 293 -29.57 1.55 -14.69
C ARG A 293 -30.85 0.88 -14.19
N ASP A 294 -31.21 1.17 -12.94
CA ASP A 294 -32.31 0.47 -12.28
C ASP A 294 -33.67 0.63 -12.97
N VAL A 295 -33.87 1.77 -13.63
CA VAL A 295 -35.14 2.08 -14.29
C VAL A 295 -35.27 1.39 -15.66
N ILE A 296 -34.25 1.55 -16.51
CA ILE A 296 -34.26 0.92 -17.84
C ILE A 296 -34.20 -0.61 -17.79
N MET A 297 -33.80 -1.14 -16.63
CA MET A 297 -33.72 -2.60 -16.41
C MET A 297 -35.04 -3.17 -15.86
N ARG A 298 -35.68 -2.44 -14.97
CA ARG A 298 -37.00 -2.80 -14.43
C ARG A 298 -38.08 -2.78 -15.52
N GLU A 299 -37.90 -1.88 -16.49
CA GLU A 299 -38.73 -1.80 -17.69
C GLU A 299 -38.57 -3.03 -18.57
N PHE A 300 -37.36 -3.57 -18.59
CA PHE A 300 -37.07 -4.75 -19.35
C PHE A 300 -37.45 -6.03 -18.61
N ARG A 301 -37.72 -5.90 -17.30
CA ARG A 301 -38.19 -7.04 -16.51
C ARG A 301 -39.45 -7.66 -17.13
N SER A 302 -40.21 -6.85 -17.87
CA SER A 302 -41.30 -7.35 -18.71
C SER A 302 -41.53 -6.40 -19.87
N GLY A 303 -40.56 -6.31 -20.78
CA GLY A 303 -40.70 -5.48 -21.98
C GLY A 303 -42.09 -5.59 -22.60
N SER A 304 -42.38 -6.78 -23.12
CA SER A 304 -43.76 -7.24 -23.36
C SER A 304 -43.68 -8.73 -23.71
N SER A 305 -43.32 -9.52 -22.69
CA SER A 305 -42.86 -10.91 -22.89
C SER A 305 -41.67 -10.99 -23.88
N ARG A 306 -40.47 -10.73 -23.38
CA ARG A 306 -39.24 -10.63 -24.20
C ARG A 306 -38.32 -11.83 -24.04
N VAL A 307 -37.09 -11.70 -24.53
CA VAL A 307 -36.08 -12.76 -24.41
C VAL A 307 -34.77 -12.20 -23.86
N LEU A 308 -34.21 -12.88 -22.86
CA LEU A 308 -33.13 -12.30 -22.05
C LEU A 308 -31.94 -13.23 -21.86
N ILE A 309 -30.75 -12.67 -22.08
CA ILE A 309 -29.53 -13.44 -21.93
C ILE A 309 -28.70 -12.92 -20.75
N THR A 310 -28.32 -13.82 -19.84
CA THR A 310 -27.57 -13.45 -18.60
C THR A 310 -26.54 -14.47 -18.12
N THR A 311 -25.67 -13.99 -17.21
CA THR A 311 -24.90 -14.83 -16.29
C THR A 311 -25.64 -14.95 -14.96
N ASP A 312 -25.22 -15.91 -14.15
CA ASP A 312 -25.74 -16.06 -12.81
C ASP A 312 -25.59 -14.77 -12.03
N LEU A 313 -24.39 -14.22 -12.03
CA LEU A 313 -24.14 -13.03 -11.26
C LEU A 313 -25.02 -11.86 -11.67
N LEU A 314 -25.31 -11.70 -12.95
CA LEU A 314 -26.13 -10.57 -13.36
C LEU A 314 -27.64 -10.80 -13.23
N ALA A 315 -28.06 -12.07 -13.22
CA ALA A 315 -29.47 -12.43 -13.04
C ALA A 315 -29.82 -12.39 -11.56
N ARG A 316 -28.80 -12.18 -10.74
CA ARG A 316 -29.00 -11.89 -9.33
C ARG A 316 -29.81 -10.62 -9.26
N GLY A 317 -29.65 -9.75 -10.26
CA GLY A 317 -30.40 -8.50 -10.30
C GLY A 317 -31.76 -8.62 -10.99
N ILE A 318 -32.27 -9.85 -11.14
CA ILE A 318 -33.56 -10.03 -11.82
C ILE A 318 -34.44 -11.15 -11.27
N ASP A 319 -35.72 -10.85 -11.09
CA ASP A 319 -36.65 -11.84 -10.60
C ASP A 319 -36.94 -12.91 -11.64
N VAL A 320 -36.24 -14.02 -11.52
CA VAL A 320 -36.07 -14.98 -12.61
C VAL A 320 -37.16 -16.05 -12.64
N GLN A 321 -38.03 -16.03 -11.64
CA GLN A 321 -39.02 -17.08 -11.49
C GLN A 321 -40.44 -16.64 -11.89
N GLN A 322 -40.52 -15.54 -12.62
CA GLN A 322 -41.77 -15.09 -13.21
C GLN A 322 -41.89 -15.63 -14.62
N VAL A 323 -40.83 -16.29 -15.08
CA VAL A 323 -40.68 -16.69 -16.49
C VAL A 323 -40.83 -18.20 -16.60
N SER A 324 -41.65 -18.66 -17.55
CA SER A 324 -41.98 -20.09 -17.62
C SER A 324 -40.86 -20.92 -18.19
N LEU A 325 -40.05 -20.32 -19.05
CA LEU A 325 -39.02 -21.07 -19.73
C LEU A 325 -37.59 -20.58 -19.45
N VAL A 326 -36.76 -21.44 -18.89
CA VAL A 326 -35.37 -21.10 -18.71
C VAL A 326 -34.52 -22.06 -19.52
N ILE A 327 -33.59 -21.53 -20.27
CA ILE A 327 -32.69 -22.38 -20.99
C ILE A 327 -31.21 -22.12 -20.67
N ASN A 328 -30.53 -23.20 -20.33
CA ASN A 328 -29.17 -23.16 -19.92
C ASN A 328 -28.25 -23.45 -21.06
N TYR A 329 -27.93 -22.40 -21.80
CA TYR A 329 -26.95 -22.46 -22.88
C TYR A 329 -25.62 -23.08 -22.39
N ASP A 330 -25.05 -22.55 -21.32
CA ASP A 330 -23.96 -23.24 -20.64
C ASP A 330 -24.57 -23.87 -19.43
N LEU A 331 -24.01 -24.94 -18.93
CA LEU A 331 -24.49 -25.39 -17.63
C LEU A 331 -23.49 -25.05 -16.52
N PRO A 332 -24.01 -24.59 -15.37
CA PRO A 332 -23.18 -23.96 -14.39
C PRO A 332 -22.13 -24.94 -13.91
N THR A 333 -20.96 -24.44 -13.59
CA THR A 333 -19.87 -25.32 -13.23
C THR A 333 -19.92 -25.53 -11.74
N ASN A 334 -20.54 -24.56 -11.05
CA ASN A 334 -21.03 -24.69 -9.68
C ASN A 334 -22.44 -25.23 -9.61
N ARG A 335 -22.55 -26.41 -9.03
CA ARG A 335 -23.81 -27.08 -8.97
C ARG A 335 -24.88 -26.34 -8.20
N GLU A 336 -24.51 -25.49 -7.25
CA GLU A 336 -25.52 -24.79 -6.46
C GLU A 336 -26.14 -23.68 -7.30
N ASN A 337 -25.48 -23.36 -8.39
CA ASN A 337 -26.01 -22.34 -9.22
C ASN A 337 -27.16 -22.85 -10.05
N TYR A 338 -27.28 -24.17 -10.13
CA TYR A 338 -28.30 -24.78 -10.95
C TYR A 338 -29.72 -24.37 -10.52
N ILE A 339 -30.04 -24.54 -9.23
CA ILE A 339 -31.35 -24.20 -8.70
C ILE A 339 -31.60 -22.70 -8.49
N HIS A 340 -30.55 -21.88 -8.48
CA HIS A 340 -30.81 -20.43 -8.50
C HIS A 340 -31.21 -20.00 -9.91
N ARG A 341 -30.88 -20.82 -10.90
CA ARG A 341 -31.27 -20.55 -12.26
C ARG A 341 -32.70 -21.00 -12.54
N ILE A 342 -33.04 -22.23 -12.20
CA ILE A 342 -34.34 -22.74 -12.61
C ILE A 342 -35.33 -22.98 -11.49
N GLY A 343 -34.85 -23.01 -10.25
CA GLY A 343 -35.72 -23.28 -9.10
C GLY A 343 -36.92 -22.36 -9.01
N ARG A 344 -38.00 -22.86 -8.41
CA ARG A 344 -39.24 -22.09 -8.27
C ARG A 344 -39.63 -21.96 -6.80
N GLY A 345 -40.39 -20.92 -6.47
CA GLY A 345 -41.13 -20.85 -5.20
C GLY A 345 -42.16 -21.97 -5.04
N GLY A 346 -42.11 -22.64 -3.88
CA GLY A 346 -43.00 -23.78 -3.57
C GLY A 346 -44.50 -23.61 -3.86
N ARG A 347 -45.01 -22.39 -3.78
CA ARG A 347 -46.31 -22.06 -4.38
C ARG A 347 -46.34 -20.64 -4.95
N PHE A 348 -45.51 -19.76 -4.39
CA PHE A 348 -45.28 -18.40 -4.93
C PHE A 348 -45.18 -18.41 -6.46
N GLY A 349 -44.41 -19.36 -7.00
CA GLY A 349 -44.20 -19.49 -8.44
C GLY A 349 -45.15 -20.44 -9.11
N LYS A 351 -44.97 -25.28 -13.15
CA LYS A 351 -44.86 -23.82 -13.17
C LYS A 351 -43.87 -23.31 -14.21
N GLY A 352 -42.98 -24.17 -14.70
CA GLY A 352 -42.02 -23.77 -15.75
C GLY A 352 -41.33 -24.89 -16.50
N VAL A 353 -40.47 -24.53 -17.44
CA VAL A 353 -39.70 -25.50 -18.21
C VAL A 353 -38.25 -25.06 -18.34
N ALA A 354 -37.34 -26.02 -18.16
CA ALA A 354 -35.93 -25.71 -18.24
C ALA A 354 -35.20 -26.61 -19.22
N ILE A 355 -34.31 -26.03 -19.99
CA ILE A 355 -33.65 -26.81 -21.01
C ILE A 355 -32.14 -26.74 -20.90
N ASN A 356 -31.49 -27.90 -20.77
CA ASN A 356 -30.05 -27.94 -20.70
C ASN A 356 -29.39 -28.50 -21.97
N MET A 357 -28.33 -27.86 -22.43
CA MET A 357 -27.59 -28.28 -23.62
C MET A 357 -26.20 -28.75 -23.25
N VAL A 358 -25.92 -30.03 -23.50
CA VAL A 358 -24.68 -30.64 -23.03
C VAL A 358 -23.68 -30.97 -24.16
N THR A 359 -22.64 -31.70 -23.79
CA THR A 359 -21.54 -32.07 -24.65
C THR A 359 -21.00 -33.41 -24.13
N GLU A 360 -19.95 -33.94 -24.73
CA GLU A 360 -19.25 -35.10 -24.14
C GLU A 360 -18.54 -34.66 -22.85
N GLU A 361 -17.98 -33.45 -22.90
CA GLU A 361 -17.45 -32.79 -21.72
C GLU A 361 -18.51 -32.82 -20.64
N ASP A 362 -19.67 -32.22 -20.94
CA ASP A 362 -20.62 -31.79 -19.93
C ASP A 362 -21.68 -32.82 -19.50
N LYS A 363 -21.82 -33.87 -20.30
CA LYS A 363 -22.65 -34.99 -19.91
C LYS A 363 -22.40 -35.37 -18.43
N ARG A 364 -21.13 -35.59 -18.10
CA ARG A 364 -20.73 -35.99 -16.74
C ARG A 364 -21.25 -35.02 -15.66
N THR A 365 -21.21 -33.73 -15.98
CA THR A 365 -21.75 -32.72 -15.07
C THR A 365 -23.26 -32.81 -14.90
N LEU A 366 -24.00 -32.78 -16.01
CA LEU A 366 -25.46 -32.84 -15.91
C LEU A 366 -25.97 -34.02 -15.08
N ARG A 367 -25.26 -35.14 -15.13
CA ARG A 367 -25.63 -36.26 -14.28
C ARG A 367 -25.30 -35.96 -12.82
N ASP A 368 -24.19 -35.24 -12.61
CA ASP A 368 -23.79 -34.88 -11.26
C ASP A 368 -24.84 -33.91 -10.70
N ILE A 369 -25.26 -32.93 -11.49
CA ILE A 369 -26.34 -32.04 -11.08
C ILE A 369 -27.63 -32.80 -10.79
N GLU A 370 -27.87 -33.85 -11.55
CA GLU A 370 -29.04 -34.67 -11.32
C GLU A 370 -28.96 -35.45 -10.01
N THR A 371 -27.77 -35.99 -9.72
CA THR A 371 -27.52 -36.69 -8.45
C THR A 371 -27.56 -35.74 -7.25
N PHE A 372 -26.97 -34.56 -7.45
CA PHE A 372 -26.90 -33.53 -6.44
C PHE A 372 -28.29 -33.23 -5.87
N TYR A 373 -29.25 -32.96 -6.76
CA TYR A 373 -30.57 -32.43 -6.36
C TYR A 373 -31.60 -33.51 -6.12
N ASN A 374 -31.21 -34.75 -6.34
CA ASN A 374 -32.11 -35.91 -6.38
C ASN A 374 -33.35 -35.74 -7.26
N THR A 375 -33.11 -35.62 -8.55
CA THR A 375 -34.10 -35.10 -9.45
C THR A 375 -33.98 -35.88 -10.75
N SER A 376 -34.89 -35.65 -11.68
CA SER A 376 -34.75 -36.21 -13.02
C SER A 376 -34.68 -35.13 -14.08
N ILE A 377 -33.75 -35.30 -15.01
CA ILE A 377 -33.71 -34.52 -16.24
C ILE A 377 -33.80 -35.51 -17.38
N GLU A 378 -34.88 -35.43 -18.15
CA GLU A 378 -35.08 -36.35 -19.26
C GLU A 378 -34.62 -35.76 -20.59
N GLU A 379 -34.31 -36.62 -21.57
CA GLU A 379 -33.93 -36.17 -22.91
C GLU A 379 -35.11 -35.62 -23.71
N MET A 380 -34.89 -34.52 -24.42
CA MET A 380 -35.99 -33.75 -24.99
C MET A 380 -36.48 -34.32 -26.31
N PRO A 381 -37.76 -34.73 -26.37
CA PRO A 381 -38.29 -35.30 -27.59
C PRO A 381 -38.96 -34.22 -28.43
N LEU A 382 -39.45 -34.57 -29.62
CA LEU A 382 -40.12 -33.61 -30.52
C LEU A 382 -41.57 -33.33 -30.10
N ASN A 383 -42.06 -34.18 -29.18
CA ASN A 383 -43.49 -34.40 -28.94
C ASN A 383 -44.10 -33.57 -27.81
N ALA B 1 -12.59 3.74 -10.93
CA ALA B 1 -13.13 2.96 -12.06
C ALA B 1 -12.22 1.81 -12.47
N PHE B 2 -11.18 1.55 -11.68
CA PHE B 2 -10.31 0.41 -11.93
C PHE B 2 -10.72 -0.73 -11.04
N GLU B 3 -11.25 -0.38 -9.88
CA GLU B 3 -11.98 -1.33 -9.07
C GLU B 3 -13.33 -1.66 -9.68
N LYS B 4 -13.98 -0.67 -10.28
CA LYS B 4 -15.26 -0.91 -10.97
C LYS B 4 -15.09 -1.85 -12.18
N THR B 5 -13.95 -1.73 -12.83
CA THR B 5 -13.68 -2.57 -13.98
C THR B 5 -13.40 -4.00 -13.52
N LEU B 6 -12.59 -4.10 -12.48
CA LEU B 6 -12.02 -5.36 -12.09
C LEU B 6 -12.93 -6.18 -11.19
N THR B 7 -13.80 -5.54 -10.42
CA THR B 7 -14.56 -6.31 -9.45
C THR B 7 -15.48 -7.33 -10.11
N PRO B 8 -16.33 -6.87 -11.05
CA PRO B 8 -17.18 -7.79 -11.82
C PRO B 8 -16.39 -8.96 -12.40
N ILE B 9 -15.22 -8.69 -12.99
CA ILE B 9 -14.46 -9.73 -13.63
C ILE B 9 -14.16 -10.82 -12.60
N ILE B 10 -13.75 -10.41 -11.41
CA ILE B 10 -13.35 -11.32 -10.38
C ILE B 10 -14.54 -12.04 -9.72
N GLN B 11 -15.59 -11.31 -9.42
CA GLN B 11 -16.80 -11.92 -8.89
C GLN B 11 -17.39 -12.97 -9.82
N GLU B 12 -17.36 -12.70 -11.13
CA GLU B 12 -17.88 -13.61 -12.13
C GLU B 12 -17.01 -14.83 -12.13
N TYR B 13 -15.72 -14.61 -12.15
CA TYR B 13 -14.83 -15.71 -12.03
C TYR B 13 -15.30 -16.56 -10.89
N PHE B 14 -15.55 -15.95 -9.73
CA PHE B 14 -15.99 -16.70 -8.54
C PHE B 14 -17.16 -17.62 -8.82
N GLU B 15 -18.11 -17.17 -9.65
CA GLU B 15 -19.22 -18.00 -10.10
C GLU B 15 -18.81 -19.10 -11.07
N HIS B 16 -18.06 -18.78 -12.15
CA HIS B 16 -17.72 -19.81 -13.18
C HIS B 16 -16.50 -20.69 -12.94
N GLY B 17 -15.38 -20.09 -12.56
CA GLY B 17 -14.29 -20.87 -12.01
C GLY B 17 -13.19 -21.06 -13.02
N ASP B 18 -13.35 -20.40 -14.16
CA ASP B 18 -12.49 -20.61 -15.31
C ASP B 18 -11.49 -19.46 -15.39
N THR B 19 -10.27 -19.73 -14.94
CA THR B 19 -9.23 -18.71 -14.88
C THR B 19 -8.75 -18.25 -16.24
N ASN B 20 -9.02 -19.04 -17.27
CA ASN B 20 -8.63 -18.57 -18.57
C ASN B 20 -9.47 -17.39 -18.96
N GLU B 21 -10.77 -17.49 -18.71
CA GLU B 21 -11.59 -16.36 -19.07
C GLU B 21 -11.12 -15.12 -18.32
N VAL B 22 -10.46 -15.30 -17.17
CA VAL B 22 -10.02 -14.12 -16.43
C VAL B 22 -8.75 -13.57 -17.02
N ALA B 23 -7.75 -14.45 -17.19
CA ALA B 23 -6.54 -14.12 -17.93
C ALA B 23 -6.83 -13.28 -19.19
N GLU B 24 -7.53 -13.87 -20.17
CA GLU B 24 -7.78 -13.16 -21.42
C GLU B 24 -8.28 -11.77 -21.12
N MSE B 25 -9.37 -11.68 -20.39
CA MSE B 25 -9.96 -10.38 -20.02
C MSE B 25 -8.94 -9.35 -19.58
O MSE B 25 -9.08 -8.15 -19.85
CB MSE B 25 -10.99 -10.57 -18.92
CG MSE B 25 -12.16 -11.41 -19.35
SE MSE B 25 -13.85 -10.62 -18.76
CE MSE B 25 -14.11 -11.52 -17.01
N LEU B 26 -7.91 -9.82 -18.87
CA LEU B 26 -6.90 -8.94 -18.33
C LEU B 26 -5.92 -8.53 -19.42
N ARG B 27 -5.39 -9.52 -20.14
CA ARG B 27 -4.61 -9.24 -21.33
C ARG B 27 -5.31 -8.18 -22.16
N ASP B 28 -6.59 -8.37 -22.45
CA ASP B 28 -7.35 -7.45 -23.26
C ASP B 28 -7.55 -6.07 -22.61
N LEU B 29 -6.72 -5.78 -21.61
CA LEU B 29 -6.87 -4.58 -20.81
C LEU B 29 -5.57 -3.83 -20.64
N ASN B 30 -4.46 -4.54 -20.63
CA ASN B 30 -3.18 -3.86 -20.78
C ASN B 30 -2.91 -2.98 -19.55
N LEU B 31 -2.53 -3.63 -18.45
CA LEU B 31 -2.49 -2.95 -17.16
C LEU B 31 -1.10 -2.42 -16.84
N GLY B 32 -0.10 -3.26 -16.99
CA GLY B 32 1.28 -2.87 -16.78
C GLY B 32 1.58 -2.45 -15.37
N GLU B 33 1.56 -1.15 -15.11
CA GLU B 33 1.72 -0.63 -13.75
C GLU B 33 0.78 -1.41 -12.83
N MSE B 34 -0.52 -1.26 -13.09
CA MSE B 34 -1.54 -1.80 -12.21
C MSE B 34 -1.82 -3.31 -12.31
O MSE B 34 -2.88 -3.78 -11.92
CB MSE B 34 -2.84 -1.00 -12.37
CG MSE B 34 -2.87 -0.04 -13.55
SE MSE B 34 -4.39 1.25 -13.39
CE MSE B 34 -5.62 0.53 -14.77
N LYS B 35 -0.87 -4.09 -12.79
CA LYS B 35 -1.02 -5.53 -12.76
C LYS B 35 -1.07 -6.02 -11.32
N SER B 36 -0.15 -5.55 -10.50
CA SER B 36 -0.08 -5.88 -9.07
C SER B 36 -1.35 -5.47 -8.31
N GLY B 37 -2.18 -4.64 -8.93
CA GLY B 37 -3.49 -4.34 -8.40
C GLY B 37 -4.42 -5.54 -8.34
N VAL B 38 -4.32 -6.44 -9.31
CA VAL B 38 -5.35 -7.43 -9.46
C VAL B 38 -5.31 -8.39 -8.27
N PRO B 39 -4.10 -8.85 -7.91
CA PRO B 39 -4.11 -9.84 -6.84
C PRO B 39 -4.50 -9.22 -5.51
N VAL B 40 -4.48 -7.91 -5.42
CA VAL B 40 -4.89 -7.22 -4.20
C VAL B 40 -6.40 -7.22 -4.06
N LEU B 41 -7.08 -6.74 -5.09
CA LEU B 41 -8.51 -6.92 -5.23
C LEU B 41 -8.92 -8.37 -4.94
N ALA B 42 -8.38 -9.32 -5.68
CA ALA B 42 -8.98 -10.63 -5.63
C ALA B 42 -8.94 -11.11 -4.19
N VAL B 43 -7.75 -11.02 -3.60
CA VAL B 43 -7.59 -11.43 -2.23
C VAL B 43 -8.56 -10.72 -1.29
N SER B 44 -8.78 -9.44 -1.51
CA SER B 44 -9.71 -8.72 -0.67
C SER B 44 -11.12 -9.27 -0.75
N LEU B 45 -11.65 -9.31 -1.97
CA LEU B 45 -12.88 -10.01 -2.19
C LEU B 45 -12.93 -11.43 -1.56
N ALA B 46 -11.85 -12.21 -1.67
CA ALA B 46 -11.93 -13.57 -1.17
C ALA B 46 -11.94 -13.58 0.33
N LEU B 47 -11.54 -12.48 0.92
CA LEU B 47 -11.36 -12.48 2.36
C LEU B 47 -12.71 -12.23 2.96
N GLU B 48 -13.60 -11.72 2.14
CA GLU B 48 -14.93 -11.43 2.58
C GLU B 48 -15.98 -12.50 2.15
N GLY B 49 -15.53 -13.67 1.66
CA GLY B 49 -16.46 -14.65 1.12
C GLY B 49 -16.14 -15.93 1.84
N LYS B 50 -16.41 -17.08 1.24
CA LYS B 50 -16.11 -18.32 1.94
C LYS B 50 -14.81 -18.97 1.47
N ALA B 51 -14.40 -20.00 2.19
CA ALA B 51 -13.21 -20.75 1.85
C ALA B 51 -13.15 -21.09 0.36
N SER B 52 -14.29 -21.47 -0.22
CA SER B 52 -14.30 -21.95 -1.57
C SER B 52 -13.75 -20.86 -2.42
N HIS B 53 -14.23 -19.64 -2.24
CA HIS B 53 -13.66 -18.48 -2.94
C HIS B 53 -12.16 -18.29 -2.66
N ARG B 54 -11.74 -18.51 -1.44
CA ARG B 54 -10.35 -18.35 -1.16
C ARG B 54 -9.53 -19.37 -1.97
N GLU B 55 -10.00 -20.61 -2.00
CA GLU B 55 -9.42 -21.64 -2.87
C GLU B 55 -9.38 -21.16 -4.30
N MSE B 56 -10.52 -20.75 -4.82
CA MSE B 56 -10.52 -20.30 -6.20
C MSE B 56 -9.50 -19.21 -6.50
O MSE B 56 -9.13 -19.02 -7.65
CB MSE B 56 -11.89 -19.83 -6.60
CG MSE B 56 -12.76 -20.94 -7.12
SE MSE B 56 -14.63 -20.37 -7.10
CE MSE B 56 -14.77 -20.57 -5.16
N THR B 57 -9.05 -18.49 -5.47
CA THR B 57 -8.29 -17.26 -5.64
C THR B 57 -6.81 -17.59 -5.67
N SER B 58 -6.38 -18.43 -4.74
CA SER B 58 -5.08 -19.06 -4.83
C SER B 58 -4.87 -19.61 -6.24
N LYS B 59 -5.88 -20.31 -6.75
CA LYS B 59 -5.75 -20.96 -8.07
C LYS B 59 -5.61 -19.95 -9.19
N LEU B 60 -6.53 -19.00 -9.24
CA LEU B 60 -6.44 -17.86 -10.15
C LEU B 60 -5.08 -17.20 -10.11
N LEU B 61 -4.48 -17.11 -8.94
CA LEU B 61 -3.21 -16.45 -8.83
C LEU B 61 -2.13 -17.31 -9.45
N SER B 62 -2.05 -18.58 -9.07
CA SER B 62 -1.16 -19.51 -9.73
C SER B 62 -1.18 -19.39 -11.27
N ASP B 63 -2.35 -19.29 -11.84
CA ASP B 63 -2.47 -19.34 -13.27
C ASP B 63 -2.11 -17.98 -13.83
N LEU B 64 -2.75 -16.93 -13.33
CA LEU B 64 -2.39 -15.57 -13.73
C LEU B 64 -0.88 -15.32 -13.71
N CYS B 65 -0.19 -15.98 -12.78
CA CYS B 65 1.23 -15.77 -12.61
C CYS B 65 2.03 -16.67 -13.54
N GLY B 66 2.75 -16.01 -14.45
CA GLY B 66 3.42 -16.63 -15.57
C GLY B 66 2.89 -15.93 -16.82
N THR B 67 1.58 -16.01 -16.97
CA THR B 67 0.93 -15.83 -18.24
C THR B 67 0.41 -14.41 -18.42
N VAL B 68 0.18 -13.69 -17.34
CA VAL B 68 -0.35 -12.33 -17.51
C VAL B 68 0.37 -11.34 -16.62
N MSE B 69 1.21 -11.88 -15.75
CA MSE B 69 2.03 -11.09 -14.85
C MSE B 69 3.11 -11.96 -14.20
O MSE B 69 3.09 -13.19 -14.34
CB MSE B 69 1.16 -10.50 -13.76
CG MSE B 69 0.83 -11.48 -12.66
SE MSE B 69 -0.83 -11.12 -11.71
CE MSE B 69 -0.78 -12.66 -10.50
N SER B 70 3.99 -11.33 -13.45
CA SER B 70 5.21 -11.95 -12.93
C SER B 70 5.13 -12.15 -11.43
N THR B 71 6.04 -12.94 -10.89
CA THR B 71 6.14 -13.02 -9.46
C THR B 71 6.54 -11.67 -8.88
N THR B 72 7.28 -10.87 -9.64
CA THR B 72 7.57 -9.49 -9.26
C THR B 72 6.31 -8.69 -8.95
N ASP B 73 5.33 -8.82 -9.84
CA ASP B 73 3.99 -8.27 -9.67
C ASP B 73 3.26 -8.81 -8.44
N VAL B 74 3.27 -10.13 -8.31
CA VAL B 74 2.71 -10.85 -7.17
C VAL B 74 3.28 -10.35 -5.86
N GLU B 75 4.60 -10.22 -5.79
CA GLU B 75 5.27 -9.91 -4.54
C GLU B 75 4.92 -8.52 -4.04
N LYS B 76 4.65 -7.64 -4.99
CA LYS B 76 4.26 -6.29 -4.69
C LYS B 76 2.89 -6.32 -4.03
N SER B 77 1.98 -7.07 -4.65
CA SER B 77 0.63 -7.21 -4.18
C SER B 77 0.59 -7.62 -2.72
N PHE B 78 1.36 -8.65 -2.36
CA PHE B 78 1.36 -9.10 -0.98
C PHE B 78 1.98 -8.08 -0.05
N ASP B 79 2.92 -7.30 -0.58
CA ASP B 79 3.52 -6.25 0.21
C ASP B 79 2.43 -5.24 0.58
N LYS B 80 1.68 -4.83 -0.44
CA LYS B 80 0.47 -4.06 -0.30
C LYS B 80 -0.48 -4.72 0.72
N LEU B 81 -0.77 -6.00 0.51
CA LEU B 81 -1.71 -6.69 1.35
C LEU B 81 -1.34 -6.60 2.81
N LEU B 82 -0.05 -6.64 3.11
CA LEU B 82 0.35 -6.64 4.50
C LEU B 82 0.37 -5.20 4.93
N LYS B 83 0.69 -4.28 4.03
CA LYS B 83 0.60 -2.89 4.40
C LYS B 83 -0.84 -2.68 4.92
N ASP B 84 -1.83 -3.21 4.20
CA ASP B 84 -3.26 -3.00 4.48
C ASP B 84 -3.85 -3.76 5.68
N LEU B 85 -3.23 -4.85 6.11
CA LEU B 85 -3.87 -5.67 7.11
C LEU B 85 -4.69 -4.86 8.12
N PRO B 86 -4.13 -3.79 8.69
CA PRO B 86 -4.91 -3.11 9.71
C PRO B 86 -6.30 -2.71 9.25
N GLU B 87 -6.47 -2.39 7.98
CA GLU B 87 -7.74 -1.90 7.54
C GLU B 87 -8.54 -3.11 7.20
N LEU B 88 -7.95 -4.02 6.44
CA LEU B 88 -8.63 -5.24 6.13
C LEU B 88 -9.18 -5.87 7.38
N ALA B 89 -8.36 -6.01 8.41
CA ALA B 89 -8.81 -6.75 9.57
C ALA B 89 -10.03 -6.12 10.23
N LEU B 90 -10.46 -4.95 9.79
CA LEU B 90 -11.68 -4.39 10.30
C LEU B 90 -12.93 -4.99 9.69
N ASP B 91 -12.85 -5.48 8.47
CA ASP B 91 -14.02 -6.11 7.88
C ASP B 91 -13.88 -7.64 7.86
N THR B 92 -12.75 -8.15 8.38
CA THR B 92 -12.46 -9.57 8.29
C THR B 92 -11.60 -9.94 9.47
N PRO B 93 -12.23 -10.16 10.62
CA PRO B 93 -11.45 -10.26 11.84
C PRO B 93 -10.20 -11.18 11.74
N ARG B 94 -10.31 -12.29 11.04
CA ARG B 94 -9.21 -13.22 10.94
C ARG B 94 -8.31 -12.91 9.73
N ALA B 95 -8.26 -11.65 9.29
CA ALA B 95 -7.55 -11.30 8.07
C ALA B 95 -6.05 -11.57 8.16
N PRO B 96 -5.42 -11.19 9.28
CA PRO B 96 -4.00 -11.53 9.40
C PRO B 96 -3.76 -13.04 9.15
N GLN B 97 -4.42 -13.88 9.93
CA GLN B 97 -4.36 -15.33 9.75
C GLN B 97 -4.68 -15.77 8.30
N LEU B 98 -5.61 -15.12 7.63
CA LEU B 98 -6.01 -15.59 6.32
C LEU B 98 -5.03 -15.19 5.27
N VAL B 99 -4.46 -13.99 5.42
CA VAL B 99 -3.48 -13.53 4.45
C VAL B 99 -2.25 -14.40 4.57
N GLY B 100 -1.93 -14.76 5.80
CA GLY B 100 -0.91 -15.76 6.05
C GLY B 100 -1.14 -17.09 5.33
N GLN B 101 -2.37 -17.36 4.91
CA GLN B 101 -2.57 -18.66 4.28
C GLN B 101 -2.45 -18.51 2.79
N PHE B 102 -2.77 -17.32 2.32
CA PHE B 102 -2.56 -17.02 0.94
C PHE B 102 -1.04 -17.00 0.68
N ILE B 103 -0.33 -16.18 1.46
CA ILE B 103 1.12 -16.20 1.45
C ILE B 103 1.66 -17.63 1.40
N ALA B 104 1.37 -18.41 2.43
CA ALA B 104 1.83 -19.80 2.49
C ALA B 104 1.48 -20.58 1.23
N ARG B 105 0.30 -20.39 0.69
CA ARG B 105 -0.02 -21.13 -0.50
C ARG B 105 0.77 -20.60 -1.67
N ALA B 106 1.04 -19.31 -1.67
CA ALA B 106 1.69 -18.69 -2.83
C ALA B 106 3.19 -19.04 -2.89
N VAL B 107 3.80 -19.32 -1.75
CA VAL B 107 5.13 -19.88 -1.81
C VAL B 107 5.01 -21.25 -2.45
N GLY B 108 4.58 -22.23 -1.66
CA GLY B 108 4.04 -23.49 -2.19
C GLY B 108 3.87 -23.53 -3.70
N ASP B 109 3.23 -22.53 -4.30
CA ASP B 109 2.99 -22.52 -5.73
C ASP B 109 4.04 -21.71 -6.52
N GLY B 110 5.13 -21.35 -5.84
CA GLY B 110 6.15 -20.45 -6.41
C GLY B 110 5.71 -19.21 -7.18
N ILE B 111 4.62 -18.58 -6.76
CA ILE B 111 4.31 -17.25 -7.26
C ILE B 111 4.90 -16.18 -6.34
N LEU B 112 5.28 -16.61 -5.14
CA LEU B 112 6.14 -15.85 -4.28
C LEU B 112 7.45 -16.62 -4.14
N CYS B 113 8.57 -15.98 -4.48
CA CYS B 113 9.87 -16.63 -4.38
C CYS B 113 10.08 -17.22 -2.99
N ASN B 114 11.09 -18.05 -2.84
CA ASN B 114 11.32 -18.71 -1.55
C ASN B 114 11.97 -17.88 -0.43
N THR B 115 12.26 -16.59 -0.65
CA THR B 115 12.79 -15.74 0.42
C THR B 115 11.94 -14.51 0.77
N TYR B 116 10.72 -14.49 0.22
CA TYR B 116 9.73 -13.48 0.52
C TYR B 116 9.57 -13.23 2.00
N ILE B 117 9.31 -14.27 2.76
CA ILE B 117 9.02 -14.11 4.18
C ILE B 117 10.20 -13.56 5.00
N ASP B 118 11.40 -14.05 4.69
CA ASP B 118 12.61 -13.66 5.43
C ASP B 118 13.10 -12.28 4.98
N SER B 119 12.76 -11.89 3.76
CA SER B 119 12.85 -10.49 3.42
C SER B 119 12.14 -9.54 4.40
N TYR B 120 11.26 -10.04 5.25
CA TYR B 120 10.62 -9.15 6.22
C TYR B 120 11.32 -9.14 7.56
N LYS B 121 12.42 -9.88 7.64
CA LYS B 121 13.10 -10.11 8.92
C LYS B 121 13.55 -8.81 9.60
N GLY B 122 13.34 -8.76 10.92
CA GLY B 122 13.65 -7.57 11.70
C GLY B 122 13.30 -6.34 10.88
N THR B 123 12.01 -6.13 10.70
CA THR B 123 11.52 -4.93 10.07
C THR B 123 10.24 -4.55 10.80
N VAL B 124 9.22 -5.40 10.68
CA VAL B 124 7.88 -4.97 11.10
C VAL B 124 7.80 -4.35 12.51
N ASP B 125 7.23 -3.16 12.57
CA ASP B 125 6.51 -2.70 13.75
C ASP B 125 5.01 -2.66 13.37
N CYS B 126 4.55 -3.68 12.64
CA CYS B 126 3.10 -3.97 12.49
C CYS B 126 2.76 -5.39 12.96
N VAL B 127 2.12 -5.47 14.12
CA VAL B 127 1.84 -6.73 14.79
C VAL B 127 1.06 -7.72 13.92
N GLN B 128 0.10 -7.18 13.17
CA GLN B 128 -0.73 -8.02 12.34
C GLN B 128 -0.01 -8.55 11.12
N ALA B 129 0.90 -7.76 10.53
CA ALA B 129 1.70 -8.26 9.38
C ALA B 129 2.60 -9.41 9.83
N ARG B 130 3.16 -9.24 11.02
CA ARG B 130 4.05 -10.24 11.54
C ARG B 130 3.27 -11.51 11.83
N ALA B 131 2.02 -11.39 12.30
CA ALA B 131 1.14 -12.58 12.56
C ALA B 131 0.79 -13.29 11.27
N ALA B 132 0.45 -12.52 10.25
CA ALA B 132 0.34 -13.11 8.94
C ALA B 132 1.58 -13.96 8.63
N LEU B 133 2.77 -13.37 8.79
CA LEU B 133 4.03 -14.02 8.38
C LEU B 133 4.35 -15.27 9.20
N ASP B 134 4.19 -15.20 10.52
CA ASP B 134 4.35 -16.37 11.36
C ASP B 134 3.45 -17.53 10.94
N LYS B 135 2.18 -17.26 10.69
CA LYS B 135 1.30 -18.30 10.27
C LYS B 135 1.86 -18.93 9.00
N ALA B 136 2.20 -18.11 8.01
CA ALA B 136 2.70 -18.65 6.74
C ALA B 136 3.95 -19.49 7.00
N THR B 137 4.75 -19.06 7.95
CA THR B 137 6.01 -19.71 8.19
C THR B 137 5.69 -21.11 8.70
N VAL B 138 4.97 -21.14 9.81
CA VAL B 138 4.61 -22.36 10.46
C VAL B 138 3.97 -23.26 9.43
N LEU B 139 3.02 -22.73 8.68
CA LEU B 139 2.35 -23.59 7.73
C LEU B 139 3.37 -24.20 6.80
N LEU B 140 4.33 -23.39 6.35
CA LEU B 140 5.25 -23.81 5.28
C LEU B 140 6.21 -24.86 5.77
N SER B 141 6.62 -24.74 7.03
CA SER B 141 7.57 -25.69 7.56
C SER B 141 6.91 -27.07 7.54
N MSE B 142 5.78 -27.18 8.24
CA MSE B 142 5.09 -28.47 8.39
C MSE B 142 4.47 -29.01 7.10
O MSE B 142 3.66 -29.92 7.14
CB MSE B 142 4.03 -28.39 9.49
CG MSE B 142 2.68 -27.85 9.04
SE MSE B 142 1.52 -27.41 10.56
CE MSE B 142 -0.17 -27.21 9.58
N SER B 143 4.84 -28.44 5.96
CA SER B 143 4.45 -28.99 4.68
C SER B 143 5.68 -29.32 3.85
N LYS B 144 6.62 -30.02 4.48
CA LYS B 144 7.85 -30.44 3.80
C LYS B 144 7.66 -31.77 3.09
N LYS B 149 0.56 -31.13 1.26
CA LYS B 149 -0.64 -31.92 1.52
C LYS B 149 -1.63 -31.99 0.32
N ASP B 150 -2.47 -30.95 0.22
CA ASP B 150 -3.41 -30.75 -0.88
C ASP B 150 -4.11 -29.35 -0.81
N SER B 151 -4.63 -28.98 0.37
CA SER B 151 -5.21 -27.63 0.53
C SER B 151 -5.41 -27.07 1.95
N VAL B 152 -4.77 -25.93 2.17
CA VAL B 152 -4.91 -25.16 3.38
C VAL B 152 -6.35 -24.68 3.55
N TRP B 153 -7.02 -24.42 2.43
CA TRP B 153 -8.43 -24.06 2.45
C TRP B 153 -9.18 -25.38 2.62
N GLY B 154 -10.49 -25.39 2.54
CA GLY B 154 -11.13 -26.69 2.60
C GLY B 154 -11.04 -27.48 1.30
N SER B 155 -12.05 -28.29 1.05
CA SER B 155 -12.43 -28.60 -0.32
C SER B 155 -13.96 -28.62 -0.53
N GLY B 156 -14.71 -27.84 0.24
CA GLY B 156 -16.14 -27.65 -0.04
C GLY B 156 -16.45 -26.87 -1.33
N GLY B 157 -17.73 -26.63 -1.60
CA GLY B 157 -18.11 -25.81 -2.74
C GLY B 157 -18.93 -26.57 -3.76
N GLY B 158 -19.85 -25.88 -4.41
CA GLY B 158 -20.68 -26.49 -5.43
C GLY B 158 -19.88 -26.81 -6.68
N GLN B 159 -18.57 -26.72 -6.56
CA GLN B 159 -17.63 -26.84 -7.68
C GLN B 159 -16.95 -28.18 -7.55
N GLN B 160 -17.28 -28.86 -6.46
CA GLN B 160 -16.78 -30.19 -6.17
C GLN B 160 -17.71 -31.23 -6.75
N SER B 161 -17.21 -32.46 -6.88
CA SER B 161 -18.04 -33.58 -7.37
C SER B 161 -18.86 -34.22 -6.25
N VAL B 162 -20.09 -34.59 -6.57
CA VAL B 162 -20.91 -35.39 -5.68
C VAL B 162 -20.14 -36.54 -5.02
N ASN B 163 -19.18 -37.06 -5.75
CA ASN B 163 -18.37 -38.08 -5.15
C ASN B 163 -17.60 -37.60 -3.95
N HIS B 164 -16.80 -36.55 -4.20
CA HIS B 164 -16.03 -35.89 -3.17
C HIS B 164 -16.91 -35.46 -2.00
N LEU B 165 -17.99 -34.76 -2.31
CA LEU B 165 -18.94 -34.40 -1.27
C LEU B 165 -19.44 -35.62 -0.50
N VAL B 166 -19.74 -36.72 -1.18
CA VAL B 166 -20.13 -37.92 -0.45
C VAL B 166 -19.05 -38.39 0.51
N LYS B 167 -17.79 -38.43 0.06
CA LYS B 167 -16.67 -38.81 0.92
C LYS B 167 -16.52 -37.95 2.20
N GLU B 168 -16.71 -36.64 2.06
CA GLU B 168 -16.73 -35.72 3.20
C GLU B 168 -17.88 -36.00 4.12
N ILE B 169 -19.09 -35.97 3.57
CA ILE B 169 -20.28 -36.20 4.37
C ILE B 169 -20.12 -37.47 5.18
N ASP B 170 -19.44 -38.46 4.59
CA ASP B 170 -19.18 -39.72 5.26
C ASP B 170 -18.17 -39.60 6.41
N MSE B 171 -16.97 -39.10 6.06
CA MSE B 171 -16.00 -38.58 7.01
C MSE B 171 -16.67 -37.95 8.22
O MSE B 171 -16.50 -38.37 9.36
CB MSE B 171 -15.19 -37.48 6.36
CG MSE B 171 -13.84 -37.90 5.83
SE MSE B 171 -12.84 -39.17 6.94
CE MSE B 171 -13.47 -38.70 8.74
N LEU B 172 -17.41 -36.91 7.91
CA LEU B 172 -18.06 -36.08 8.89
C LEU B 172 -18.84 -36.94 9.89
N LEU B 173 -19.68 -37.84 9.36
CA LEU B 173 -20.52 -38.70 10.17
C LEU B 173 -19.72 -39.75 10.93
N LYS B 174 -18.89 -40.51 10.22
CA LYS B 174 -17.99 -41.44 10.90
C LYS B 174 -17.29 -40.75 12.07
N GLU B 175 -16.81 -39.53 11.84
CA GLU B 175 -16.16 -38.71 12.86
C GLU B 175 -17.03 -38.40 14.06
N TYR B 176 -18.26 -37.99 13.81
CA TYR B 176 -19.14 -37.64 14.91
C TYR B 176 -19.40 -38.81 15.86
N LEU B 177 -19.44 -40.03 15.30
CA LEU B 177 -19.74 -41.21 16.10
C LEU B 177 -18.60 -41.51 17.08
N LEU B 178 -17.40 -41.11 16.71
CA LEU B 178 -16.29 -41.25 17.63
C LEU B 178 -16.13 -39.99 18.50
N SER B 179 -16.37 -38.81 17.93
CA SER B 179 -16.26 -37.59 18.71
C SER B 179 -17.41 -37.43 19.72
N GLY B 180 -18.65 -37.46 19.24
CA GLY B 180 -19.80 -37.09 20.06
C GLY B 180 -20.07 -35.60 19.96
N ASP B 181 -19.25 -34.94 19.14
CA ASP B 181 -19.22 -33.48 19.06
C ASP B 181 -20.15 -33.03 17.95
N ILE B 182 -21.36 -32.73 18.36
CA ILE B 182 -22.36 -32.16 17.50
C ILE B 182 -21.85 -30.89 16.83
N SER B 183 -21.28 -29.98 17.63
CA SER B 183 -20.73 -28.75 17.09
C SER B 183 -19.64 -28.94 16.06
N GLU B 184 -18.79 -29.94 16.25
CA GLU B 184 -17.78 -30.19 15.24
C GLU B 184 -18.44 -30.60 13.94
N ALA B 185 -19.50 -31.39 14.06
CA ALA B 185 -20.26 -31.83 12.89
C ALA B 185 -20.99 -30.67 12.20
N GLU B 186 -21.63 -29.78 12.96
CA GLU B 186 -22.31 -28.62 12.35
C GLU B 186 -21.33 -27.83 11.54
N HIS B 187 -20.19 -27.57 12.14
CA HIS B 187 -19.11 -26.94 11.44
C HIS B 187 -18.71 -27.62 10.14
N CYS B 188 -18.48 -28.92 10.18
CA CYS B 188 -18.01 -29.60 8.97
C CYS B 188 -19.07 -29.55 7.93
N LEU B 189 -20.31 -29.63 8.37
CA LEU B 189 -21.41 -29.53 7.46
C LEU B 189 -21.41 -28.17 6.78
N LYS B 190 -21.33 -27.11 7.56
CA LYS B 190 -21.18 -25.79 6.96
C LYS B 190 -19.99 -25.65 5.98
N GLU B 191 -18.82 -26.16 6.32
CA GLU B 191 -17.67 -25.95 5.41
C GLU B 191 -17.81 -26.57 4.03
N LEU B 192 -18.80 -27.41 3.85
CA LEU B 192 -19.06 -28.03 2.55
C LEU B 192 -19.80 -27.07 1.61
N GLU B 193 -20.51 -26.12 2.20
CA GLU B 193 -21.07 -24.99 1.47
C GLU B 193 -22.00 -25.49 0.41
N VAL B 194 -22.82 -26.46 0.76
CA VAL B 194 -23.51 -27.16 -0.27
C VAL B 194 -24.90 -27.46 0.30
N PRO B 195 -25.65 -26.39 0.61
CA PRO B 195 -26.86 -26.57 1.41
C PRO B 195 -28.00 -27.29 0.69
N HIS B 196 -27.95 -27.37 -0.64
CA HIS B 196 -28.94 -28.16 -1.34
C HIS B 196 -28.51 -29.60 -1.50
N PHE B 197 -27.57 -30.06 -0.69
CA PHE B 197 -27.14 -31.44 -0.77
C PHE B 197 -27.12 -31.98 0.66
N HIS B 198 -27.79 -31.24 1.53
CA HIS B 198 -27.87 -31.61 2.92
C HIS B 198 -28.68 -32.86 3.09
N HIS B 199 -29.48 -33.19 2.07
CA HIS B 199 -30.33 -34.35 2.12
C HIS B 199 -29.50 -35.61 2.13
N GLU B 200 -28.31 -35.52 1.56
CA GLU B 200 -27.34 -36.55 1.72
C GLU B 200 -26.95 -36.76 3.17
N LEU B 201 -26.78 -35.69 3.92
CA LEU B 201 -26.37 -35.81 5.30
C LEU B 201 -27.37 -36.71 6.01
N VAL B 202 -28.60 -36.21 6.11
CA VAL B 202 -29.77 -36.93 6.60
C VAL B 202 -29.80 -38.38 6.15
N TYR B 203 -29.73 -38.56 4.83
CA TYR B 203 -29.77 -39.89 4.24
C TYR B 203 -28.73 -40.79 4.84
N GLU B 204 -27.46 -40.37 4.79
CA GLU B 204 -26.36 -41.23 5.21
C GLU B 204 -26.36 -41.49 6.72
N ALA B 205 -26.94 -40.58 7.47
CA ALA B 205 -26.99 -40.70 8.92
C ALA B 205 -28.05 -41.71 9.36
N ILE B 206 -29.02 -41.94 8.49
CA ILE B 206 -30.13 -42.81 8.80
C ILE B 206 -29.70 -44.20 8.44
N ILE B 207 -29.08 -44.31 7.27
CA ILE B 207 -28.46 -45.53 6.82
C ILE B 207 -27.44 -46.04 7.82
N MSE B 208 -26.80 -45.14 8.55
CA MSE B 208 -25.84 -45.56 9.55
C MSE B 208 -26.51 -46.26 10.73
O MSE B 208 -25.99 -47.22 11.29
CB MSE B 208 -24.97 -44.39 9.99
CG MSE B 208 -23.65 -44.35 9.25
SE MSE B 208 -22.59 -42.72 9.57
CE MSE B 208 -23.18 -42.40 11.41
N VAL B 209 -27.67 -45.74 11.09
CA VAL B 209 -28.45 -46.27 12.18
C VAL B 209 -29.03 -47.60 11.75
N LEU B 210 -29.52 -47.65 10.52
CA LEU B 210 -30.10 -48.87 9.98
C LEU B 210 -29.12 -50.01 10.07
N GLU B 211 -27.86 -49.75 9.71
CA GLU B 211 -26.91 -50.83 9.60
C GLU B 211 -26.15 -51.05 10.90
N SER B 212 -26.65 -50.49 12.00
CA SER B 212 -25.85 -50.44 13.23
C SER B 212 -26.33 -51.42 14.28
N THR B 213 -25.45 -51.80 15.19
CA THR B 213 -25.85 -52.70 16.26
C THR B 213 -25.97 -51.95 17.57
N GLY B 214 -27.02 -52.23 18.32
CA GLY B 214 -27.13 -51.74 19.69
C GLY B 214 -28.06 -50.57 19.79
N GLU B 215 -27.77 -49.65 20.71
CA GLU B 215 -28.64 -48.48 20.90
C GLU B 215 -27.90 -47.15 20.73
N SER B 216 -26.59 -47.25 20.57
CA SER B 216 -25.68 -46.10 20.53
C SER B 216 -25.84 -45.20 19.28
N THR B 217 -25.42 -45.72 18.13
CA THR B 217 -25.64 -45.04 16.85
C THR B 217 -27.06 -44.49 16.81
N PHE B 218 -28.04 -45.35 17.06
CA PHE B 218 -29.41 -44.90 17.15
C PHE B 218 -29.46 -43.57 17.85
N LYS B 219 -28.99 -43.56 19.11
CA LYS B 219 -29.15 -42.42 19.99
C LYS B 219 -28.39 -41.21 19.47
N MSE B 220 -27.16 -41.46 19.02
CA MSE B 220 -26.29 -40.38 18.57
C MSE B 220 -26.79 -39.69 17.31
O MSE B 220 -26.80 -38.47 17.24
CB MSE B 220 -24.87 -40.91 18.37
CG MSE B 220 -24.28 -41.38 19.68
SE MSE B 220 -22.38 -41.79 19.55
CE MSE B 220 -22.46 -43.58 18.71
N ILE B 221 -27.27 -40.47 16.35
CA ILE B 221 -27.76 -39.87 15.11
C ILE B 221 -29.05 -39.08 15.36
N LEU B 222 -29.84 -39.56 16.31
CA LEU B 222 -31.11 -38.94 16.66
C LEU B 222 -30.84 -37.62 17.39
N ASP B 223 -29.77 -37.62 18.20
CA ASP B 223 -29.35 -36.39 18.85
C ASP B 223 -28.85 -35.41 17.81
N LEU B 224 -28.00 -35.86 16.89
CA LEU B 224 -27.48 -34.99 15.84
C LEU B 224 -28.60 -34.28 15.11
N LEU B 225 -29.51 -35.06 14.55
CA LEU B 225 -30.61 -34.53 13.75
C LEU B 225 -31.48 -33.60 14.59
N LYS B 226 -31.78 -34.00 15.82
CA LYS B 226 -32.57 -33.13 16.66
C LYS B 226 -31.92 -31.75 16.80
N SER B 227 -30.62 -31.71 17.02
CA SER B 227 -29.91 -30.44 17.18
C SER B 227 -29.92 -29.60 15.88
N LEU B 228 -29.65 -30.27 14.76
CA LEU B 228 -29.61 -29.62 13.46
C LEU B 228 -30.98 -29.08 13.12
N TRP B 229 -32.00 -29.79 13.60
CA TRP B 229 -33.38 -29.41 13.41
C TRP B 229 -33.61 -28.15 14.22
N LYS B 230 -33.20 -28.21 15.49
CA LYS B 230 -33.54 -27.15 16.43
C LYS B 230 -32.93 -25.81 16.04
N SER B 231 -31.75 -25.83 15.40
CA SER B 231 -31.09 -24.59 14.98
C SER B 231 -31.43 -24.16 13.58
N SER B 232 -32.11 -25.04 12.82
CA SER B 232 -32.45 -24.82 11.39
C SER B 232 -31.26 -24.94 10.48
N THR B 233 -30.12 -25.31 11.05
CA THR B 233 -28.99 -25.69 10.23
C THR B 233 -29.42 -26.56 9.03
N ILE B 234 -30.25 -27.57 9.26
CA ILE B 234 -30.91 -28.23 8.14
C ILE B 234 -32.35 -27.81 7.99
N THR B 235 -32.73 -27.46 6.77
CA THR B 235 -34.07 -26.98 6.52
C THR B 235 -35.07 -28.12 6.57
N VAL B 236 -36.33 -27.76 6.71
CA VAL B 236 -37.37 -28.75 6.74
C VAL B 236 -37.40 -29.49 5.41
N ASP B 237 -37.22 -28.76 4.32
CA ASP B 237 -37.27 -29.36 3.02
C ASP B 237 -36.20 -30.38 2.85
N GLN B 238 -35.04 -30.08 3.38
CA GLN B 238 -33.84 -30.84 3.08
C GLN B 238 -33.81 -32.09 3.96
N MSE B 239 -34.41 -31.96 5.14
CA MSE B 239 -34.74 -33.06 6.02
C MSE B 239 -35.79 -33.96 5.40
O MSE B 239 -35.70 -35.18 5.51
CB MSE B 239 -35.31 -32.48 7.30
CG MSE B 239 -35.45 -33.48 8.42
SE MSE B 239 -33.80 -33.56 9.49
CE MSE B 239 -34.55 -33.21 11.27
N LYS B 240 -36.79 -33.36 4.77
CA LYS B 240 -37.86 -34.12 4.12
C LYS B 240 -37.30 -35.01 3.02
N ARG B 241 -36.56 -34.40 2.09
CA ARG B 241 -36.08 -35.11 0.91
C ARG B 241 -35.12 -36.18 1.34
N GLY B 242 -34.57 -35.99 2.55
CA GLY B 242 -33.65 -36.95 3.14
C GLY B 242 -34.34 -38.24 3.51
N TYR B 243 -35.43 -38.12 4.26
CA TYR B 243 -36.24 -39.26 4.65
C TYR B 243 -36.87 -39.92 3.43
N GLU B 244 -37.49 -39.11 2.59
CA GLU B 244 -38.15 -39.60 1.39
C GLU B 244 -37.19 -40.48 0.58
N ARG B 245 -35.91 -40.19 0.65
CA ARG B 245 -34.93 -40.99 -0.08
C ARG B 245 -34.77 -42.36 0.56
N ILE B 246 -34.78 -42.41 1.89
CA ILE B 246 -34.68 -43.68 2.61
C ILE B 246 -35.96 -44.49 2.35
N TYR B 247 -37.11 -43.86 2.61
CA TYR B 247 -38.42 -44.41 2.29
C TYR B 247 -38.34 -45.12 0.96
N ASN B 248 -37.95 -44.42 -0.07
CA ASN B 248 -37.94 -45.05 -1.35
C ASN B 248 -36.90 -46.16 -1.53
N GLU B 249 -35.84 -46.16 -0.73
CA GLU B 249 -34.74 -47.09 -1.01
C GLU B 249 -34.65 -48.20 0.01
N ILE B 250 -35.57 -48.19 0.96
CA ILE B 250 -35.61 -49.23 1.98
C ILE B 250 -35.76 -50.69 1.47
N PRO B 251 -36.46 -50.92 0.35
CA PRO B 251 -36.24 -52.25 -0.26
C PRO B 251 -34.76 -52.62 -0.38
N ASP B 252 -33.98 -51.77 -1.06
CA ASP B 252 -32.61 -52.13 -1.42
C ASP B 252 -31.69 -52.14 -0.21
N ILE B 253 -31.86 -51.19 0.69
CA ILE B 253 -31.11 -51.20 1.93
C ILE B 253 -31.31 -52.56 2.59
N ASN B 254 -32.52 -53.09 2.46
CA ASN B 254 -32.95 -54.32 3.16
C ASN B 254 -32.21 -55.57 2.70
N LEU B 255 -31.73 -55.57 1.46
CA LEU B 255 -30.77 -56.56 1.02
C LEU B 255 -29.69 -56.84 2.07
N ASP B 256 -28.91 -55.81 2.39
CA ASP B 256 -27.84 -55.89 3.41
C ASP B 256 -28.34 -55.83 4.85
N VAL B 257 -29.56 -55.39 5.07
CA VAL B 257 -30.06 -55.29 6.44
C VAL B 257 -31.48 -55.84 6.57
N PRO B 258 -31.61 -57.17 6.77
CA PRO B 258 -32.89 -57.81 7.01
C PRO B 258 -33.77 -57.05 8.01
N HIS B 259 -33.24 -56.74 9.18
CA HIS B 259 -34.01 -56.03 10.21
C HIS B 259 -34.37 -54.58 9.84
N SER B 260 -33.81 -54.10 8.73
CA SER B 260 -33.91 -52.70 8.34
C SER B 260 -35.28 -52.07 8.53
N TYR B 261 -36.35 -52.74 8.06
CA TYR B 261 -37.72 -52.20 8.12
C TYR B 261 -38.13 -51.95 9.58
N SER B 262 -37.52 -52.72 10.47
CA SER B 262 -37.85 -52.68 11.88
C SER B 262 -37.30 -51.45 12.60
N VAL B 263 -36.00 -51.23 12.49
CA VAL B 263 -35.38 -50.03 13.05
C VAL B 263 -35.87 -48.76 12.34
N LEU B 264 -35.93 -48.81 11.01
CA LEU B 264 -36.41 -47.65 10.27
C LEU B 264 -37.64 -47.09 10.96
N GLU B 265 -38.59 -47.97 11.20
CA GLU B 265 -39.85 -47.60 11.81
C GLU B 265 -39.65 -47.12 13.23
N ARG B 266 -38.80 -47.81 13.99
CA ARG B 266 -38.64 -47.42 15.36
C ARG B 266 -38.01 -46.04 15.41
N PHE B 267 -37.04 -45.82 14.53
CA PHE B 267 -36.32 -44.55 14.41
C PHE B 267 -37.23 -43.41 14.00
N VAL B 268 -37.87 -43.59 12.85
CA VAL B 268 -38.80 -42.61 12.35
C VAL B 268 -39.83 -42.20 13.40
N GLU B 269 -40.13 -43.08 14.34
CA GLU B 269 -41.14 -42.77 15.33
C GLU B 269 -40.59 -41.78 16.33
N GLU B 270 -39.37 -42.06 16.78
CA GLU B 270 -38.67 -41.22 17.74
C GLU B 270 -38.41 -39.82 17.20
N CYS B 271 -38.28 -39.70 15.88
CA CYS B 271 -38.25 -38.40 15.27
C CYS B 271 -39.56 -37.67 15.46
N PHE B 272 -40.64 -38.24 14.95
CA PHE B 272 -41.93 -37.61 15.15
C PHE B 272 -42.09 -37.21 16.62
N GLN B 273 -41.75 -38.13 17.53
CA GLN B 273 -41.82 -37.88 18.97
C GLN B 273 -41.05 -36.66 19.43
N ALA B 274 -39.86 -36.44 18.88
CA ALA B 274 -38.99 -35.32 19.30
C ALA B 274 -39.24 -34.04 18.52
N GLY B 275 -40.29 -34.03 17.70
CA GLY B 275 -40.77 -32.80 17.09
C GLY B 275 -40.16 -32.43 15.75
N ILE B 276 -39.39 -33.34 15.16
CA ILE B 276 -38.50 -32.97 14.06
C ILE B 276 -38.96 -33.35 12.67
N ILE B 277 -39.83 -34.34 12.55
CA ILE B 277 -40.61 -34.46 11.31
C ILE B 277 -42.12 -34.34 11.56
N SER B 278 -42.86 -33.99 10.51
CA SER B 278 -44.30 -33.86 10.60
C SER B 278 -44.97 -35.25 10.64
N LYS B 279 -46.25 -35.27 11.01
CA LYS B 279 -47.08 -36.47 10.92
C LYS B 279 -47.15 -37.00 9.47
N GLN B 280 -47.35 -36.10 8.53
CA GLN B 280 -47.44 -36.47 7.12
C GLN B 280 -46.29 -37.40 6.76
N LEU B 281 -45.09 -36.98 7.16
CA LEU B 281 -43.84 -37.63 6.78
C LEU B 281 -43.62 -38.92 7.56
N ARG B 282 -44.06 -38.92 8.82
CA ARG B 282 -43.96 -40.09 9.70
C ARG B 282 -44.92 -41.16 9.26
N ASP B 283 -46.08 -40.73 8.78
CA ASP B 283 -47.13 -41.63 8.34
C ASP B 283 -46.84 -42.20 6.96
N LEU B 284 -45.92 -41.58 6.24
CA LEU B 284 -45.58 -42.01 4.90
C LEU B 284 -44.44 -43.04 4.93
N CYS B 285 -44.10 -43.47 6.14
CA CYS B 285 -43.06 -44.49 6.34
C CYS B 285 -43.57 -45.90 6.07
N PRO B 286 -42.92 -46.61 5.13
CA PRO B 286 -43.22 -48.03 4.88
C PRO B 286 -43.41 -48.85 6.13
N SER B 287 -44.43 -49.70 6.12
CA SER B 287 -44.62 -50.71 7.16
C SER B 287 -44.21 -52.06 6.61
N ARG B 288 -44.06 -53.03 7.51
CA ARG B 288 -43.77 -54.40 7.08
C ARG B 288 -45.01 -55.26 7.22
N SER C 7 -12.09 -79.41 19.37
CA SER C 7 -11.13 -79.24 18.29
C SER C 7 -10.34 -80.52 18.04
N ASN C 8 -10.32 -80.96 16.78
CA ASN C 8 -9.73 -82.26 16.42
C ASN C 8 -8.37 -82.20 15.71
N TRP C 9 -8.04 -81.03 15.14
CA TRP C 9 -6.78 -80.85 14.44
C TRP C 9 -5.94 -79.80 15.16
N ASN C 10 -4.92 -80.27 15.88
CA ASN C 10 -4.01 -79.40 16.63
C ASN C 10 -2.63 -79.26 15.94
N GLU C 11 -2.45 -80.01 14.85
CA GLU C 11 -1.24 -79.93 14.03
C GLU C 11 -1.06 -78.58 13.35
N ILE C 12 0.06 -77.94 13.61
CA ILE C 12 0.29 -76.54 13.24
C ILE C 12 1.46 -76.41 12.26
N VAL C 13 1.51 -75.31 11.52
CA VAL C 13 2.65 -75.00 10.64
C VAL C 13 3.15 -73.58 10.90
N ASP C 14 4.18 -73.48 11.74
CA ASP C 14 4.65 -72.19 12.23
C ASP C 14 5.62 -71.55 11.25
N SER C 15 6.30 -72.38 10.47
CA SER C 15 7.39 -71.92 9.59
C SER C 15 6.95 -70.85 8.59
N PHE C 16 7.95 -70.14 8.07
CA PHE C 16 7.76 -69.23 6.94
C PHE C 16 7.09 -69.96 5.78
N ASP C 17 7.77 -70.97 5.25
CA ASP C 17 7.45 -71.50 3.92
C ASP C 17 7.39 -73.04 3.85
N ASP C 18 6.44 -73.65 4.57
CA ASP C 18 6.22 -75.10 4.50
C ASP C 18 5.26 -75.48 3.35
N MET C 19 4.13 -74.78 3.30
CA MET C 19 3.14 -74.97 2.23
C MET C 19 3.65 -74.44 0.90
N ASN C 20 4.94 -74.63 0.66
CA ASN C 20 5.62 -74.19 -0.58
C ASN C 20 4.82 -73.19 -1.40
N LEU C 21 4.53 -72.04 -0.79
CA LEU C 21 3.67 -71.02 -1.38
C LEU C 21 4.28 -70.46 -2.67
N SER C 22 3.43 -69.98 -3.56
CA SER C 22 3.89 -69.36 -4.80
C SER C 22 4.37 -67.93 -4.58
N GLU C 23 4.89 -67.32 -5.64
CA GLU C 23 5.42 -65.96 -5.59
C GLU C 23 4.32 -64.90 -5.52
N SER C 24 3.18 -65.16 -6.15
CA SER C 24 2.03 -64.27 -6.09
C SER C 24 1.40 -64.31 -4.71
N LEU C 25 2.25 -64.19 -3.69
CA LEU C 25 1.89 -64.47 -2.32
C LEU C 25 2.86 -63.82 -1.32
N LEU C 26 4.15 -64.10 -1.49
CA LEU C 26 5.17 -63.51 -0.63
C LEU C 26 5.42 -62.03 -0.95
N ARG C 27 4.81 -61.54 -2.03
CA ARG C 27 4.83 -60.12 -2.34
C ARG C 27 3.93 -59.32 -1.38
N GLY C 28 2.87 -59.97 -0.90
CA GLY C 28 1.90 -59.32 -0.02
C GLY C 28 2.17 -59.48 1.46
N ILE C 29 2.63 -60.66 1.87
CA ILE C 29 3.02 -60.92 3.25
C ILE C 29 4.08 -59.93 3.74
N TYR C 30 4.95 -59.53 2.81
CA TYR C 30 5.90 -58.46 3.06
C TYR C 30 5.18 -57.13 3.29
N ALA C 31 4.32 -56.73 2.38
CA ALA C 31 3.52 -55.51 2.57
C ALA C 31 2.39 -55.74 3.59
N LYS C 36 5.59 -64.09 10.11
CA LYS C 36 5.40 -64.76 11.40
C LYS C 36 3.93 -65.08 11.69
N PRO C 37 3.36 -66.08 10.96
CA PRO C 37 1.92 -66.39 11.04
C PRO C 37 1.61 -67.35 12.18
N SER C 38 0.86 -66.88 13.18
CA SER C 38 0.82 -67.57 14.48
C SER C 38 -0.56 -67.93 15.01
N ALA C 39 -1.56 -67.12 14.71
CA ALA C 39 -2.90 -67.33 15.26
C ALA C 39 -3.59 -68.55 14.65
N ILE C 40 -4.92 -68.51 14.60
CA ILE C 40 -5.70 -69.46 13.81
C ILE C 40 -5.06 -69.67 12.44
N GLN C 41 -4.13 -68.78 12.09
CA GLN C 41 -3.56 -68.70 10.75
C GLN C 41 -2.42 -69.69 10.50
N GLN C 42 -2.04 -70.42 11.54
CA GLN C 42 -1.06 -71.48 11.38
C GLN C 42 -1.70 -72.86 11.50
N ARG C 43 -2.81 -72.93 12.24
CA ARG C 43 -3.59 -74.16 12.32
C ARG C 43 -4.34 -74.44 11.02
N ALA C 44 -4.64 -73.38 10.27
CA ALA C 44 -5.41 -73.49 9.04
C ALA C 44 -4.58 -73.15 7.81
N ILE C 45 -3.30 -72.85 8.03
CA ILE C 45 -2.42 -72.36 6.96
C ILE C 45 -2.53 -73.20 5.68
N LEU C 46 -2.27 -74.50 5.78
CA LEU C 46 -2.37 -75.41 4.62
C LEU C 46 -3.75 -76.03 4.39
N PRO C 47 -4.45 -76.45 5.48
CA PRO C 47 -5.74 -77.12 5.38
C PRO C 47 -6.59 -76.79 4.15
N CYS C 48 -6.68 -75.52 3.79
CA CYS C 48 -7.53 -75.10 2.67
C CYS C 48 -6.78 -75.08 1.37
N ILE C 49 -5.46 -74.86 1.44
CA ILE C 49 -4.66 -74.54 0.26
C ILE C 49 -4.74 -75.64 -0.80
N LYS C 50 -5.12 -76.84 -0.36
CA LYS C 50 -5.47 -77.90 -1.29
C LYS C 50 -6.89 -77.67 -1.80
N GLY C 51 -7.87 -77.89 -0.92
CA GLY C 51 -9.27 -77.66 -1.25
C GLY C 51 -10.20 -78.28 -0.23
N TYR C 52 -9.80 -78.23 1.04
CA TYR C 52 -10.55 -78.90 2.11
C TYR C 52 -11.58 -77.97 2.74
N ASP C 53 -12.63 -78.58 3.30
CA ASP C 53 -13.62 -77.83 4.09
C ASP C 53 -13.13 -77.75 5.52
N VAL C 54 -13.05 -76.52 6.04
CA VAL C 54 -12.64 -76.30 7.44
C VAL C 54 -13.65 -75.45 8.21
N ILE C 55 -13.58 -75.53 9.54
CA ILE C 55 -14.46 -74.76 10.42
C ILE C 55 -13.73 -74.35 11.70
N ALA C 56 -13.43 -73.06 11.83
CA ALA C 56 -12.60 -72.53 12.92
C ALA C 56 -13.36 -71.65 13.90
N GLN C 57 -13.06 -71.80 15.18
CA GLN C 57 -13.64 -70.94 16.21
C GLN C 57 -12.61 -69.90 16.63
N ALA C 58 -12.82 -68.66 16.18
CA ALA C 58 -11.80 -67.62 16.30
C ALA C 58 -12.40 -66.22 16.36
N GLN C 59 -11.84 -65.38 17.24
CA GLN C 59 -12.14 -63.94 17.24
C GLN C 59 -11.57 -63.26 16.00
N SER C 60 -12.40 -62.51 15.30
CA SER C 60 -11.93 -61.76 14.13
C SER C 60 -11.16 -60.51 14.55
N GLY C 61 -9.84 -60.64 14.60
CA GLY C 61 -8.95 -59.50 14.52
C GLY C 61 -8.48 -59.44 13.09
N THR C 62 -7.42 -58.68 12.85
CA THR C 62 -6.85 -58.61 11.50
C THR C 62 -6.14 -59.92 11.11
N GLY C 63 -6.14 -60.90 12.01
CA GLY C 63 -5.46 -62.18 11.77
C GLY C 63 -6.34 -63.21 11.09
N LYS C 64 -7.42 -63.57 11.76
CA LYS C 64 -8.47 -64.44 11.22
C LYS C 64 -8.84 -64.07 9.78
N THR C 65 -9.15 -62.80 9.56
CA THR C 65 -9.57 -62.32 8.25
C THR C 65 -8.38 -62.16 7.29
N ALA C 66 -7.20 -62.58 7.72
CA ALA C 66 -6.02 -62.61 6.85
C ALA C 66 -5.76 -64.05 6.39
N THR C 67 -6.03 -64.99 7.30
CA THR C 67 -5.89 -66.41 7.04
C THR C 67 -6.43 -66.83 5.67
N PHE C 68 -7.76 -66.84 5.54
CA PHE C 68 -8.41 -67.36 4.33
C PHE C 68 -8.19 -66.47 3.12
N ALA C 69 -8.04 -65.17 3.37
CA ALA C 69 -7.66 -64.20 2.34
C ALA C 69 -6.48 -64.71 1.51
N ILE C 70 -5.57 -65.41 2.17
CA ILE C 70 -4.43 -66.03 1.53
C ILE C 70 -4.86 -67.18 0.62
N SER C 71 -5.54 -68.16 1.20
CA SER C 71 -5.99 -69.36 0.48
C SER C 71 -6.62 -68.97 -0.85
N ILE C 72 -7.59 -68.07 -0.77
CA ILE C 72 -8.38 -67.69 -1.93
C ILE C 72 -7.51 -67.24 -3.11
N LEU C 73 -6.47 -66.47 -2.80
CA LEU C 73 -5.60 -65.91 -3.85
C LEU C 73 -4.57 -66.92 -4.35
N GLN C 74 -4.23 -67.88 -3.50
CA GLN C 74 -3.33 -68.96 -3.88
C GLN C 74 -3.97 -69.90 -4.89
N GLN C 75 -5.24 -70.27 -4.65
CA GLN C 75 -5.95 -71.26 -5.46
C GLN C 75 -6.62 -70.65 -6.69
N ILE C 76 -6.16 -69.47 -7.09
CA ILE C 76 -6.79 -68.72 -8.19
C ILE C 76 -6.47 -69.30 -9.57
N GLU C 77 -7.09 -68.72 -10.60
CA GLU C 77 -6.60 -68.79 -11.97
C GLU C 77 -6.91 -67.49 -12.72
N LEU C 78 -5.87 -66.65 -12.85
CA LEU C 78 -6.00 -65.29 -13.40
C LEU C 78 -6.39 -65.24 -14.89
N ASP C 79 -7.11 -66.24 -15.37
CA ASP C 79 -7.48 -66.34 -16.79
C ASP C 79 -8.99 -66.41 -17.01
N LEU C 80 -9.73 -66.63 -15.93
CA LEU C 80 -11.19 -66.70 -15.97
C LEU C 80 -11.82 -65.33 -15.73
N THR C 83 -16.35 -65.11 -12.00
CA THR C 83 -15.81 -65.13 -10.64
C THR C 83 -15.73 -66.54 -10.10
N GLN C 84 -14.74 -66.78 -9.24
CA GLN C 84 -14.45 -68.13 -8.74
C GLN C 84 -14.41 -68.28 -7.20
N ALA C 85 -14.57 -67.19 -6.47
CA ALA C 85 -14.62 -67.23 -5.01
C ALA C 85 -15.72 -66.38 -4.41
N LEU C 86 -16.36 -66.93 -3.39
CA LEU C 86 -17.48 -66.25 -2.73
C LEU C 86 -17.31 -66.15 -1.20
N VAL C 87 -17.26 -64.91 -0.71
CA VAL C 87 -17.06 -64.65 0.71
C VAL C 87 -18.24 -63.84 1.24
N LEU C 88 -18.85 -64.33 2.31
CA LEU C 88 -19.99 -63.63 2.93
C LEU C 88 -19.63 -63.08 4.30
N ALA C 89 -20.01 -61.83 4.52
CA ALA C 89 -19.72 -61.15 5.76
C ALA C 89 -21.00 -60.54 6.28
N PRO C 90 -21.11 -60.38 7.61
CA PRO C 90 -22.33 -59.86 8.25
C PRO C 90 -22.75 -58.45 7.84
N THR C 91 -21.82 -57.65 7.33
CA THR C 91 -22.14 -56.26 6.97
C THR C 91 -21.41 -55.80 5.70
N ARG C 92 -21.91 -54.73 5.12
CA ARG C 92 -21.28 -54.10 3.95
C ARG C 92 -19.92 -53.48 4.32
N GLU C 93 -19.83 -52.87 5.49
CA GLU C 93 -18.56 -52.38 6.03
C GLU C 93 -17.46 -53.46 6.08
N LEU C 94 -17.73 -54.56 6.77
CA LEU C 94 -16.76 -55.66 6.84
C LEU C 94 -16.43 -56.26 5.48
N ALA C 95 -17.29 -56.02 4.50
CA ALA C 95 -17.15 -56.61 3.18
C ALA C 95 -16.13 -55.85 2.38
N GLN C 96 -16.05 -54.55 2.64
CA GLN C 96 -15.14 -53.66 1.92
C GLN C 96 -13.70 -53.80 2.43
N GLN C 97 -13.56 -53.90 3.75
CA GLN C 97 -12.26 -54.08 4.38
C GLN C 97 -11.63 -55.37 3.89
N ILE C 98 -12.38 -56.46 4.00
CA ILE C 98 -12.04 -57.69 3.30
C ILE C 98 -11.54 -57.38 1.88
N GLN C 99 -12.36 -56.71 1.06
CA GLN C 99 -12.01 -56.46 -0.35
C GLN C 99 -10.67 -55.75 -0.51
N LYS C 100 -10.42 -54.76 0.35
CA LYS C 100 -9.18 -54.00 0.33
C LYS C 100 -8.02 -54.91 0.70
N VAL C 101 -8.05 -55.39 1.95
CA VAL C 101 -7.13 -56.42 2.42
C VAL C 101 -6.81 -57.44 1.33
N VAL C 102 -7.83 -57.89 0.60
CA VAL C 102 -7.62 -58.91 -0.41
C VAL C 102 -6.87 -58.33 -1.60
N MET C 103 -7.44 -57.29 -2.22
CA MET C 103 -6.82 -56.64 -3.36
C MET C 103 -5.41 -56.15 -3.01
N ALA C 104 -5.18 -55.99 -1.70
CA ALA C 104 -3.89 -55.54 -1.16
C ALA C 104 -2.78 -56.58 -1.28
N LEU C 105 -3.01 -57.58 -2.12
CA LEU C 105 -2.03 -58.61 -2.41
C LEU C 105 -2.05 -58.89 -3.91
N GLY C 106 -2.05 -57.83 -4.71
CA GLY C 106 -2.13 -57.95 -6.17
C GLY C 106 -2.42 -56.63 -6.86
N CYS C 113 -11.22 -59.11 -7.45
CA CYS C 113 -11.98 -59.06 -6.21
C CYS C 113 -12.73 -57.74 -6.07
N HIS C 114 -14.05 -57.81 -5.89
CA HIS C 114 -14.88 -56.60 -5.94
C HIS C 114 -16.03 -56.61 -4.94
N ALA C 115 -16.01 -55.62 -4.05
CA ALA C 115 -16.99 -55.52 -2.98
C ALA C 115 -18.31 -54.96 -3.45
N CYS C 116 -19.38 -55.42 -2.81
CA CYS C 116 -20.74 -55.19 -3.28
C CYS C 116 -21.40 -54.00 -2.59
N ILE C 117 -21.49 -52.88 -3.29
CA ILE C 117 -22.32 -51.78 -2.81
C ILE C 117 -23.71 -51.79 -3.45
N GLY C 118 -24.68 -51.30 -2.69
CA GLY C 118 -26.01 -51.04 -3.20
C GLY C 118 -26.40 -49.59 -3.00
N GLY C 119 -25.40 -48.70 -3.03
CA GLY C 119 -25.65 -47.25 -2.94
C GLY C 119 -26.57 -46.82 -4.08
N THR C 120 -26.82 -45.52 -4.16
CA THR C 120 -27.57 -45.00 -5.31
C THR C 120 -26.80 -45.32 -6.62
N ASN C 121 -25.51 -45.64 -6.47
CA ASN C 121 -24.68 -46.13 -7.55
C ASN C 121 -24.74 -47.65 -7.67
N VAL C 122 -25.73 -48.16 -8.38
CA VAL C 122 -25.88 -49.60 -8.59
C VAL C 122 -26.00 -49.96 -10.06
N ARG C 123 -26.59 -49.08 -10.86
CA ARG C 123 -26.78 -49.35 -12.28
C ARG C 123 -25.48 -49.24 -13.07
N ALA C 124 -24.58 -48.38 -12.60
CA ALA C 124 -23.21 -48.28 -13.14
C ALA C 124 -22.36 -49.40 -12.55
N GLU C 125 -22.57 -49.65 -11.26
CA GLU C 125 -21.97 -50.78 -10.57
C GLU C 125 -22.19 -52.10 -11.30
N VAL C 126 -23.45 -52.43 -11.56
CA VAL C 126 -23.80 -53.72 -12.16
C VAL C 126 -23.53 -53.74 -13.67
N GLN C 127 -23.76 -52.62 -14.34
CA GLN C 127 -23.32 -52.42 -15.73
C GLN C 127 -21.84 -52.76 -15.82
N LYS C 128 -21.12 -52.38 -14.77
CA LYS C 128 -19.73 -52.74 -14.63
C LYS C 128 -19.58 -54.26 -14.53
N LEU C 129 -20.52 -54.90 -13.84
CA LEU C 129 -20.42 -56.33 -13.53
C LEU C 129 -20.94 -57.32 -14.60
N GLN C 130 -21.61 -56.82 -15.63
CA GLN C 130 -22.11 -57.68 -16.71
C GLN C 130 -21.03 -57.99 -17.75
N MET C 131 -20.42 -56.94 -18.28
CA MET C 131 -19.61 -57.02 -19.50
C MET C 131 -18.30 -57.80 -19.30
N GLU C 132 -17.61 -57.55 -18.19
CA GLU C 132 -16.27 -58.10 -18.02
C GLU C 132 -15.85 -58.18 -16.55
N ALA C 133 -16.80 -58.05 -15.64
CA ALA C 133 -16.43 -57.74 -14.26
C ALA C 133 -15.99 -58.91 -13.35
N PRO C 134 -16.82 -59.96 -13.25
CA PRO C 134 -16.63 -60.97 -12.19
C PRO C 134 -15.18 -61.47 -12.04
N HIS C 135 -14.54 -61.10 -10.93
CA HIS C 135 -13.16 -61.49 -10.66
C HIS C 135 -13.11 -62.40 -9.45
N ILE C 136 -13.13 -61.79 -8.27
CA ILE C 136 -13.55 -62.47 -7.03
C ILE C 136 -14.62 -61.59 -6.39
N ILE C 137 -15.43 -62.18 -5.50
CA ILE C 137 -16.56 -61.46 -4.93
C ILE C 137 -16.75 -61.68 -3.43
N VAL C 138 -17.15 -60.61 -2.74
CA VAL C 138 -17.48 -60.68 -1.33
C VAL C 138 -18.69 -59.76 -1.08
N GLY C 139 -19.56 -60.15 -0.15
CA GLY C 139 -20.72 -59.34 0.18
C GLY C 139 -21.50 -59.87 1.35
N THR C 140 -22.63 -59.20 1.64
CA THR C 140 -23.58 -59.72 2.59
C THR C 140 -24.37 -60.80 1.89
N PRO C 141 -24.95 -61.74 2.66
CA PRO C 141 -25.79 -62.80 2.09
C PRO C 141 -26.92 -62.24 1.25
N GLY C 142 -27.56 -61.18 1.74
CA GLY C 142 -28.74 -60.61 1.09
C GLY C 142 -28.46 -60.05 -0.29
N ARG C 143 -27.50 -59.14 -0.37
CA ARG C 143 -27.10 -58.56 -1.65
C ARG C 143 -26.59 -59.63 -2.62
N VAL C 144 -25.65 -60.44 -2.17
CA VAL C 144 -25.03 -61.44 -3.05
C VAL C 144 -26.11 -62.29 -3.66
N PHE C 145 -27.07 -62.71 -2.84
CA PHE C 145 -28.15 -63.54 -3.38
C PHE C 145 -28.85 -62.79 -4.51
N ASP C 146 -29.44 -61.64 -4.20
CA ASP C 146 -30.11 -60.80 -5.19
C ASP C 146 -29.36 -60.81 -6.52
N MET C 147 -28.03 -60.78 -6.44
CA MET C 147 -27.17 -60.66 -7.61
C MET C 147 -26.93 -61.98 -8.34
N LEU C 148 -26.90 -63.07 -7.57
CA LEU C 148 -26.88 -64.41 -8.16
C LEU C 148 -28.18 -64.64 -8.92
N ASN C 149 -29.30 -64.42 -8.25
CA ASN C 149 -30.61 -64.50 -8.88
C ASN C 149 -30.64 -63.72 -10.18
N ARG C 150 -30.57 -62.39 -10.06
CA ARG C 150 -30.60 -61.53 -11.22
C ARG C 150 -29.43 -61.84 -12.14
N ARG C 151 -28.81 -62.99 -11.92
CA ARG C 151 -27.84 -63.58 -12.85
C ARG C 151 -26.74 -62.59 -13.20
N TYR C 152 -26.73 -61.46 -12.50
CA TYR C 152 -25.62 -60.52 -12.50
C TYR C 152 -24.38 -61.26 -12.03
N LEU C 153 -24.60 -62.19 -11.11
CA LEU C 153 -23.54 -63.04 -10.64
C LEU C 153 -23.78 -64.48 -11.10
N SER C 154 -22.71 -65.10 -11.58
CA SER C 154 -22.78 -66.42 -12.19
C SER C 154 -22.24 -67.47 -11.22
N PRO C 155 -23.07 -68.45 -10.85
CA PRO C 155 -22.66 -69.52 -9.94
C PRO C 155 -21.69 -70.54 -10.57
N LYS C 156 -21.23 -70.26 -11.79
CA LYS C 156 -20.50 -71.23 -12.63
C LYS C 156 -19.27 -71.83 -11.95
N TYR C 157 -18.09 -71.41 -12.39
CA TYR C 157 -16.84 -71.90 -11.83
C TYR C 157 -16.48 -71.11 -10.58
N ILE C 158 -17.11 -71.46 -9.45
CA ILE C 158 -16.87 -70.83 -8.15
C ILE C 158 -16.62 -71.92 -7.12
N LYS C 159 -15.39 -72.40 -7.02
CA LYS C 159 -15.08 -73.58 -6.20
C LYS C 159 -14.72 -73.24 -4.74
N MET C 160 -14.98 -72.00 -4.35
CA MET C 160 -14.67 -71.56 -3.00
C MET C 160 -15.83 -70.81 -2.36
N PHE C 161 -16.21 -71.24 -1.17
CA PHE C 161 -17.33 -70.65 -0.42
C PHE C 161 -16.96 -70.37 1.04
N VAL C 162 -16.76 -69.09 1.35
CA VAL C 162 -16.33 -68.69 2.69
C VAL C 162 -17.48 -68.04 3.45
N LEU C 163 -17.67 -68.48 4.68
CA LEU C 163 -18.69 -67.95 5.56
C LEU C 163 -18.05 -67.21 6.72
N ASP C 164 -17.80 -65.91 6.54
CA ASP C 164 -17.12 -65.17 7.60
C ASP C 164 -18.06 -64.61 8.66
N GLU C 165 -17.67 -64.80 9.92
CA GLU C 165 -18.49 -64.49 11.07
C GLU C 165 -19.93 -64.98 10.91
N ALA C 166 -20.08 -66.30 10.99
CA ALA C 166 -21.37 -66.96 10.80
C ALA C 166 -22.36 -66.61 11.92
N ASP C 167 -21.89 -66.68 13.16
CA ASP C 167 -22.71 -66.29 14.32
C ASP C 167 -23.41 -64.96 14.08
N GLU C 168 -22.65 -63.99 13.57
CA GLU C 168 -23.13 -62.64 13.33
C GLU C 168 -24.10 -62.60 12.14
N MET C 169 -23.67 -63.17 11.01
CA MET C 169 -24.53 -63.35 9.85
C MET C 169 -25.88 -63.94 10.27
N LEU C 170 -25.83 -64.94 11.12
CA LEU C 170 -27.05 -65.63 11.51
C LEU C 170 -27.95 -64.77 12.37
N SER C 171 -27.41 -64.18 13.43
CA SER C 171 -28.22 -63.37 14.32
C SER C 171 -28.70 -62.09 13.65
N ARG C 172 -28.15 -61.77 12.49
CA ARG C 172 -28.67 -60.66 11.68
C ARG C 172 -29.81 -61.06 10.74
N GLY C 173 -30.21 -62.34 10.84
CA GLY C 173 -31.35 -62.87 10.09
C GLY C 173 -30.98 -63.22 8.68
N PHE C 174 -29.78 -63.77 8.49
CA PHE C 174 -29.31 -64.11 7.16
C PHE C 174 -29.48 -65.59 6.79
N LYS C 175 -30.10 -66.36 7.70
CA LYS C 175 -30.34 -67.79 7.50
C LYS C 175 -30.74 -68.16 6.06
N ASP C 176 -31.95 -67.82 5.67
CA ASP C 176 -32.46 -68.20 4.35
C ASP C 176 -31.40 -67.98 3.30
N GLN C 177 -30.93 -66.73 3.22
CA GLN C 177 -30.07 -66.31 2.13
C GLN C 177 -28.82 -67.18 2.03
N ILE C 178 -28.33 -67.66 3.16
CA ILE C 178 -27.13 -68.49 3.15
C ILE C 178 -27.43 -69.86 2.57
N TYR C 179 -28.57 -70.42 2.98
CA TYR C 179 -29.03 -71.68 2.43
C TYR C 179 -29.32 -71.58 0.94
N ASP C 180 -30.01 -70.51 0.55
CA ASP C 180 -30.39 -70.34 -0.83
C ASP C 180 -29.17 -70.22 -1.72
N ILE C 181 -28.15 -69.51 -1.24
CA ILE C 181 -26.95 -69.26 -2.04
C ILE C 181 -26.14 -70.54 -2.31
N PHE C 182 -26.25 -71.50 -1.40
CA PHE C 182 -25.59 -72.78 -1.62
C PHE C 182 -26.33 -73.68 -2.61
N GLN C 183 -27.65 -73.81 -2.41
CA GLN C 183 -28.50 -74.54 -3.36
C GLN C 183 -28.40 -73.95 -4.77
N LYS C 184 -27.54 -72.94 -4.91
CA LYS C 184 -27.28 -72.27 -6.18
C LYS C 184 -25.89 -72.64 -6.71
N LEU C 185 -25.14 -73.39 -5.91
CA LEU C 185 -23.77 -73.73 -6.29
C LEU C 185 -23.52 -75.22 -6.40
N ASN C 186 -22.48 -75.57 -7.15
CA ASN C 186 -22.13 -76.96 -7.38
C ASN C 186 -21.77 -77.64 -6.06
N SER C 187 -21.78 -78.98 -6.06
CA SER C 187 -21.57 -79.74 -4.83
C SER C 187 -20.09 -79.80 -4.47
N ASN C 188 -19.26 -79.64 -5.50
CA ASN C 188 -17.81 -79.78 -5.36
C ASN C 188 -17.18 -78.72 -4.45
N THR C 189 -17.90 -77.61 -4.27
CA THR C 189 -17.32 -76.37 -3.76
C THR C 189 -16.73 -76.47 -2.36
N GLN C 190 -15.60 -75.81 -2.17
CA GLN C 190 -14.96 -75.73 -0.88
C GLN C 190 -15.84 -74.87 0.03
N VAL C 191 -16.03 -75.30 1.27
CA VAL C 191 -16.80 -74.52 2.24
C VAL C 191 -16.04 -74.29 3.54
N VAL C 192 -15.69 -73.03 3.79
CA VAL C 192 -15.03 -72.63 5.03
C VAL C 192 -15.93 -71.71 5.85
N LEU C 193 -16.18 -72.07 7.09
CA LEU C 193 -16.95 -71.23 7.99
C LEU C 193 -16.10 -70.74 9.15
N LEU C 194 -16.15 -69.43 9.40
CA LEU C 194 -15.51 -68.86 10.58
C LEU C 194 -16.50 -68.17 11.49
N SER C 195 -16.29 -68.31 12.80
CA SER C 195 -17.17 -67.70 13.78
C SER C 195 -16.63 -67.77 15.20
N ALA C 196 -16.83 -66.68 15.95
CA ALA C 196 -16.33 -66.60 17.31
C ALA C 196 -17.07 -67.55 18.25
N THR C 197 -18.36 -67.75 17.99
CA THR C 197 -19.15 -68.66 18.80
C THR C 197 -19.96 -69.62 17.92
N MET C 198 -20.44 -70.70 18.54
CA MET C 198 -21.09 -71.77 17.81
C MET C 198 -22.39 -72.21 18.50
N PRO C 199 -23.47 -71.41 18.36
CA PRO C 199 -24.80 -71.88 18.73
C PRO C 199 -25.30 -72.96 17.77
N SER C 200 -26.51 -73.46 18.01
CA SER C 200 -27.04 -74.62 17.28
C SER C 200 -27.27 -74.36 15.80
N ASP C 201 -27.54 -73.11 15.48
CA ASP C 201 -27.74 -72.69 14.10
C ASP C 201 -26.44 -72.73 13.32
N VAL C 202 -25.32 -72.50 14.01
CA VAL C 202 -24.02 -72.52 13.35
C VAL C 202 -23.55 -73.96 13.15
N LEU C 203 -23.74 -74.80 14.16
CA LEU C 203 -23.52 -76.23 14.02
C LEU C 203 -24.29 -76.80 12.83
N GLU C 204 -25.58 -76.47 12.78
CA GLU C 204 -26.54 -76.98 11.79
C GLU C 204 -26.06 -76.84 10.34
N VAL C 205 -25.29 -75.79 10.08
CA VAL C 205 -24.86 -75.41 8.73
C VAL C 205 -23.62 -76.18 8.29
N THR C 206 -22.70 -76.38 9.23
CA THR C 206 -21.59 -77.29 9.03
C THR C 206 -22.11 -78.67 8.62
N LYS C 207 -23.07 -79.19 9.40
CA LYS C 207 -23.83 -80.38 9.06
C LYS C 207 -24.26 -80.43 7.60
N LYS C 208 -25.12 -79.49 7.23
CA LYS C 208 -25.86 -79.53 5.97
C LYS C 208 -25.02 -79.06 4.77
N PHE C 209 -23.85 -78.49 5.05
CA PHE C 209 -23.02 -77.89 4.01
C PHE C 209 -21.71 -78.65 3.77
N MET C 210 -21.10 -79.15 4.84
CA MET C 210 -19.79 -79.75 4.75
C MET C 210 -19.83 -81.26 4.96
N ARG C 211 -18.92 -81.98 4.30
CA ARG C 211 -18.69 -83.40 4.59
C ARG C 211 -17.28 -83.64 5.14
N ASP C 212 -17.22 -83.97 6.43
CA ASP C 212 -15.98 -84.25 7.16
C ASP C 212 -15.02 -83.05 7.28
N PRO C 213 -15.22 -82.24 8.32
CA PRO C 213 -14.61 -80.92 8.51
C PRO C 213 -13.41 -80.95 9.43
N ILE C 214 -12.61 -79.89 9.39
CA ILE C 214 -11.49 -79.76 10.33
C ILE C 214 -11.83 -78.75 11.41
N ARG C 215 -12.11 -79.24 12.61
CA ARG C 215 -12.50 -78.37 13.72
C ARG C 215 -11.29 -77.76 14.42
N ILE C 216 -11.13 -76.45 14.28
CA ILE C 216 -10.06 -75.71 14.94
C ILE C 216 -10.62 -74.93 16.14
N LEU C 217 -9.72 -74.41 16.98
CA LEU C 217 -10.10 -73.54 18.09
C LEU C 217 -8.86 -72.80 18.59
N VAL C 218 -8.87 -71.47 18.50
CA VAL C 218 -7.86 -70.63 19.15
C VAL C 218 -8.53 -69.47 19.89
N LYS C 219 -9.02 -69.74 21.10
CA LYS C 219 -9.92 -68.81 21.79
C LYS C 219 -9.21 -67.89 22.78
N LYS C 220 -9.99 -67.29 23.67
CA LYS C 220 -9.51 -66.47 24.81
C LYS C 220 -8.74 -65.21 24.40
N GLU C 221 -8.29 -65.16 23.14
CA GLU C 221 -7.43 -64.08 22.66
C GLU C 221 -8.16 -62.75 22.63
N ILE C 228 0.74 -53.12 31.01
CA ILE C 228 0.26 -51.96 30.27
C ILE C 228 -0.20 -50.85 31.22
N ARG C 229 0.65 -49.85 31.44
CA ARG C 229 0.36 -48.89 32.49
C ARG C 229 -0.45 -47.72 32.01
N GLN C 230 -1.41 -47.34 32.85
CA GLN C 230 -2.39 -46.34 32.47
C GLN C 230 -2.53 -45.29 33.55
N PHE C 231 -2.28 -44.05 33.17
CA PHE C 231 -2.36 -42.93 34.08
C PHE C 231 -3.33 -41.86 33.59
N TYR C 232 -3.55 -40.88 34.46
CA TYR C 232 -4.31 -39.69 34.10
C TYR C 232 -3.80 -38.47 34.85
N ILE C 233 -3.57 -37.39 34.14
CA ILE C 233 -3.24 -36.12 34.76
C ILE C 233 -4.51 -35.28 34.80
N ASN C 234 -4.44 -34.12 35.42
CA ASN C 234 -5.62 -33.28 35.56
C ASN C 234 -5.38 -31.81 35.18
N VAL C 235 -5.49 -31.53 33.89
CA VAL C 235 -5.44 -30.15 33.41
C VAL C 235 -6.75 -29.46 33.76
N GLU C 236 -6.69 -28.28 34.36
CA GLU C 236 -7.91 -27.68 34.87
C GLU C 236 -8.60 -26.85 33.82
N ARG C 237 -7.81 -26.18 33.00
CA ARG C 237 -8.34 -25.55 31.78
C ARG C 237 -7.99 -26.44 30.58
N GLU C 238 -8.92 -26.56 29.64
CA GLU C 238 -8.65 -27.36 28.46
C GLU C 238 -7.60 -26.76 27.54
N GLU C 239 -7.25 -25.49 27.76
CA GLU C 239 -6.10 -24.90 27.07
C GLU C 239 -4.80 -25.40 27.71
N TRP C 240 -4.88 -25.90 28.94
CA TRP C 240 -3.68 -26.39 29.63
C TRP C 240 -3.21 -27.70 29.00
N LYS C 241 -3.99 -28.22 28.06
CA LYS C 241 -3.73 -29.53 27.49
C LYS C 241 -2.53 -29.48 26.57
N LEU C 242 -2.48 -28.48 25.71
CA LEU C 242 -1.31 -28.33 24.86
C LEU C 242 -0.10 -28.16 25.73
N ASP C 243 -0.27 -27.44 26.83
CA ASP C 243 0.83 -27.20 27.73
C ASP C 243 1.34 -28.41 28.50
N THR C 244 0.45 -29.16 29.13
CA THR C 244 0.85 -30.41 29.79
C THR C 244 1.31 -31.46 28.78
N LEU C 245 1.09 -31.20 27.50
CA LEU C 245 1.61 -32.07 26.45
C LEU C 245 3.05 -31.72 26.05
N CYS C 246 3.46 -30.46 26.27
CA CYS C 246 4.84 -30.03 26.01
C CYS C 246 5.70 -30.11 27.26
N ASP C 247 5.05 -30.27 28.40
CA ASP C 247 5.72 -30.74 29.59
C ASP C 247 6.18 -32.17 29.37
N LEU C 248 5.22 -33.04 29.07
CA LEU C 248 5.49 -34.45 28.84
C LEU C 248 6.55 -34.67 27.77
N TYR C 249 6.60 -33.80 26.76
CA TYR C 249 7.56 -33.98 25.67
C TYR C 249 9.00 -33.88 26.17
N GLU C 250 9.28 -32.85 26.97
CA GLU C 250 10.59 -32.73 27.65
C GLU C 250 10.85 -34.02 28.41
N THR C 251 9.82 -34.47 29.14
CA THR C 251 9.93 -35.58 30.10
C THR C 251 9.67 -36.98 29.49
N LEU C 252 9.13 -37.01 28.27
CA LEU C 252 9.07 -38.27 27.48
C LEU C 252 10.33 -38.38 26.64
N THR C 253 10.51 -37.41 25.74
CA THR C 253 11.74 -37.26 24.97
C THR C 253 12.13 -38.56 24.25
N ILE C 254 11.18 -39.48 24.11
CA ILE C 254 11.34 -40.66 23.27
C ILE C 254 11.37 -40.20 21.80
N THR C 255 11.92 -41.03 20.91
CA THR C 255 11.69 -40.87 19.47
C THR C 255 10.47 -41.68 18.94
N GLN C 256 9.51 -41.95 19.84
CA GLN C 256 8.18 -42.48 19.45
C GLN C 256 7.04 -42.26 20.49
N ALA C 257 5.87 -41.85 20.00
CA ALA C 257 4.62 -41.74 20.78
C ALA C 257 3.41 -41.43 19.89
N VAL C 258 2.25 -42.03 20.22
CA VAL C 258 1.05 -41.70 19.46
C VAL C 258 -0.03 -40.97 20.26
N ILE C 259 -0.51 -39.88 19.67
CA ILE C 259 -1.45 -38.98 20.33
C ILE C 259 -2.83 -38.99 19.67
N PHE C 260 -3.81 -39.48 20.43
CA PHE C 260 -5.17 -39.60 19.97
C PHE C 260 -6.02 -38.42 20.35
N ILE C 261 -6.34 -37.61 19.35
CA ILE C 261 -7.35 -36.57 19.50
C ILE C 261 -8.60 -36.89 18.69
N ASN C 262 -9.71 -36.24 18.99
CA ASN C 262 -10.97 -36.75 18.53
C ASN C 262 -11.51 -36.27 17.20
N THR C 263 -10.94 -35.19 16.64
CA THR C 263 -11.48 -34.63 15.40
C THR C 263 -10.36 -34.21 14.47
N ARG C 264 -10.55 -34.42 13.17
CA ARG C 264 -9.65 -33.89 12.14
C ARG C 264 -9.15 -32.47 12.41
N ARG C 265 -10.04 -31.57 12.81
CA ARG C 265 -9.62 -30.18 12.90
C ARG C 265 -8.77 -29.97 14.13
N LYS C 266 -9.05 -30.72 15.18
CA LYS C 266 -8.22 -30.72 16.38
C LYS C 266 -6.84 -31.32 16.10
N VAL C 267 -6.78 -32.29 15.18
CA VAL C 267 -5.53 -32.94 14.81
C VAL C 267 -4.64 -31.91 14.15
N ASP C 268 -5.26 -31.15 13.26
CA ASP C 268 -4.53 -30.13 12.54
C ASP C 268 -4.15 -28.98 13.45
N TRP C 269 -5.10 -28.55 14.26
CA TRP C 269 -4.86 -27.52 15.21
C TRP C 269 -3.60 -27.84 15.97
N LEU C 270 -3.56 -29.00 16.60
CA LEU C 270 -2.52 -29.28 17.58
C LEU C 270 -1.19 -29.50 16.89
N THR C 271 -1.23 -29.97 15.65
CA THR C 271 -0.03 -30.17 14.87
C THR C 271 0.66 -28.84 14.63
N GLU C 272 -0.12 -27.85 14.25
CA GLU C 272 0.36 -26.49 14.12
C GLU C 272 0.95 -26.00 15.46
N LYS C 273 0.16 -26.08 16.53
CA LYS C 273 0.59 -25.64 17.83
C LYS C 273 1.91 -26.24 18.33
N MET C 274 2.40 -27.27 17.64
CA MET C 274 3.59 -27.98 18.04
C MET C 274 4.75 -27.38 17.31
N HIS C 275 4.63 -27.31 15.99
CA HIS C 275 5.60 -26.59 15.23
C HIS C 275 5.76 -25.21 15.82
N ALA C 276 4.66 -24.49 15.97
CA ALA C 276 4.68 -23.22 16.69
C ALA C 276 5.72 -23.26 17.82
N ARG C 277 5.75 -24.37 18.54
CA ARG C 277 6.56 -24.50 19.73
C ARG C 277 7.80 -25.32 19.47
N ASP C 278 8.18 -25.44 18.21
CA ASP C 278 9.46 -26.04 17.80
C ASP C 278 9.64 -27.51 18.16
N PHE C 279 8.55 -28.26 18.20
CA PHE C 279 8.65 -29.70 18.31
C PHE C 279 8.29 -30.29 16.97
N THR C 280 9.16 -31.16 16.46
CA THR C 280 8.85 -31.88 15.23
C THR C 280 7.78 -32.90 15.56
N VAL C 281 6.87 -33.11 14.60
CA VAL C 281 5.68 -33.93 14.82
C VAL C 281 5.06 -34.42 13.53
N SER C 282 4.36 -35.55 13.60
CA SER C 282 3.77 -36.17 12.42
C SER C 282 2.24 -36.24 12.53
N ALA C 283 1.56 -35.94 11.42
CA ALA C 283 0.11 -35.77 11.43
C ALA C 283 -0.63 -36.73 10.51
N MET C 284 -1.39 -37.63 11.11
CA MET C 284 -2.26 -38.52 10.35
C MET C 284 -3.72 -38.12 10.50
N HIS C 285 -4.26 -37.44 9.49
CA HIS C 285 -5.60 -36.88 9.58
C HIS C 285 -6.69 -37.80 9.02
N GLY C 286 -7.00 -37.65 7.73
CA GLY C 286 -8.11 -38.38 7.16
C GLY C 286 -8.50 -38.00 5.74
N ASP C 287 -8.03 -36.85 5.28
CA ASP C 287 -8.19 -36.52 3.88
C ASP C 287 -6.87 -36.74 3.15
N MET C 288 -5.87 -37.12 3.94
CA MET C 288 -4.68 -37.80 3.43
C MET C 288 -5.05 -39.23 3.06
N ASP C 289 -5.10 -39.49 1.76
CA ASP C 289 -5.38 -40.83 1.23
C ASP C 289 -4.26 -41.82 1.55
N GLN C 290 -4.53 -43.10 1.25
CA GLN C 290 -3.62 -44.21 1.55
C GLN C 290 -2.24 -44.15 0.85
N LYS C 291 -2.15 -43.36 -0.21
CA LYS C 291 -0.90 -43.15 -0.96
C LYS C 291 0.22 -42.71 -0.01
N GLU C 292 0.15 -41.45 0.45
CA GLU C 292 1.15 -40.89 1.34
C GLU C 292 0.82 -41.11 2.82
N ARG C 293 -0.29 -41.78 3.10
CA ARG C 293 -0.63 -42.14 4.47
C ARG C 293 0.46 -43.03 5.07
N ASP C 294 0.81 -44.10 4.35
CA ASP C 294 1.77 -45.08 4.83
C ASP C 294 3.21 -44.57 4.78
N VAL C 295 3.38 -43.39 4.19
CA VAL C 295 4.68 -42.69 4.12
C VAL C 295 5.34 -42.56 5.50
N ILE C 296 4.52 -42.52 6.55
CA ILE C 296 5.00 -42.25 7.91
C ILE C 296 5.35 -43.55 8.65
N MET C 297 4.41 -44.49 8.67
CA MET C 297 4.57 -45.77 9.33
C MET C 297 6.00 -46.33 9.22
N ARG C 298 6.43 -46.57 7.98
CA ARG C 298 7.78 -47.06 7.70
C ARG C 298 8.89 -46.21 8.31
N GLU C 299 8.70 -44.89 8.29
CA GLU C 299 9.66 -43.94 8.86
C GLU C 299 9.42 -43.75 10.36
N PHE C 300 8.22 -44.09 10.80
CA PHE C 300 7.85 -44.00 12.21
C PHE C 300 8.48 -45.16 12.99
N ARG C 301 8.65 -46.28 12.32
CA ARG C 301 9.32 -47.44 12.90
C ARG C 301 10.81 -47.15 13.08
N SER C 302 11.35 -46.26 12.25
CA SER C 302 12.77 -45.93 12.28
C SER C 302 13.14 -45.04 13.47
N GLY C 303 12.12 -44.47 14.10
CA GLY C 303 12.34 -43.49 15.17
C GLY C 303 12.55 -42.10 14.61
N SER C 304 12.29 -41.95 13.31
CA SER C 304 12.50 -40.70 12.57
C SER C 304 11.47 -39.62 12.95
N SER C 305 10.21 -39.87 12.62
CA SER C 305 9.11 -39.01 13.06
C SER C 305 8.88 -39.22 14.56
N ARG C 306 9.27 -38.22 15.34
CA ARG C 306 9.28 -38.32 16.80
C ARG C 306 7.92 -38.71 17.40
N VAL C 307 6.88 -37.96 17.01
CA VAL C 307 5.55 -38.19 17.56
C VAL C 307 4.50 -38.19 16.46
N LEU C 308 3.47 -39.02 16.65
CA LEU C 308 2.45 -39.23 15.64
C LEU C 308 1.06 -38.88 16.18
N ILE C 309 0.46 -37.88 15.55
CA ILE C 309 -0.85 -37.39 15.98
C ILE C 309 -1.95 -37.94 15.07
N THR C 310 -2.96 -38.56 15.69
CA THR C 310 -3.98 -39.23 14.91
C THR C 310 -5.35 -39.27 15.60
N THR C 311 -6.40 -39.41 14.80
CA THR C 311 -7.69 -39.83 15.31
C THR C 311 -7.74 -41.35 15.27
N ASP C 312 -8.53 -41.95 16.16
CA ASP C 312 -8.65 -43.41 16.16
C ASP C 312 -9.48 -43.89 14.97
N LEU C 313 -9.97 -42.93 14.19
CA LEU C 313 -10.57 -43.23 12.89
C LEU C 313 -9.52 -43.88 11.99
N LEU C 314 -8.74 -43.08 11.27
CA LEU C 314 -7.73 -43.62 10.36
C LEU C 314 -6.64 -44.41 11.10
N ALA C 315 -6.96 -44.83 12.31
CA ALA C 315 -6.36 -46.01 12.88
C ALA C 315 -6.82 -47.21 12.08
N ARG C 316 -7.54 -46.92 10.98
CA ARG C 316 -7.84 -47.90 9.93
C ARG C 316 -6.64 -48.81 9.72
N GLY C 317 -5.52 -48.20 9.35
CA GLY C 317 -4.22 -48.89 9.30
C GLY C 317 -3.20 -48.22 10.19
N ILE C 318 -3.00 -48.79 11.38
CA ILE C 318 -1.98 -48.31 12.30
C ILE C 318 -1.23 -49.45 12.99
N ASP C 319 -0.04 -49.14 13.49
CA ASP C 319 0.77 -50.11 14.23
C ASP C 319 1.03 -49.70 15.70
N VAL C 320 0.07 -49.97 16.57
CA VAL C 320 0.25 -49.74 18.01
C VAL C 320 0.92 -50.96 18.67
N GLN C 321 2.08 -51.32 18.13
CA GLN C 321 2.90 -52.41 18.64
C GLN C 321 4.26 -51.86 19.10
N GLN C 322 5.00 -51.27 18.17
CA GLN C 322 6.30 -50.63 18.43
C GLN C 322 6.11 -49.28 19.11
N VAL C 323 4.95 -49.08 19.73
CA VAL C 323 4.60 -47.80 20.32
C VAL C 323 4.53 -47.93 21.85
N SER C 324 5.58 -47.45 22.50
CA SER C 324 5.74 -47.67 23.94
C SER C 324 4.93 -46.67 24.75
N LEU C 325 4.27 -45.74 24.05
CA LEU C 325 3.57 -44.63 24.71
C LEU C 325 2.35 -44.18 23.91
N VAL C 326 1.23 -44.03 24.60
CA VAL C 326 -0.01 -43.57 23.98
C VAL C 326 -0.70 -42.49 24.79
N ILE C 327 -0.88 -41.32 24.21
CA ILE C 327 -1.60 -40.25 24.90
C ILE C 327 -3.00 -40.00 24.36
N ASN C 328 -3.98 -40.30 25.20
CA ASN C 328 -5.36 -39.92 24.97
C ASN C 328 -5.59 -38.49 25.33
N TYR C 329 -5.31 -37.60 24.39
CA TYR C 329 -5.52 -36.18 24.55
C TYR C 329 -7.02 -35.88 24.66
N ASP C 330 -7.82 -36.64 23.93
CA ASP C 330 -9.24 -36.73 24.21
C ASP C 330 -9.54 -38.16 24.62
N LEU C 331 -10.39 -38.34 25.62
CA LEU C 331 -10.86 -39.67 26.02
C LEU C 331 -11.74 -40.23 24.91
N PRO C 332 -11.61 -41.54 24.62
CA PRO C 332 -12.54 -42.16 23.67
C PRO C 332 -13.93 -42.14 24.26
N THR C 333 -14.93 -41.78 23.45
CA THR C 333 -16.29 -41.65 23.95
C THR C 333 -16.97 -43.00 23.96
N ASN C 334 -16.28 -44.01 23.44
CA ASN C 334 -16.79 -45.38 23.44
C ASN C 334 -15.76 -46.36 24.01
N ARG C 335 -16.07 -46.94 25.18
CA ARG C 335 -15.22 -47.95 25.81
C ARG C 335 -14.50 -48.81 24.78
N GLU C 336 -15.27 -49.50 23.96
CA GLU C 336 -14.73 -50.46 23.01
C GLU C 336 -13.67 -49.86 22.09
N ASN C 337 -13.70 -48.55 21.91
CA ASN C 337 -12.64 -47.86 21.18
C ASN C 337 -11.41 -47.68 22.03
N TYR C 338 -11.62 -47.54 23.33
CA TYR C 338 -10.53 -47.34 24.25
C TYR C 338 -9.48 -48.45 24.11
N ILE C 339 -9.98 -49.66 23.82
CA ILE C 339 -9.13 -50.83 23.69
C ILE C 339 -8.43 -50.87 22.33
N HIS C 340 -8.99 -50.18 21.36
CA HIS C 340 -8.43 -50.15 20.02
C HIS C 340 -7.32 -49.12 19.92
N ARG C 341 -7.23 -48.27 20.93
CA ARG C 341 -6.19 -47.27 20.98
C ARG C 341 -4.94 -47.78 21.71
N ILE C 342 -5.15 -48.25 22.95
CA ILE C 342 -4.03 -48.65 23.81
C ILE C 342 -3.13 -49.72 23.16
N GLY C 343 -3.72 -50.64 22.42
CA GLY C 343 -2.95 -51.57 21.56
C GLY C 343 -2.92 -52.99 22.08
N GLY C 349 3.97 -60.75 22.84
CA GLY C 349 4.46 -59.89 23.91
C GLY C 349 3.73 -58.56 23.97
N ARG C 350 3.77 -57.92 25.16
CA ARG C 350 3.11 -56.64 25.40
C ARG C 350 4.02 -55.73 26.23
N LYS C 351 4.06 -54.44 25.87
CA LYS C 351 4.87 -53.43 26.58
C LYS C 351 4.62 -52.00 26.11
N GLY C 352 3.75 -51.29 26.82
CA GLY C 352 3.43 -49.89 26.50
C GLY C 352 2.74 -49.17 27.66
N VAL C 353 2.67 -47.84 27.57
CA VAL C 353 2.02 -47.04 28.61
C VAL C 353 0.91 -46.17 28.04
N ALA C 354 -0.04 -45.79 28.87
CA ALA C 354 -1.15 -44.97 28.43
C ALA C 354 -1.43 -43.77 29.33
N ILE C 355 -1.32 -42.57 28.80
CA ILE C 355 -1.62 -41.39 29.59
C ILE C 355 -2.88 -40.66 29.09
N ASN C 356 -3.77 -40.37 30.04
CA ASN C 356 -5.06 -39.78 29.74
C ASN C 356 -5.18 -38.36 30.31
N MET C 357 -5.59 -37.42 29.49
CA MET C 357 -5.79 -36.08 29.97
C MET C 357 -7.27 -35.86 30.22
N VAL C 358 -7.58 -35.28 31.38
CA VAL C 358 -8.96 -35.07 31.78
C VAL C 358 -9.19 -33.62 32.18
N THR C 359 -10.39 -33.11 31.90
CA THR C 359 -10.79 -31.78 32.31
C THR C 359 -11.89 -31.84 33.37
N GLU C 360 -12.10 -30.72 34.05
CA GLU C 360 -12.98 -30.69 35.21
C GLU C 360 -14.44 -30.98 34.86
N GLU C 361 -14.75 -31.08 33.57
CA GLU C 361 -16.08 -31.50 33.10
C GLU C 361 -16.03 -32.84 32.36
N ASP C 362 -14.81 -33.33 32.18
CA ASP C 362 -14.60 -34.68 31.65
C ASP C 362 -14.61 -35.69 32.78
N LYS C 363 -14.34 -35.23 34.00
CA LYS C 363 -14.07 -36.13 35.12
C LYS C 363 -15.28 -36.92 35.60
N ARG C 364 -16.44 -36.26 35.61
CA ARG C 364 -17.73 -36.94 35.85
C ARG C 364 -17.73 -38.33 35.23
N THR C 365 -17.33 -38.40 33.96
CA THR C 365 -17.68 -39.52 33.10
C THR C 365 -16.49 -40.42 32.72
N LEU C 366 -15.34 -40.22 33.35
CA LEU C 366 -14.21 -41.15 33.17
C LEU C 366 -14.28 -42.31 34.16
N ARG C 367 -14.60 -42.01 35.41
CA ARG C 367 -14.77 -43.07 36.38
C ARG C 367 -15.80 -44.07 35.86
N ASP C 368 -16.54 -43.66 34.83
CA ASP C 368 -17.43 -44.55 34.08
C ASP C 368 -16.68 -45.61 33.26
N ILE C 369 -15.48 -45.29 32.77
CA ILE C 369 -14.67 -46.29 32.07
C ILE C 369 -14.13 -47.32 33.07
N GLU C 370 -13.79 -46.85 34.26
CA GLU C 370 -13.47 -47.73 35.37
C GLU C 370 -14.76 -48.32 35.97
N THR C 371 -15.52 -49.04 35.15
CA THR C 371 -16.65 -49.88 35.57
C THR C 371 -16.81 -51.08 34.64
N PHE C 372 -16.54 -50.88 33.35
CA PHE C 372 -16.40 -52.02 32.43
C PHE C 372 -14.99 -52.59 32.51
N TYR C 373 -14.10 -51.87 33.20
CA TYR C 373 -12.72 -52.31 33.38
C TYR C 373 -12.33 -52.33 34.86
N ASN C 374 -12.21 -53.53 35.41
CA ASN C 374 -11.69 -53.70 36.76
C ASN C 374 -10.16 -53.59 36.82
N THR C 375 -9.56 -53.18 35.70
CA THR C 375 -8.15 -52.82 35.63
C THR C 375 -7.97 -51.30 35.77
N SER C 376 -7.18 -50.90 36.77
CA SER C 376 -7.17 -49.52 37.26
C SER C 376 -6.51 -48.50 36.33
N ILE C 377 -6.84 -47.23 36.54
CA ILE C 377 -6.11 -46.11 35.94
C ILE C 377 -5.74 -45.12 37.04
N GLU C 378 -4.45 -45.00 37.29
CA GLU C 378 -3.95 -44.35 38.49
C GLU C 378 -3.64 -42.88 38.24
N GLU C 379 -3.66 -42.08 39.30
CA GLU C 379 -3.27 -40.67 39.24
C GLU C 379 -1.86 -40.53 38.67
N MET C 380 -1.56 -39.36 38.13
CA MET C 380 -0.22 -39.06 37.65
C MET C 380 0.77 -38.95 38.80
N MET D 1 54.52 24.57 1.59
CA MET D 1 53.82 24.93 0.31
C MET D 1 53.02 23.75 -0.30
N GLU D 2 51.85 24.06 -0.86
CA GLU D 2 50.91 23.03 -1.30
C GLU D 2 50.74 22.89 -2.83
N GLY D 3 50.57 21.66 -3.28
CA GLY D 3 50.53 21.37 -4.69
C GLY D 3 49.13 21.27 -5.23
N VAL D 4 49.01 21.42 -6.54
CA VAL D 4 47.75 21.23 -7.20
C VAL D 4 48.10 20.75 -8.59
N ILE D 5 47.30 19.84 -9.12
CA ILE D 5 47.29 19.60 -10.53
C ILE D 5 46.17 20.49 -11.06
N GLU D 6 46.49 21.45 -11.94
CA GLU D 6 45.46 22.22 -12.65
C GLU D 6 45.17 21.65 -14.02
N SER D 7 43.89 21.68 -14.39
CA SER D 7 43.47 21.38 -15.73
C SER D 7 42.54 22.47 -16.29
N ASN D 8 42.62 22.65 -17.61
CA ASN D 8 41.78 23.59 -18.36
C ASN D 8 40.52 22.94 -18.97
N TRP D 9 39.57 23.79 -19.38
CA TRP D 9 38.20 23.41 -19.78
C TRP D 9 38.06 22.10 -20.58
N ASN D 10 37.92 20.99 -19.85
CA ASN D 10 38.03 19.65 -20.43
C ASN D 10 37.86 19.58 -21.95
N GLU D 11 38.98 19.55 -22.66
CA GLU D 11 38.98 19.46 -24.13
C GLU D 11 38.60 18.05 -24.59
N ILE D 12 38.54 17.12 -23.65
CA ILE D 12 38.11 15.75 -23.91
C ILE D 12 36.61 15.67 -24.25
N VAL D 13 36.01 16.83 -24.53
CA VAL D 13 34.64 16.92 -25.01
C VAL D 13 34.68 17.44 -26.45
N GLN D 42 35.80 7.67 -30.93
CA GLN D 42 36.56 6.42 -30.91
C GLN D 42 36.82 5.93 -29.48
N ARG D 43 37.91 5.16 -29.33
CA ARG D 43 38.49 4.86 -28.02
C ARG D 43 38.96 6.14 -27.31
N ALA D 44 39.08 6.06 -25.99
CA ALA D 44 39.57 7.19 -25.19
C ALA D 44 39.92 6.71 -23.80
N ILE D 45 41.15 6.23 -23.62
CA ILE D 45 41.67 6.12 -22.28
C ILE D 45 42.15 7.51 -21.86
N LEU D 46 41.45 8.06 -20.86
CA LEU D 46 41.89 9.21 -20.08
C LEU D 46 42.85 8.69 -19.02
N PRO D 47 43.45 9.62 -18.25
CA PRO D 47 44.23 9.30 -17.06
C PRO D 47 43.49 8.41 -16.06
N CYS D 48 44.25 7.60 -15.37
CA CYS D 48 43.67 6.76 -14.40
C CYS D 48 44.42 6.84 -13.08
N ILE D 49 43.79 7.47 -12.09
CA ILE D 49 44.44 7.66 -10.82
C ILE D 49 44.09 6.53 -9.87
N LYS D 50 44.96 5.55 -9.71
CA LYS D 50 44.77 4.44 -8.77
C LYS D 50 45.31 4.81 -7.44
N GLY D 51 44.70 4.32 -6.36
CA GLY D 51 45.27 4.43 -5.03
C GLY D 51 45.00 5.78 -4.39
N TYR D 52 45.47 6.88 -4.97
CA TYR D 52 45.54 8.11 -4.23
C TYR D 52 44.14 8.61 -3.93
N ASP D 53 43.91 9.01 -2.70
CA ASP D 53 42.84 9.91 -2.40
C ASP D 53 42.90 11.16 -3.25
N VAL D 54 41.76 11.69 -3.71
CA VAL D 54 41.74 12.85 -4.60
C VAL D 54 40.81 13.95 -4.09
N ILE D 55 41.16 15.20 -4.30
CA ILE D 55 40.20 16.24 -3.99
C ILE D 55 40.05 17.12 -5.23
N ALA D 56 38.94 17.01 -5.95
CA ALA D 56 38.84 17.69 -7.21
C ALA D 56 37.83 18.78 -7.08
N GLN D 57 38.23 20.03 -7.32
CA GLN D 57 37.25 21.09 -7.48
C GLN D 57 36.88 21.24 -8.97
N ALA D 58 35.64 20.90 -9.26
CA ALA D 58 35.11 20.89 -10.61
C ALA D 58 33.67 21.35 -10.52
N GLN D 59 33.19 21.97 -11.58
CA GLN D 59 31.81 22.42 -11.61
C GLN D 59 30.78 21.28 -11.57
N SER D 60 29.71 21.53 -10.80
CA SER D 60 28.45 20.76 -10.83
C SER D 60 28.14 20.25 -12.21
N GLY D 61 27.84 18.96 -12.29
CA GLY D 61 27.49 18.35 -13.56
C GLY D 61 28.68 17.73 -14.25
N THR D 62 29.77 17.50 -13.52
CA THR D 62 30.83 16.66 -14.12
C THR D 62 30.47 15.17 -13.99
N GLY D 63 29.49 14.90 -13.15
CA GLY D 63 29.10 13.55 -12.85
C GLY D 63 28.52 13.01 -14.14
N LYS D 64 27.69 13.82 -14.78
CA LYS D 64 27.07 13.42 -16.03
C LYS D 64 28.08 13.40 -17.17
N THR D 65 29.29 13.92 -16.93
CA THR D 65 30.28 14.06 -18.00
C THR D 65 30.96 12.71 -18.21
N ALA D 66 31.00 12.28 -19.48
CA ALA D 66 31.60 11.00 -19.89
C ALA D 66 32.98 10.76 -19.28
N THR D 67 33.70 11.86 -19.07
CA THR D 67 34.92 11.82 -18.29
C THR D 67 34.74 11.14 -16.96
N PHE D 68 33.74 11.58 -16.21
CA PHE D 68 33.48 11.06 -14.90
C PHE D 68 33.44 9.52 -14.86
N ALA D 69 32.62 8.98 -15.76
CA ALA D 69 32.44 7.54 -15.85
C ALA D 69 33.78 6.86 -16.04
N ILE D 70 34.62 7.43 -16.92
CA ILE D 70 35.86 6.75 -17.36
C ILE D 70 36.79 6.61 -16.19
N SER D 71 37.10 7.76 -15.60
CA SER D 71 37.69 7.80 -14.27
C SER D 71 37.43 6.48 -13.51
N ILE D 72 36.13 6.17 -13.31
CA ILE D 72 35.74 4.98 -12.51
C ILE D 72 35.86 3.67 -13.28
N LEU D 73 35.29 3.66 -14.49
CA LEU D 73 35.00 2.42 -15.17
C LEU D 73 36.25 1.61 -15.30
N GLN D 74 37.37 2.28 -15.49
CA GLN D 74 38.55 1.57 -15.85
C GLN D 74 39.30 0.94 -14.70
N GLN D 75 38.76 0.99 -13.48
CA GLN D 75 39.38 0.18 -12.42
C GLN D 75 38.55 -1.00 -11.97
N ILE D 76 37.48 -1.29 -12.66
CA ILE D 76 36.74 -2.46 -12.26
C ILE D 76 37.37 -3.79 -12.69
N GLU D 77 37.46 -4.73 -11.76
CA GLU D 77 37.68 -6.11 -12.12
C GLU D 77 36.39 -6.67 -12.72
N LEU D 78 36.20 -6.45 -14.00
CA LEU D 78 34.97 -6.86 -14.67
C LEU D 78 34.60 -8.34 -14.51
N ASP D 79 35.35 -9.10 -13.73
CA ASP D 79 34.93 -10.47 -13.50
C ASP D 79 34.65 -10.71 -12.07
N LEU D 80 34.88 -9.72 -11.22
CA LEU D 80 34.44 -9.82 -9.83
C LEU D 80 32.96 -9.48 -9.80
N LYS D 81 32.14 -10.46 -9.43
CA LYS D 81 30.70 -10.23 -9.38
C LYS D 81 30.39 -9.55 -8.06
N ALA D 82 30.99 -8.38 -7.83
CA ALA D 82 30.87 -7.63 -6.56
C ALA D 82 30.89 -6.13 -6.77
N THR D 83 30.46 -5.39 -5.74
CA THR D 83 30.38 -3.96 -5.87
C THR D 83 31.74 -3.40 -5.51
N GLN D 84 32.33 -2.64 -6.44
CA GLN D 84 33.72 -2.19 -6.22
C GLN D 84 33.87 -0.67 -6.20
N ALA D 85 32.80 0.04 -6.59
CA ALA D 85 32.79 1.47 -6.59
C ALA D 85 31.52 1.97 -5.94
N LEU D 86 31.60 3.09 -5.26
CA LEU D 86 30.42 3.62 -4.63
C LEU D 86 30.36 5.14 -4.87
N VAL D 87 29.33 5.64 -5.55
CA VAL D 87 29.29 7.07 -5.87
C VAL D 87 28.12 7.74 -5.15
N LEU D 88 28.36 8.71 -4.27
CA LEU D 88 27.23 9.42 -3.75
C LEU D 88 26.91 10.74 -4.46
N ALA D 89 25.62 11.05 -4.56
CA ALA D 89 25.14 12.21 -5.31
C ALA D 89 24.09 12.98 -4.49
N PRO D 90 23.90 14.26 -4.74
CA PRO D 90 22.97 14.86 -3.80
C PRO D 90 21.50 14.45 -4.03
N THR D 91 21.14 13.94 -5.22
CA THR D 91 19.74 13.60 -5.49
C THR D 91 19.62 12.37 -6.40
N ARG D 92 18.44 11.73 -6.33
CA ARG D 92 18.13 10.60 -7.21
C ARG D 92 18.25 10.97 -8.66
N GLU D 93 17.76 12.15 -9.01
CA GLU D 93 17.91 12.53 -10.39
C GLU D 93 19.36 12.50 -10.77
N LEU D 94 20.18 13.22 -10.02
CA LEU D 94 21.60 13.25 -10.37
C LEU D 94 22.13 11.83 -10.36
N ALA D 95 21.76 11.07 -9.34
CA ALA D 95 22.16 9.69 -9.32
C ALA D 95 21.85 9.00 -10.67
N GLN D 96 20.68 9.26 -11.27
CA GLN D 96 20.28 8.59 -12.52
C GLN D 96 21.05 9.08 -13.73
N GLN D 97 21.25 10.38 -13.79
CA GLN D 97 22.14 10.94 -14.79
C GLN D 97 23.47 10.19 -14.75
N ILE D 98 24.15 10.21 -13.61
CA ILE D 98 25.43 9.53 -13.54
C ILE D 98 25.30 8.12 -14.02
N GLN D 99 24.29 7.40 -13.58
CA GLN D 99 24.16 6.02 -14.03
C GLN D 99 24.02 5.88 -15.56
N LYS D 100 23.05 6.56 -16.14
CA LYS D 100 22.87 6.60 -17.60
C LYS D 100 24.24 6.69 -18.28
N VAL D 101 24.96 7.74 -17.95
CA VAL D 101 26.26 8.00 -18.50
C VAL D 101 27.28 6.88 -18.28
N VAL D 102 27.27 6.26 -17.11
CA VAL D 102 28.20 5.16 -16.83
C VAL D 102 27.89 3.97 -17.73
N MET D 103 26.63 3.56 -17.79
CA MET D 103 26.25 2.45 -18.63
C MET D 103 26.41 2.77 -20.11
N ALA D 104 26.18 4.04 -20.48
CA ALA D 104 26.38 4.49 -21.86
C ALA D 104 27.75 4.00 -22.34
N LEU D 105 28.77 4.19 -21.51
CA LEU D 105 30.09 3.62 -21.76
C LEU D 105 30.28 2.29 -21.05
N GLY D 106 29.17 1.72 -20.59
CA GLY D 106 29.24 0.64 -19.65
C GLY D 106 29.04 -0.69 -20.33
N ASP D 107 27.92 -0.80 -21.04
CA ASP D 107 27.46 -2.09 -21.53
C ASP D 107 28.62 -2.79 -22.17
N TYR D 108 29.32 -2.08 -23.06
CA TYR D 108 30.40 -2.66 -23.83
C TYR D 108 31.35 -3.48 -22.96
N MET D 109 32.19 -2.78 -22.19
CA MET D 109 33.08 -3.47 -21.29
C MET D 109 32.38 -4.64 -20.59
N GLY D 110 31.10 -4.49 -20.27
CA GLY D 110 30.41 -5.47 -19.43
C GLY D 110 30.41 -5.02 -17.98
N ALA D 111 30.63 -3.73 -17.79
CA ALA D 111 30.49 -3.15 -16.47
C ALA D 111 29.00 -2.97 -16.17
N SER D 112 28.60 -3.29 -14.94
CA SER D 112 27.24 -3.01 -14.46
C SER D 112 27.22 -1.85 -13.48
N CYS D 113 26.21 -0.99 -13.61
CA CYS D 113 26.08 0.14 -12.71
C CYS D 113 24.62 0.45 -12.49
N HIS D 114 24.19 0.38 -11.22
CA HIS D 114 22.82 0.68 -10.80
C HIS D 114 22.72 1.92 -9.92
N ALA D 115 21.59 2.64 -10.04
CA ALA D 115 21.33 3.86 -9.31
C ALA D 115 20.17 3.67 -8.34
N CYS D 116 20.42 3.27 -7.10
CA CYS D 116 19.37 3.17 -6.09
C CYS D 116 18.41 4.32 -6.07
N ILE D 117 17.15 4.01 -6.31
CA ILE D 117 16.13 4.98 -6.66
C ILE D 117 14.88 4.83 -5.79
N GLY D 118 14.70 3.64 -5.22
CA GLY D 118 13.46 3.31 -4.53
C GLY D 118 12.20 3.46 -5.37
N GLY D 119 11.08 3.78 -4.71
CA GLY D 119 9.81 3.96 -5.40
C GLY D 119 8.95 2.72 -5.33
N THR D 120 7.98 2.62 -6.21
CA THR D 120 7.03 1.52 -6.13
C THR D 120 7.80 0.23 -6.39
N ASN D 121 8.92 0.34 -7.08
CA ASN D 121 9.71 -0.83 -7.41
C ASN D 121 10.89 -1.26 -6.54
N VAL D 122 10.92 -0.76 -5.30
CA VAL D 122 11.97 -1.15 -4.41
C VAL D 122 12.21 -2.63 -4.41
N ARG D 123 11.16 -3.41 -4.19
CA ARG D 123 11.42 -4.80 -3.88
C ARG D 123 12.32 -5.37 -4.95
N ALA D 124 12.07 -5.00 -6.21
CA ALA D 124 12.86 -5.56 -7.29
C ALA D 124 14.28 -4.99 -7.29
N GLU D 125 14.39 -3.67 -7.12
CA GLU D 125 15.67 -3.00 -6.99
C GLU D 125 16.51 -3.85 -6.03
N VAL D 126 15.98 -4.01 -4.83
CA VAL D 126 16.72 -4.56 -3.73
C VAL D 126 17.02 -6.05 -3.91
N GLN D 127 16.18 -6.79 -4.64
CA GLN D 127 16.55 -8.14 -5.01
C GLN D 127 17.75 -8.18 -5.96
N LYS D 128 17.74 -7.30 -6.97
CA LYS D 128 18.86 -7.14 -7.89
C LYS D 128 20.19 -6.92 -7.14
N LEU D 129 20.33 -5.76 -6.50
CA LEU D 129 21.48 -5.51 -5.65
C LEU D 129 21.99 -6.81 -5.02
N GLN D 130 21.08 -7.56 -4.42
CA GLN D 130 21.43 -8.81 -3.75
C GLN D 130 21.82 -9.93 -4.71
N MET D 131 21.10 -10.09 -5.80
CA MET D 131 21.40 -11.18 -6.72
C MET D 131 22.61 -10.90 -7.63
N GLU D 132 22.85 -9.62 -7.90
CA GLU D 132 23.70 -9.21 -9.00
C GLU D 132 24.83 -8.26 -8.63
N ALA D 133 24.92 -7.88 -7.36
CA ALA D 133 25.92 -6.88 -6.85
C ALA D 133 26.61 -6.08 -7.92
N PRO D 134 25.92 -5.06 -8.45
CA PRO D 134 26.44 -4.32 -9.58
C PRO D 134 27.86 -3.80 -9.27
N HIS D 135 28.66 -3.57 -10.29
CA HIS D 135 30.01 -3.10 -10.05
C HIS D 135 30.01 -1.70 -9.47
N ILE D 136 29.06 -0.89 -9.90
CA ILE D 136 29.08 0.48 -9.49
C ILE D 136 27.71 0.80 -8.92
N ILE D 137 27.65 1.34 -7.69
CA ILE D 137 26.42 1.79 -7.13
C ILE D 137 26.37 3.30 -7.10
N VAL D 138 25.31 3.91 -7.57
CA VAL D 138 25.18 5.33 -7.29
C VAL D 138 23.84 5.63 -6.61
N GLY D 139 23.81 6.60 -5.69
CA GLY D 139 22.64 6.89 -4.93
C GLY D 139 23.01 7.97 -3.97
N THR D 140 22.02 8.59 -3.34
CA THR D 140 22.23 9.56 -2.27
C THR D 140 22.79 8.81 -1.06
N PRO D 141 23.48 9.52 -0.14
CA PRO D 141 24.04 8.91 1.05
C PRO D 141 23.00 8.15 1.86
N GLY D 142 21.85 8.79 2.09
CA GLY D 142 20.73 8.17 2.83
C GLY D 142 20.18 6.85 2.33
N ARG D 143 19.93 6.75 1.03
CA ARG D 143 19.49 5.49 0.49
C ARG D 143 20.61 4.49 0.52
N VAL D 144 21.84 4.93 0.15
CA VAL D 144 22.98 3.99 0.08
C VAL D 144 23.27 3.44 1.47
N PHE D 145 23.27 4.32 2.45
CA PHE D 145 23.52 3.85 3.80
C PHE D 145 22.52 2.77 4.20
N ASP D 146 21.26 3.07 3.99
CA ASP D 146 20.17 2.15 4.24
C ASP D 146 20.42 0.86 3.52
N MET D 147 20.81 0.94 2.24
CA MET D 147 21.16 -0.27 1.46
C MET D 147 22.22 -1.06 2.15
N LEU D 148 23.28 -0.38 2.60
CA LEU D 148 24.38 -1.05 3.26
C LEU D 148 23.93 -1.62 4.55
N ASN D 149 23.20 -0.83 5.31
CA ASN D 149 22.86 -1.18 6.69
C ASN D 149 21.89 -2.34 6.82
N ARG D 150 21.08 -2.59 5.78
CA ARG D 150 20.26 -3.78 5.73
C ARG D 150 20.98 -4.97 5.12
N ARG D 151 22.29 -4.89 4.97
CA ARG D 151 23.09 -5.91 4.28
C ARG D 151 22.65 -6.24 2.82
N TYR D 152 21.95 -5.31 2.15
CA TYR D 152 21.68 -5.46 0.71
C TYR D 152 22.90 -5.22 -0.19
N LEU D 153 23.68 -4.18 0.12
CA LEU D 153 24.97 -4.01 -0.51
C LEU D 153 25.97 -4.39 0.52
N SER D 154 27.12 -4.86 0.08
CA SER D 154 28.20 -5.28 0.95
C SER D 154 29.38 -4.35 0.69
N PRO D 155 30.11 -3.98 1.73
CA PRO D 155 31.21 -3.06 1.51
C PRO D 155 32.53 -3.79 1.22
N LYS D 156 32.57 -5.08 1.53
CA LYS D 156 33.74 -5.92 1.34
C LYS D 156 34.65 -5.50 0.13
N TYR D 157 34.11 -5.34 -1.07
CA TYR D 157 34.93 -5.11 -2.25
C TYR D 157 35.05 -3.65 -2.66
N ILE D 158 34.68 -2.74 -1.79
CA ILE D 158 34.60 -1.37 -2.24
C ILE D 158 35.95 -0.75 -2.16
N LYS D 159 36.61 -0.66 -3.30
CA LYS D 159 37.98 -0.16 -3.27
C LYS D 159 37.99 1.32 -3.67
N MET D 160 36.83 1.83 -4.08
CA MET D 160 36.67 3.23 -4.48
C MET D 160 35.41 3.96 -3.99
N PHE D 161 35.54 5.17 -3.50
CA PHE D 161 34.45 5.90 -2.89
C PHE D 161 34.34 7.37 -3.37
N VAL D 162 33.42 7.66 -4.26
CA VAL D 162 33.28 9.00 -4.79
C VAL D 162 32.16 9.78 -4.15
N LEU D 163 32.46 10.95 -3.64
CA LEU D 163 31.46 11.86 -3.17
C LEU D 163 31.23 12.94 -4.23
N ASP D 164 30.17 12.81 -5.01
CA ASP D 164 29.87 13.82 -6.03
C ASP D 164 29.20 15.07 -5.53
N GLU D 165 29.60 16.24 -6.06
CA GLU D 165 28.99 17.47 -5.64
C GLU D 165 28.89 17.53 -4.13
N ALA D 166 30.02 17.53 -3.45
CA ALA D 166 29.97 17.29 -2.01
C ALA D 166 29.34 18.45 -1.33
N ASP D 167 29.48 19.63 -1.90
CA ASP D 167 28.89 20.82 -1.28
C ASP D 167 27.37 20.70 -1.26
N GLU D 168 26.78 20.21 -2.35
CA GLU D 168 25.34 19.98 -2.36
C GLU D 168 24.92 18.92 -1.34
N MET D 169 25.68 17.85 -1.22
CA MET D 169 25.29 16.81 -0.28
C MET D 169 25.26 17.37 1.11
N LEU D 170 26.28 18.14 1.48
CA LEU D 170 26.23 18.74 2.79
C LEU D 170 25.11 19.77 2.91
N SER D 171 24.74 20.43 1.82
CA SER D 171 23.68 21.42 1.93
C SER D 171 22.35 20.83 2.27
N ARG D 172 22.13 19.58 1.86
CA ARG D 172 20.86 18.94 2.02
C ARG D 172 20.91 18.03 3.22
N GLY D 173 21.89 18.17 4.10
CA GLY D 173 21.78 17.47 5.38
C GLY D 173 22.41 16.08 5.46
N PHE D 174 22.97 15.59 4.36
CA PHE D 174 23.81 14.35 4.47
C PHE D 174 25.11 14.16 5.28
N LYS D 175 25.64 15.13 6.08
CA LYS D 175 26.94 14.90 6.79
C LYS D 175 26.78 13.52 7.48
N ASP D 176 25.67 13.30 8.21
CA ASP D 176 25.63 12.15 9.10
C ASP D 176 25.60 10.91 8.23
N GLN D 177 24.87 10.93 7.13
CA GLN D 177 24.76 9.66 6.42
C GLN D 177 26.09 9.35 5.74
N ILE D 178 26.73 10.39 5.15
CA ILE D 178 28.09 10.26 4.61
C ILE D 178 29.11 9.70 5.60
N TYR D 179 29.23 10.30 6.79
CA TYR D 179 30.11 9.68 7.80
C TYR D 179 29.72 8.21 8.16
N ASP D 180 28.43 7.90 8.34
CA ASP D 180 28.05 6.51 8.61
C ASP D 180 28.53 5.63 7.46
N ILE D 181 28.40 6.08 6.23
CA ILE D 181 28.81 5.18 5.18
C ILE D 181 30.33 4.99 5.27
N PHE D 182 31.05 6.07 5.51
CA PHE D 182 32.51 6.00 5.53
C PHE D 182 33.02 4.96 6.50
N GLN D 183 32.43 5.00 7.68
CA GLN D 183 32.81 4.15 8.77
C GLN D 183 32.69 2.65 8.39
N LYS D 184 31.98 2.33 7.35
CA LYS D 184 31.77 0.93 6.96
C LYS D 184 32.89 0.40 6.03
N LEU D 185 33.71 1.31 5.54
CA LEU D 185 34.69 1.00 4.47
C LEU D 185 36.07 0.54 4.96
N ASN D 186 36.73 -0.31 4.19
CA ASN D 186 38.12 -0.57 4.42
C ASN D 186 38.96 0.71 4.43
N SER D 187 39.89 0.80 5.38
CA SER D 187 40.96 1.82 5.35
C SER D 187 41.73 2.04 4.06
N ASN D 188 41.79 1.08 3.16
CA ASN D 188 42.47 1.31 1.90
C ASN D 188 41.56 1.68 0.73
N THR D 189 40.27 1.83 0.98
CA THR D 189 39.37 2.31 -0.05
C THR D 189 39.93 3.63 -0.53
N GLN D 190 39.90 3.87 -1.83
CA GLN D 190 40.22 5.18 -2.36
C GLN D 190 39.07 6.14 -2.18
N VAL D 191 39.29 7.32 -1.61
CA VAL D 191 38.19 8.29 -1.47
C VAL D 191 38.41 9.48 -2.39
N VAL D 192 37.40 9.82 -3.18
CA VAL D 192 37.52 10.88 -4.16
C VAL D 192 36.38 11.85 -3.86
N LEU D 193 36.68 13.15 -3.76
CA LEU D 193 35.67 14.13 -3.43
C LEU D 193 35.61 15.28 -4.44
N LEU D 194 34.47 15.41 -5.13
CA LEU D 194 34.34 16.34 -6.19
C LEU D 194 33.40 17.41 -5.69
N SER D 195 33.87 18.64 -5.56
CA SER D 195 32.92 19.67 -5.25
C SER D 195 33.20 20.99 -5.98
N ALA D 196 32.17 21.81 -6.15
CA ALA D 196 32.32 23.03 -6.94
C ALA D 196 32.79 24.12 -6.01
N THR D 197 32.11 24.28 -4.90
CA THR D 197 32.57 25.15 -3.84
C THR D 197 33.24 24.32 -2.77
N MET D 198 33.93 24.98 -1.86
CA MET D 198 34.88 24.24 -1.03
C MET D 198 34.95 24.95 0.30
N PRO D 199 33.79 25.12 0.92
CA PRO D 199 33.71 25.76 2.17
C PRO D 199 34.24 24.79 3.21
N SER D 200 34.14 25.22 4.46
CA SER D 200 34.88 24.63 5.52
C SER D 200 34.32 23.28 5.99
N ASP D 201 33.03 23.01 5.85
CA ASP D 201 32.57 21.67 6.24
C ASP D 201 32.90 20.63 5.19
N VAL D 202 33.10 21.08 3.98
CA VAL D 202 33.57 20.18 2.94
C VAL D 202 35.05 19.88 3.21
N LEU D 203 35.81 20.87 3.65
CA LEU D 203 37.21 20.64 3.93
C LEU D 203 37.36 19.67 5.11
N GLU D 204 36.48 19.81 6.07
CA GLU D 204 36.51 18.91 7.21
C GLU D 204 36.34 17.45 6.80
N VAL D 205 35.54 17.19 5.78
CA VAL D 205 35.29 15.81 5.39
C VAL D 205 36.59 15.28 4.88
N THR D 206 37.14 16.08 3.97
CA THR D 206 38.52 15.97 3.49
C THR D 206 39.57 15.65 4.57
N LYS D 207 39.71 16.53 5.57
CA LYS D 207 40.65 16.24 6.66
C LYS D 207 40.26 14.99 7.42
N LYS D 208 38.99 14.74 7.56
CA LYS D 208 38.60 13.57 8.33
C LYS D 208 38.80 12.23 7.63
N PHE D 209 38.58 12.15 6.32
CA PHE D 209 38.52 10.84 5.64
C PHE D 209 39.75 10.55 4.84
N MET D 210 40.43 11.58 4.39
CA MET D 210 41.44 11.40 3.36
C MET D 210 42.86 11.37 3.87
N ARG D 211 43.74 10.65 3.19
CA ARG D 211 45.16 10.61 3.60
C ARG D 211 46.00 11.08 2.43
N ASP D 212 46.70 12.20 2.63
CA ASP D 212 47.64 12.70 1.63
C ASP D 212 46.99 12.81 0.27
N PRO D 213 45.90 13.55 0.23
CA PRO D 213 45.15 13.56 -0.99
C PRO D 213 45.94 14.30 -2.11
N ILE D 214 45.71 13.92 -3.35
CA ILE D 214 46.15 14.77 -4.40
C ILE D 214 45.08 15.85 -4.59
N ARG D 215 45.41 17.13 -4.43
CA ARG D 215 44.53 18.23 -4.80
C ARG D 215 44.47 18.47 -6.33
N ILE D 216 43.29 18.40 -6.96
CA ILE D 216 43.14 18.69 -8.39
C ILE D 216 42.14 19.82 -8.65
N LEU D 217 42.49 20.77 -9.51
CA LEU D 217 41.55 21.88 -9.79
C LEU D 217 41.13 22.00 -11.25
N VAL D 218 40.02 21.35 -11.63
CA VAL D 218 39.50 21.37 -13.00
C VAL D 218 38.86 22.71 -13.31
N LYS D 219 39.12 23.22 -14.51
CA LYS D 219 38.64 24.58 -14.89
C LYS D 219 37.76 24.50 -16.12
N LYS D 220 36.73 25.32 -16.14
CA LYS D 220 35.80 25.29 -17.25
C LYS D 220 35.43 26.72 -17.53
N GLU D 221 35.20 27.02 -18.82
CA GLU D 221 34.68 28.34 -19.19
C GLU D 221 33.33 28.53 -18.54
N GLU D 222 33.09 29.71 -18.00
CA GLU D 222 31.72 30.05 -17.68
C GLU D 222 30.97 30.46 -18.94
N LEU D 223 29.66 30.37 -18.89
CA LEU D 223 28.86 31.00 -19.90
C LEU D 223 29.07 32.52 -19.82
N THR D 224 29.33 33.14 -20.98
CA THR D 224 29.33 34.59 -21.09
C THR D 224 28.36 35.06 -22.19
N LEU D 225 27.96 36.34 -22.12
CA LEU D 225 27.14 36.96 -23.18
C LEU D 225 27.86 38.02 -24.06
N GLU D 226 28.95 38.59 -23.56
CA GLU D 226 29.80 39.38 -24.43
C GLU D 226 30.31 38.49 -25.55
N GLY D 227 30.05 38.90 -26.79
CA GLY D 227 30.32 38.05 -27.96
C GLY D 227 29.04 37.59 -28.63
N ILE D 228 27.94 38.18 -28.20
CA ILE D 228 26.61 37.82 -28.66
C ILE D 228 25.78 39.08 -28.65
N ARG D 229 25.27 39.44 -29.81
CA ARG D 229 24.57 40.70 -29.97
C ARG D 229 23.10 40.49 -29.62
N GLN D 230 22.60 41.30 -28.69
CA GLN D 230 21.26 41.09 -28.15
C GLN D 230 20.30 42.22 -28.49
N PHE D 231 19.29 41.89 -29.28
CA PHE D 231 18.30 42.86 -29.72
C PHE D 231 16.95 42.62 -29.08
N TYR D 232 16.21 43.71 -28.85
CA TYR D 232 14.77 43.63 -28.63
C TYR D 232 13.91 44.32 -29.69
N ILE D 233 12.72 43.75 -29.91
CA ILE D 233 11.68 44.29 -30.77
C ILE D 233 10.47 44.53 -29.90
N ASN D 234 10.06 45.79 -29.73
CA ASN D 234 8.81 46.06 -29.00
C ASN D 234 7.55 45.77 -29.83
N VAL D 235 7.31 44.49 -30.10
CA VAL D 235 5.98 44.05 -30.49
C VAL D 235 5.05 44.48 -29.34
N GLU D 236 3.84 44.90 -29.67
CA GLU D 236 2.97 45.54 -28.69
C GLU D 236 2.29 44.56 -27.71
N ARG D 237 1.73 43.49 -28.25
CA ARG D 237 0.81 42.64 -27.53
C ARG D 237 0.99 41.21 -28.01
N GLU D 238 0.79 40.25 -27.10
CA GLU D 238 1.08 38.84 -27.37
C GLU D 238 0.61 38.34 -28.74
N GLU D 239 -0.51 38.89 -29.21
CA GLU D 239 -1.18 38.45 -30.44
C GLU D 239 -0.44 38.93 -31.70
N TRP D 240 0.34 40.00 -31.54
CA TRP D 240 1.09 40.60 -32.65
C TRP D 240 2.46 39.97 -32.82
N LYS D 241 2.80 39.06 -31.90
CA LYS D 241 4.06 38.36 -31.95
C LYS D 241 4.18 37.46 -33.16
N LEU D 242 3.22 36.56 -33.34
CA LEU D 242 3.20 35.66 -34.50
C LEU D 242 3.72 36.35 -35.76
N ASP D 243 3.06 37.44 -36.15
CA ASP D 243 3.46 38.18 -37.35
C ASP D 243 4.96 38.45 -37.32
N THR D 244 5.37 39.28 -36.37
CA THR D 244 6.73 39.76 -36.27
C THR D 244 7.79 38.65 -36.43
N LEU D 245 7.38 37.39 -36.25
CA LEU D 245 8.27 36.25 -36.46
C LEU D 245 8.55 36.03 -37.93
N CYS D 246 7.48 36.04 -38.72
CA CYS D 246 7.51 35.46 -40.05
C CYS D 246 8.32 36.25 -41.06
N ASP D 247 8.36 37.58 -40.88
CA ASP D 247 9.19 38.45 -41.72
C ASP D 247 10.68 38.38 -41.36
N LEU D 248 10.98 38.27 -40.06
CA LEU D 248 12.36 38.10 -39.63
C LEU D 248 12.91 36.76 -40.07
N TYR D 249 12.03 35.80 -40.33
CA TYR D 249 12.43 34.56 -41.00
C TYR D 249 12.98 34.92 -42.38
N GLU D 250 12.32 35.90 -43.02
CA GLU D 250 12.61 36.31 -44.40
C GLU D 250 13.83 37.23 -44.53
N THR D 251 13.76 38.40 -43.91
CA THR D 251 14.83 39.40 -43.99
C THR D 251 16.22 38.79 -43.75
N LEU D 252 16.47 38.33 -42.52
CA LEU D 252 17.77 37.76 -42.17
C LEU D 252 18.00 36.42 -42.85
N THR D 253 16.96 35.89 -43.47
CA THR D 253 17.05 34.73 -44.35
C THR D 253 17.96 33.59 -43.81
N ILE D 254 17.35 32.66 -43.09
CA ILE D 254 18.09 31.62 -42.39
C ILE D 254 17.85 30.26 -43.02
N GLN D 256 18.69 28.78 -40.41
CA GLN D 256 18.68 27.99 -39.19
C GLN D 256 18.79 28.85 -37.92
N ALA D 257 17.78 28.73 -37.05
CA ALA D 257 17.76 29.43 -35.74
C ALA D 257 16.98 28.67 -34.64
N VAL D 258 17.24 29.02 -33.38
CA VAL D 258 16.52 28.40 -32.28
C VAL D 258 15.61 29.37 -31.54
N ILE D 259 14.37 28.97 -31.33
CA ILE D 259 13.37 29.85 -30.74
C ILE D 259 12.93 29.38 -29.35
N PHE D 260 12.82 30.32 -28.44
CA PHE D 260 12.42 30.06 -27.07
C PHE D 260 11.00 30.49 -26.67
N ILE D 261 10.16 29.48 -26.42
CA ILE D 261 8.89 29.65 -25.74
C ILE D 261 9.01 29.22 -24.26
N ASN D 262 8.10 29.69 -23.41
CA ASN D 262 8.04 29.27 -22.01
C ASN D 262 7.24 27.97 -21.72
N THR D 263 6.33 27.59 -22.62
CA THR D 263 5.52 26.38 -22.37
C THR D 263 5.46 25.45 -23.59
N ARG D 264 5.24 24.17 -23.36
CA ARG D 264 5.34 23.24 -24.46
C ARG D 264 4.04 23.16 -25.28
N ARG D 265 2.90 23.46 -24.67
CA ARG D 265 1.66 23.57 -25.45
C ARG D 265 1.74 24.75 -26.39
N LYS D 266 2.46 25.78 -25.96
CA LYS D 266 2.76 26.91 -26.82
C LYS D 266 3.82 26.57 -27.88
N VAL D 267 4.65 25.56 -27.62
CA VAL D 267 5.63 25.18 -28.61
C VAL D 267 4.96 24.50 -29.80
N ASP D 268 3.94 23.69 -29.51
CA ASP D 268 3.20 23.01 -30.57
C ASP D 268 2.33 23.98 -31.35
N TRP D 269 1.70 24.92 -30.63
CA TRP D 269 0.90 25.97 -31.23
C TRP D 269 1.66 26.81 -32.28
N LEU D 270 2.87 27.27 -31.92
CA LEU D 270 3.69 28.03 -32.85
C LEU D 270 4.30 27.13 -33.93
N THR D 271 4.47 25.85 -33.63
CA THR D 271 5.09 24.96 -34.57
C THR D 271 4.11 24.62 -35.69
N GLU D 272 2.83 24.54 -35.34
CA GLU D 272 1.80 24.17 -36.31
C GLU D 272 1.47 25.35 -37.23
N LYS D 273 1.57 26.57 -36.69
CA LYS D 273 1.31 27.76 -37.47
C LYS D 273 2.56 28.18 -38.25
N MET D 274 3.42 27.20 -38.56
CA MET D 274 4.58 27.43 -39.42
C MET D 274 4.72 26.31 -40.47
N HIS D 275 4.03 25.20 -40.26
CA HIS D 275 3.75 24.25 -41.34
C HIS D 275 2.58 24.78 -42.16
N ALA D 276 1.84 25.70 -41.55
CA ALA D 276 0.79 26.46 -42.24
C ALA D 276 1.37 27.64 -43.03
N ARG D 277 2.64 27.96 -42.82
CA ARG D 277 3.29 29.00 -43.59
C ARG D 277 4.60 28.54 -44.25
N ASP D 278 4.81 27.23 -44.25
CA ASP D 278 5.97 26.58 -44.89
C ASP D 278 7.39 27.08 -44.52
N PHE D 279 7.94 26.51 -43.44
CA PHE D 279 9.32 26.78 -43.05
C PHE D 279 10.04 25.46 -42.77
N THR D 280 11.37 25.49 -42.78
CA THR D 280 12.18 24.32 -42.38
C THR D 280 12.09 24.02 -40.85
N VAL D 281 10.88 24.12 -40.29
CA VAL D 281 10.65 24.27 -38.84
C VAL D 281 10.34 22.99 -38.03
N SER D 282 11.16 22.69 -37.02
CA SER D 282 10.98 21.50 -36.15
C SER D 282 10.77 21.82 -34.66
N ALA D 283 9.76 21.20 -34.06
CA ALA D 283 9.53 21.33 -32.61
C ALA D 283 10.34 20.32 -31.81
N MET D 284 10.82 20.74 -30.65
CA MET D 284 11.40 19.79 -29.69
C MET D 284 10.29 19.26 -28.81
N HIS D 285 10.26 17.95 -28.59
CA HIS D 285 9.28 17.37 -27.66
C HIS D 285 9.57 15.96 -27.10
N GLY D 286 8.73 15.55 -26.14
CA GLY D 286 8.61 14.15 -25.69
C GLY D 286 9.88 13.48 -25.22
N ARG D 293 14.35 9.36 -27.49
CA ARG D 293 15.05 8.83 -28.66
C ARG D 293 16.32 9.63 -28.96
N ASP D 294 17.22 9.68 -27.97
CA ASP D 294 18.40 10.56 -28.00
C ASP D 294 19.28 10.33 -29.21
N VAL D 295 19.04 9.23 -29.90
CA VAL D 295 19.81 8.91 -31.08
C VAL D 295 19.15 9.49 -32.34
N ILE D 296 17.81 9.53 -32.37
CA ILE D 296 17.08 10.01 -33.55
C ILE D 296 17.18 11.53 -33.72
N MET D 297 17.25 12.23 -32.60
CA MET D 297 17.39 13.68 -32.62
C MET D 297 18.86 14.10 -32.56
N ARG D 298 19.71 13.15 -32.16
CA ARG D 298 21.17 13.35 -32.06
C ARG D 298 21.78 13.61 -33.43
N GLU D 299 21.11 13.13 -34.48
CA GLU D 299 21.51 13.45 -35.85
C GLU D 299 20.65 14.58 -36.45
N PHE D 300 19.77 15.14 -35.63
CA PHE D 300 19.24 16.47 -35.95
C PHE D 300 19.83 17.54 -35.04
N ARG D 301 20.80 17.14 -34.22
CA ARG D 301 21.72 18.06 -33.55
C ARG D 301 22.39 18.99 -34.58
N SER D 302 22.42 18.56 -35.85
CA SER D 302 22.78 19.43 -36.98
C SER D 302 22.05 18.95 -38.24
N GLY D 303 20.72 18.98 -38.21
CA GLY D 303 19.89 18.55 -39.34
C GLY D 303 20.67 18.58 -40.64
N SER D 304 20.94 19.80 -41.11
CA SER D 304 22.06 20.09 -42.03
C SER D 304 22.26 21.61 -42.14
N SER D 305 22.49 22.24 -40.98
CA SER D 305 22.52 23.70 -40.87
C SER D 305 21.09 24.24 -40.77
N VAL D 307 15.71 25.34 -38.53
CA VAL D 307 14.91 26.11 -37.55
C VAL D 307 14.33 25.21 -36.42
N LEU D 308 14.26 25.75 -35.20
CA LEU D 308 13.82 24.94 -34.04
C LEU D 308 13.25 25.71 -32.86
N ILE D 309 12.08 25.28 -32.40
CA ILE D 309 11.41 25.91 -31.27
C ILE D 309 11.44 24.98 -30.06
N THR D 310 11.85 25.51 -28.89
CA THR D 310 11.80 24.71 -27.66
C THR D 310 11.34 25.50 -26.45
N THR D 311 11.22 24.78 -25.33
CA THR D 311 11.17 25.35 -23.99
C THR D 311 12.56 25.19 -23.34
N ASP D 312 12.76 25.83 -22.19
CA ASP D 312 14.02 25.76 -21.45
C ASP D 312 14.50 24.36 -21.12
N LEU D 313 13.59 23.55 -20.57
CA LEU D 313 13.89 22.19 -20.21
C LEU D 313 14.34 21.40 -21.42
N LEU D 314 13.55 21.43 -22.49
CA LEU D 314 13.81 20.60 -23.65
C LEU D 314 15.17 20.90 -24.26
N ALA D 315 15.65 22.11 -24.04
CA ALA D 315 16.82 22.62 -24.73
C ALA D 315 18.06 22.08 -24.09
N ARG D 316 18.06 22.03 -22.76
CA ARG D 316 19.09 21.32 -22.01
C ARG D 316 19.27 19.94 -22.68
N GLY D 317 18.17 19.42 -23.22
CA GLY D 317 18.17 18.20 -24.01
C GLY D 317 19.03 18.26 -25.27
N ILE D 318 19.66 19.40 -25.53
CA ILE D 318 20.72 19.44 -26.55
C ILE D 318 21.71 20.61 -26.55
N ASP D 319 22.90 20.31 -27.08
CA ASP D 319 23.91 21.31 -27.41
C ASP D 319 23.29 22.52 -28.14
N VAL D 320 23.15 23.63 -27.41
CA VAL D 320 22.59 24.89 -27.95
C VAL D 320 23.63 25.79 -28.63
N GLN D 321 24.84 25.82 -28.08
CA GLN D 321 25.83 26.85 -28.44
C GLN D 321 26.58 26.63 -29.77
N GLN D 322 26.00 25.81 -30.65
CA GLN D 322 26.54 25.60 -32.01
C GLN D 322 25.89 26.48 -33.08
N VAL D 323 24.69 26.98 -32.79
CA VAL D 323 23.84 27.76 -33.74
C VAL D 323 24.01 29.29 -33.53
N SER D 324 23.70 30.10 -34.54
CA SER D 324 24.03 31.55 -34.45
C SER D 324 22.90 32.58 -34.19
N LEU D 325 21.66 32.25 -34.54
CA LEU D 325 20.51 33.09 -34.15
C LEU D 325 19.62 32.40 -33.09
N VAL D 326 19.44 33.07 -31.96
CA VAL D 326 18.45 32.63 -30.98
C VAL D 326 17.36 33.67 -30.79
N ILE D 327 16.12 33.27 -31.03
CA ILE D 327 15.05 34.22 -30.82
C ILE D 327 14.13 33.84 -29.64
N ASN D 328 14.01 34.77 -28.71
CA ASN D 328 13.15 34.63 -27.55
C ASN D 328 11.72 35.12 -27.80
N TYR D 329 10.87 34.28 -28.40
CA TYR D 329 9.45 34.57 -28.50
C TYR D 329 8.81 34.96 -27.16
N ASP D 330 9.10 34.21 -26.09
CA ASP D 330 8.86 34.72 -24.75
C ASP D 330 10.19 34.93 -24.09
N LEU D 331 10.18 35.63 -22.97
CA LEU D 331 11.36 35.68 -22.16
C LEU D 331 11.13 35.07 -20.79
N PRO D 332 12.14 34.31 -20.33
CA PRO D 332 12.02 33.46 -19.16
C PRO D 332 11.47 34.29 -18.04
N THR D 333 10.53 33.74 -17.29
CA THR D 333 10.08 34.40 -16.06
C THR D 333 11.17 34.28 -15.02
N ASN D 334 12.14 33.42 -15.28
CA ASN D 334 13.28 33.24 -14.37
C ASN D 334 14.58 33.70 -15.02
N ARG D 335 15.14 34.76 -14.42
CA ARG D 335 16.20 35.54 -15.05
C ARG D 335 17.44 34.71 -15.39
N GLU D 336 17.71 33.72 -14.53
CA GLU D 336 18.83 32.81 -14.78
C GLU D 336 18.69 31.99 -16.07
N ASN D 337 17.47 31.88 -16.60
CA ASN D 337 17.30 31.09 -17.80
C ASN D 337 17.92 31.72 -19.01
N TYR D 338 18.14 33.03 -18.93
CA TYR D 338 18.52 33.80 -20.10
C TYR D 338 19.86 33.32 -20.66
N ILE D 339 20.87 33.35 -19.80
CA ILE D 339 22.20 32.90 -20.22
C ILE D 339 22.20 31.43 -20.65
N HIS D 340 21.34 30.62 -20.05
CA HIS D 340 21.28 29.25 -20.48
C HIS D 340 20.74 29.20 -21.85
N ARG D 341 20.07 30.28 -22.23
CA ARG D 341 19.39 30.30 -23.51
C ARG D 341 20.37 30.66 -24.66
N ILE D 342 21.15 31.72 -24.41
CA ILE D 342 21.85 32.42 -25.49
C ILE D 342 23.39 32.44 -25.32
N GLY D 343 23.83 32.16 -24.09
CA GLY D 343 25.23 32.30 -23.72
C GLY D 343 26.13 31.33 -24.48
N ARG D 344 27.43 31.62 -24.42
CA ARG D 344 28.45 30.67 -24.86
C ARG D 344 29.73 30.74 -24.06
N GLY D 345 30.51 29.66 -24.16
CA GLY D 345 31.76 29.52 -23.44
C GLY D 345 32.73 30.63 -23.74
N GLY D 346 33.58 30.95 -22.75
CA GLY D 346 34.54 32.05 -22.82
C GLY D 346 35.60 31.85 -23.88
N ARG D 347 35.78 30.60 -24.31
CA ARG D 347 36.66 30.29 -25.46
C ARG D 347 35.97 30.56 -26.79
N LYS D 351 29.96 35.52 -31.44
CA LYS D 351 29.63 34.17 -31.85
C LYS D 351 28.26 34.10 -32.51
N GLY D 352 27.37 35.01 -32.12
CA GLY D 352 26.00 34.97 -32.63
C GLY D 352 25.08 36.12 -32.27
N VAL D 353 23.80 35.90 -32.50
CA VAL D 353 22.82 36.98 -32.42
C VAL D 353 21.54 36.54 -31.70
N ALA D 354 21.09 37.41 -30.78
CA ALA D 354 19.90 37.16 -29.93
C ALA D 354 18.82 38.26 -30.04
N ILE D 355 17.57 37.86 -30.26
CA ILE D 355 16.49 38.84 -30.26
C ILE D 355 15.36 38.46 -29.31
N ASN D 356 15.04 39.39 -28.42
CA ASN D 356 13.85 39.29 -27.54
C ASN D 356 12.60 39.92 -28.15
N MET D 357 11.46 39.27 -27.97
CA MET D 357 10.23 39.88 -28.36
C MET D 357 9.40 40.31 -27.17
N VAL D 358 9.57 41.56 -26.74
CA VAL D 358 8.84 42.09 -25.57
C VAL D 358 7.43 42.61 -25.85
N THR D 359 6.70 42.82 -24.77
CA THR D 359 5.32 43.24 -24.77
C THR D 359 5.25 44.38 -23.77
N GLU D 360 4.12 45.06 -23.68
CA GLU D 360 4.01 46.20 -22.80
C GLU D 360 4.31 45.91 -21.32
N GLU D 361 3.94 44.72 -20.85
CA GLU D 361 4.36 44.29 -19.50
C GLU D 361 5.71 43.58 -19.49
N ASP D 362 6.14 43.07 -20.66
CA ASP D 362 7.46 42.45 -20.76
C ASP D 362 8.59 43.46 -20.64
N LYS D 363 8.40 44.62 -21.25
CA LYS D 363 9.23 45.80 -21.01
C LYS D 363 10.01 45.80 -19.67
N ARG D 364 9.31 46.06 -18.58
CA ARG D 364 9.96 46.21 -17.26
C ARG D 364 10.81 44.98 -16.88
N THR D 365 10.48 43.82 -17.44
CA THR D 365 11.17 42.61 -17.08
C THR D 365 12.42 42.50 -17.92
N LEU D 366 12.30 42.82 -19.20
CA LEU D 366 13.41 42.74 -20.12
C LEU D 366 14.58 43.59 -19.64
N ARG D 367 14.25 44.69 -18.96
CA ARG D 367 15.27 45.56 -18.40
C ARG D 367 15.94 44.90 -17.22
N ASP D 368 15.14 44.20 -16.42
CA ASP D 368 15.69 43.40 -15.33
C ASP D 368 16.74 42.46 -15.85
N ILE D 369 16.38 41.64 -16.83
CA ILE D 369 17.37 40.77 -17.49
C ILE D 369 18.64 41.52 -17.80
N GLU D 370 18.50 42.74 -18.34
CA GLU D 370 19.67 43.51 -18.77
C GLU D 370 20.56 43.86 -17.56
N THR D 371 19.94 44.44 -16.55
CA THR D 371 20.69 44.85 -15.37
C THR D 371 21.14 43.65 -14.53
N PHE D 372 20.50 42.50 -14.75
CA PHE D 372 20.90 41.21 -14.16
C PHE D 372 22.27 40.73 -14.63
N TYR D 373 22.45 40.52 -15.92
CA TYR D 373 23.76 40.11 -16.42
C TYR D 373 24.69 41.30 -16.72
N ASN D 374 24.34 42.46 -16.16
CA ASN D 374 24.98 43.74 -16.53
C ASN D 374 25.31 43.83 -18.02
N THR D 375 24.27 44.04 -18.84
CA THR D 375 24.37 43.77 -20.27
C THR D 375 23.71 44.84 -21.15
N SER D 376 23.74 44.61 -22.46
CA SER D 376 23.15 45.50 -23.48
C SER D 376 22.07 44.81 -24.32
N ILE D 377 20.83 45.27 -24.19
CA ILE D 377 19.79 44.89 -25.14
C ILE D 377 19.52 46.05 -26.08
N GLU D 378 19.82 45.82 -27.36
CA GLU D 378 19.70 46.82 -28.41
C GLU D 378 18.29 46.82 -28.99
N GLU D 379 17.78 48.00 -29.32
CA GLU D 379 16.48 48.11 -29.98
C GLU D 379 16.68 47.93 -31.46
N MET D 380 16.14 46.85 -32.01
CA MET D 380 16.62 46.35 -33.30
C MET D 380 16.41 47.29 -34.49
N PRO D 381 17.48 47.55 -35.26
CA PRO D 381 17.38 48.35 -36.49
C PRO D 381 17.22 47.45 -37.73
N LEU D 382 17.04 48.07 -38.91
CA LEU D 382 16.74 47.36 -40.17
C LEU D 382 17.91 47.09 -41.13
N ASN D 383 19.14 47.03 -40.62
CA ASN D 383 20.28 46.53 -41.42
C ASN D 383 21.38 45.76 -40.64
N VAL D 384 21.92 44.72 -41.28
CA VAL D 384 22.86 43.79 -40.62
C VAL D 384 24.16 44.49 -40.18
N ALA E 1 3.77 4.67 -16.09
CA ALA E 1 3.66 5.73 -17.09
C ALA E 1 2.96 6.99 -16.56
N PHE E 2 2.53 6.94 -15.29
CA PHE E 2 1.90 8.09 -14.60
C PHE E 2 2.96 9.14 -14.26
N GLU E 3 3.94 8.74 -13.46
CA GLU E 3 5.05 9.61 -13.14
C GLU E 3 5.86 9.99 -14.35
N LYS E 4 5.72 9.24 -15.45
CA LYS E 4 6.40 9.59 -16.70
C LYS E 4 5.67 10.70 -17.45
N THR E 5 4.36 10.78 -17.25
CA THR E 5 3.59 11.82 -17.87
C THR E 5 3.65 13.14 -17.10
N LEU E 6 3.33 13.07 -15.80
CA LEU E 6 3.18 14.23 -14.93
C LEU E 6 4.50 14.90 -14.60
N THR E 7 5.57 14.12 -14.55
CA THR E 7 6.87 14.65 -14.14
C THR E 7 7.33 15.83 -15.02
N PRO E 8 7.37 15.62 -16.35
CA PRO E 8 7.75 16.68 -17.28
C PRO E 8 6.86 17.92 -17.15
N ILE E 9 5.57 17.71 -16.89
CA ILE E 9 4.67 18.84 -16.68
C ILE E 9 5.21 19.67 -15.53
N ILE E 10 5.45 19.00 -14.41
CA ILE E 10 5.87 19.69 -13.19
C ILE E 10 7.25 20.34 -13.27
N GLN E 11 8.20 19.70 -13.94
CA GLN E 11 9.52 20.29 -14.07
C GLN E 11 9.51 21.52 -14.96
N GLU E 12 8.84 21.39 -16.11
CA GLU E 12 8.56 22.54 -16.97
C GLU E 12 7.98 23.68 -16.15
N TYR E 13 6.94 23.42 -15.38
CA TYR E 13 6.45 24.45 -14.46
C TYR E 13 7.58 25.07 -13.65
N PHE E 14 8.50 24.24 -13.17
CA PHE E 14 9.48 24.74 -12.22
C PHE E 14 10.36 25.81 -12.85
N GLU E 15 10.59 25.63 -14.16
CA GLU E 15 11.17 26.65 -15.01
C GLU E 15 10.21 27.82 -15.26
N HIS E 16 9.12 27.54 -16.01
CA HIS E 16 8.31 28.59 -16.60
C HIS E 16 7.40 29.32 -15.63
N GLY E 17 7.06 28.66 -14.53
CA GLY E 17 6.41 29.34 -13.40
C GLY E 17 4.92 29.54 -13.46
N ASP E 18 4.27 28.99 -14.49
CA ASP E 18 2.88 29.32 -14.80
C ASP E 18 1.87 28.26 -14.31
N THR E 19 1.24 28.56 -13.18
CA THR E 19 0.29 27.62 -12.57
C THR E 19 -0.87 27.30 -13.50
N ASN E 20 -1.36 28.31 -14.23
CA ASN E 20 -2.38 28.04 -15.22
C ASN E 20 -1.98 26.99 -16.27
N GLU E 21 -0.75 27.06 -16.75
CA GLU E 21 -0.28 26.09 -17.74
C GLU E 21 -0.47 24.70 -17.18
N VAL E 22 -0.24 24.59 -15.88
CA VAL E 22 -0.30 23.30 -15.21
C VAL E 22 -1.73 22.79 -15.25
N ALA E 23 -2.62 23.53 -14.60
CA ALA E 23 -4.04 23.27 -14.65
C ALA E 23 -4.48 22.73 -16.02
N GLU E 24 -4.33 23.54 -17.05
CA GLU E 24 -4.59 23.11 -18.41
C GLU E 24 -4.23 21.65 -18.69
N MSE E 25 -2.93 21.39 -18.77
CA MSE E 25 -2.39 20.05 -18.94
C MSE E 25 -3.20 18.95 -18.25
O MSE E 25 -3.49 17.93 -18.85
CB MSE E 25 -0.96 20.05 -18.37
CG MSE E 25 0.04 20.86 -19.18
SE MSE E 25 0.39 20.01 -20.92
CE MSE E 25 -0.18 18.15 -20.57
N LEU E 26 -3.51 19.17 -16.98
CA LEU E 26 -4.19 18.21 -16.14
C LEU E 26 -5.64 18.05 -16.59
N ARG E 27 -6.40 19.16 -16.56
CA ARG E 27 -7.77 19.19 -17.12
C ARG E 27 -7.94 18.25 -18.31
N ASP E 28 -7.01 18.29 -19.24
CA ASP E 28 -7.17 17.52 -20.46
C ASP E 28 -6.51 16.14 -20.38
N LEU E 29 -6.20 15.72 -19.17
CA LEU E 29 -5.64 14.38 -18.96
C LEU E 29 -6.70 13.47 -18.30
N ASN E 30 -7.68 14.10 -17.65
CA ASN E 30 -8.77 13.40 -16.96
C ASN E 30 -8.23 12.36 -15.96
N LEU E 31 -8.23 12.71 -14.67
CA LEU E 31 -7.61 11.84 -13.65
C LEU E 31 -8.60 11.23 -12.65
N GLY E 32 -9.49 12.07 -12.11
CA GLY E 32 -10.51 11.61 -11.18
C GLY E 32 -9.95 10.95 -9.94
N GLU E 33 -9.68 9.65 -10.04
CA GLU E 33 -9.03 8.86 -8.98
C GLU E 33 -7.66 9.46 -8.64
N MSE E 34 -6.87 9.73 -9.67
CA MSE E 34 -5.44 10.00 -9.52
C MSE E 34 -5.13 11.47 -9.35
O MSE E 34 -3.96 11.86 -9.29
CB MSE E 34 -4.67 9.47 -10.70
CG MSE E 34 -4.98 8.04 -11.00
SE MSE E 34 -4.25 7.57 -12.73
CE MSE E 34 -5.52 8.54 -13.93
N LYS E 35 -6.17 12.27 -9.25
CA LYS E 35 -6.02 13.65 -8.87
C LYS E 35 -4.98 13.78 -7.73
N SER E 36 -5.21 13.08 -6.61
CA SER E 36 -4.42 13.32 -5.40
C SER E 36 -2.97 12.86 -5.53
N GLY E 37 -2.68 12.06 -6.55
CA GLY E 37 -1.32 11.67 -6.87
C GLY E 37 -0.51 12.76 -7.54
N VAL E 38 -1.12 13.89 -7.84
CA VAL E 38 -0.35 14.96 -8.41
C VAL E 38 0.43 15.71 -7.33
N PRO E 39 -0.26 16.28 -6.31
CA PRO E 39 0.47 16.91 -5.22
C PRO E 39 1.64 16.06 -4.75
N VAL E 40 1.44 14.75 -4.68
CA VAL E 40 2.42 13.85 -4.08
C VAL E 40 3.74 13.86 -4.88
N LEU E 41 3.60 13.81 -6.19
CA LEU E 41 4.71 13.98 -7.08
C LEU E 41 5.25 15.40 -6.96
N ALA E 42 4.38 16.40 -6.95
CA ALA E 42 4.87 17.76 -6.94
C ALA E 42 5.78 17.95 -5.75
N VAL E 43 5.20 17.80 -4.57
CA VAL E 43 5.94 17.99 -3.35
C VAL E 43 7.21 17.13 -3.35
N SER E 44 7.20 15.98 -3.99
CA SER E 44 8.34 15.08 -3.97
C SER E 44 9.53 15.56 -4.79
N LEU E 45 9.31 15.82 -6.05
CA LEU E 45 10.20 16.65 -6.80
C LEU E 45 10.71 17.86 -5.96
N ALA E 46 9.81 18.69 -5.44
CA ALA E 46 10.24 19.82 -4.67
C ALA E 46 11.20 19.50 -3.49
N LEU E 47 10.94 18.40 -2.79
CA LEU E 47 11.84 17.95 -1.75
C LEU E 47 13.24 17.77 -2.32
N GLU E 48 13.34 17.30 -3.54
CA GLU E 48 14.65 17.04 -4.09
C GLU E 48 15.20 18.22 -4.91
N GLY E 49 14.72 19.42 -4.61
CA GLY E 49 15.14 20.60 -5.36
C GLY E 49 15.49 21.73 -4.39
N LYS E 50 15.36 22.97 -4.84
CA LYS E 50 15.67 24.05 -3.93
C LYS E 50 14.44 24.79 -3.46
N ALA E 51 14.59 25.52 -2.35
CA ALA E 51 13.52 26.34 -1.81
C ALA E 51 12.77 27.09 -2.89
N SER E 52 13.45 27.69 -3.87
CA SER E 52 12.65 28.38 -4.88
C SER E 52 11.58 27.43 -5.46
N HIS E 53 11.91 26.14 -5.66
CA HIS E 53 10.92 25.16 -6.15
C HIS E 53 9.88 24.77 -5.09
N ARG E 54 10.18 24.96 -3.83
CA ARG E 54 9.20 24.61 -2.84
C ARG E 54 8.16 25.72 -2.64
N GLU E 55 8.61 26.96 -2.65
CA GLU E 55 7.75 28.10 -2.92
C GLU E 55 6.79 27.81 -4.09
N MSE E 56 7.34 27.41 -5.23
CA MSE E 56 6.52 27.29 -6.43
C MSE E 56 5.44 26.22 -6.27
O MSE E 56 4.35 26.33 -6.84
CB MSE E 56 7.40 27.02 -7.65
CG MSE E 56 8.35 28.17 -7.88
SE MSE E 56 9.37 28.08 -9.53
CE MSE E 56 11.08 27.55 -8.70
N THR E 57 5.79 25.22 -5.47
CA THR E 57 4.96 24.06 -5.25
C THR E 57 3.77 24.44 -4.40
N SER E 58 4.01 25.01 -3.21
CA SER E 58 2.93 25.57 -2.40
C SER E 58 1.94 26.33 -3.29
N LYS E 59 2.43 27.38 -3.92
CA LYS E 59 1.66 28.15 -4.88
C LYS E 59 0.89 27.27 -5.87
N LEU E 60 1.58 26.37 -6.57
CA LEU E 60 0.96 25.48 -7.58
C LEU E 60 -0.24 24.76 -7.01
N LEU E 61 -0.04 24.29 -5.78
CA LEU E 61 -1.01 23.47 -5.13
C LEU E 61 -2.21 24.34 -4.89
N SER E 62 -1.98 25.42 -4.17
CA SER E 62 -3.02 26.38 -3.83
C SER E 62 -3.85 26.84 -5.00
N ASP E 63 -3.25 26.91 -6.18
CA ASP E 63 -3.94 27.38 -7.35
C ASP E 63 -4.79 26.27 -7.92
N LEU E 64 -4.29 25.05 -7.84
CA LEU E 64 -4.94 23.91 -8.48
C LEU E 64 -6.17 23.53 -7.67
N CYS E 65 -6.07 23.81 -6.38
CA CYS E 65 -7.09 23.50 -5.45
C CYS E 65 -8.17 24.57 -5.46
N GLY E 66 -9.38 24.12 -5.78
CA GLY E 66 -10.43 24.98 -6.26
C GLY E 66 -10.78 24.50 -7.66
N THR E 67 -9.83 24.66 -8.58
CA THR E 67 -10.22 24.61 -9.98
C THR E 67 -9.92 23.32 -10.72
N VAL E 68 -9.00 22.51 -10.22
CA VAL E 68 -8.69 21.31 -10.97
C VAL E 68 -8.83 20.09 -10.08
N MSE E 69 -8.72 20.32 -8.79
CA MSE E 69 -9.00 19.31 -7.82
C MSE E 69 -9.63 20.00 -6.64
O MSE E 69 -9.87 21.20 -6.68
CB MSE E 69 -7.74 18.64 -7.34
CG MSE E 69 -6.51 18.83 -8.22
SE MSE E 69 -4.90 18.72 -7.10
CE MSE E 69 -5.39 20.07 -5.74
N SER E 70 -9.85 19.22 -5.59
CA SER E 70 -10.63 19.67 -4.47
C SER E 70 -9.80 19.50 -3.21
N THR E 71 -10.20 20.23 -2.18
CA THR E 71 -9.48 20.18 -0.93
C THR E 71 -9.55 18.77 -0.36
N THR E 72 -10.38 17.93 -0.95
CA THR E 72 -10.48 16.53 -0.53
C THR E 72 -9.32 15.74 -1.09
N ASP E 73 -9.05 15.94 -2.38
CA ASP E 73 -7.85 15.40 -3.00
C ASP E 73 -6.56 15.82 -2.25
N VAL E 74 -6.38 17.12 -2.02
CA VAL E 74 -5.18 17.60 -1.32
C VAL E 74 -4.97 16.89 0.02
N GLU E 75 -6.06 16.69 0.75
CA GLU E 75 -6.02 15.90 1.98
C GLU E 75 -5.40 14.50 1.78
N LYS E 76 -5.81 13.78 0.73
CA LYS E 76 -5.27 12.42 0.49
C LYS E 76 -3.77 12.48 0.26
N SER E 77 -3.40 13.35 -0.68
CA SER E 77 -2.02 13.61 -1.01
C SER E 77 -1.16 13.75 0.24
N PHE E 78 -1.53 14.65 1.13
CA PHE E 78 -0.74 14.81 2.31
C PHE E 78 -0.69 13.59 3.19
N ASP E 79 -1.85 12.93 3.29
CA ASP E 79 -1.98 11.68 4.03
C ASP E 79 -1.01 10.69 3.44
N LYS E 80 -1.04 10.59 2.12
CA LYS E 80 -0.12 9.74 1.38
C LYS E 80 1.31 10.17 1.58
N LEU E 81 1.55 11.48 1.50
CA LEU E 81 2.88 12.03 1.80
C LEU E 81 3.42 11.73 3.19
N LEU E 82 2.62 11.90 4.22
CA LEU E 82 3.05 11.55 5.59
C LEU E 82 3.37 10.08 5.77
N LYS E 83 2.64 9.24 5.07
CA LYS E 83 2.77 7.81 5.15
C LYS E 83 4.09 7.44 4.48
N ASP E 84 4.47 8.13 3.42
CA ASP E 84 5.74 7.88 2.74
C ASP E 84 7.00 8.43 3.42
N LEU E 85 6.81 9.30 4.41
CA LEU E 85 7.92 10.00 5.05
C LEU E 85 9.15 9.17 5.33
N PRO E 86 9.00 7.94 5.87
CA PRO E 86 10.23 7.18 6.07
C PRO E 86 11.03 6.83 4.78
N GLU E 87 10.41 6.89 3.60
CA GLU E 87 11.13 6.64 2.35
C GLU E 87 11.71 7.91 1.76
N LEU E 88 10.94 8.98 1.78
CA LEU E 88 11.40 10.24 1.24
C LEU E 88 12.61 10.70 2.06
N ALA E 89 12.68 10.24 3.30
CA ALA E 89 13.68 10.76 4.23
C ALA E 89 15.02 10.14 3.88
N LEU E 90 14.99 9.03 3.17
CA LEU E 90 16.19 8.45 2.64
C LEU E 90 16.90 9.41 1.64
N ASP E 91 16.16 10.02 0.73
CA ASP E 91 16.74 10.87 -0.32
C ASP E 91 16.65 12.35 0.05
N THR E 92 16.17 12.67 1.25
CA THR E 92 16.00 14.07 1.60
C THR E 92 16.01 14.14 3.11
N PRO E 93 17.21 14.22 3.68
CA PRO E 93 17.32 14.04 5.12
C PRO E 93 16.25 14.78 5.93
N ARG E 94 15.82 15.96 5.47
CA ARG E 94 14.91 16.81 6.26
C ARG E 94 13.45 16.80 5.75
N ALA E 95 13.00 15.68 5.20
CA ALA E 95 11.68 15.71 4.56
C ALA E 95 10.60 15.87 5.63
N PRO E 96 10.82 15.32 6.83
CA PRO E 96 9.86 15.66 7.87
C PRO E 96 9.66 17.17 8.06
N GLN E 97 10.68 17.99 8.25
CA GLN E 97 10.38 19.41 8.40
C GLN E 97 9.89 20.01 7.10
N LEU E 98 10.26 19.43 5.98
CA LEU E 98 9.93 20.06 4.73
C LEU E 98 8.45 19.89 4.49
N VAL E 99 7.95 18.72 4.94
CA VAL E 99 6.55 18.35 4.78
C VAL E 99 5.76 19.23 5.71
N GLY E 100 6.13 19.21 6.97
CA GLY E 100 5.63 20.17 7.93
C GLY E 100 5.50 21.57 7.33
N GLN E 101 6.40 21.95 6.44
CA GLN E 101 6.28 23.31 5.97
C GLN E 101 5.30 23.43 4.85
N PHE E 102 5.27 22.42 3.98
CA PHE E 102 4.24 22.35 2.96
C PHE E 102 2.86 22.27 3.61
N ILE E 103 2.75 21.57 4.73
CA ILE E 103 1.48 21.45 5.43
C ILE E 103 0.96 22.79 5.96
N ALA E 104 1.70 23.41 6.88
CA ALA E 104 1.23 24.66 7.50
C ALA E 104 0.96 25.71 6.45
N ARG E 105 1.63 25.62 5.32
CA ARG E 105 1.35 26.60 4.31
C ARG E 105 0.02 26.23 3.78
N ALA E 106 -0.23 24.94 3.66
CA ALA E 106 -1.46 24.45 3.02
C ALA E 106 -2.68 24.77 3.89
N VAL E 107 -2.57 24.60 5.20
CA VAL E 107 -3.59 25.14 6.06
C VAL E 107 -3.70 26.66 5.71
N GLY E 108 -2.66 27.44 5.99
CA GLY E 108 -2.59 28.84 5.57
C GLY E 108 -3.24 29.22 4.24
N ASP E 109 -3.20 28.35 3.22
CA ASP E 109 -3.86 28.63 1.92
C ASP E 109 -5.27 27.98 1.85
N GLY E 110 -5.78 27.58 3.01
CA GLY E 110 -6.97 26.74 3.08
C GLY E 110 -7.19 25.77 1.92
N ILE E 111 -6.15 25.02 1.55
CA ILE E 111 -6.30 23.74 0.81
C ILE E 111 -6.28 22.54 1.78
N LEU E 112 -5.93 22.77 3.03
CA LEU E 112 -6.11 21.78 4.04
C LEU E 112 -7.03 22.36 5.09
N CYS E 113 -8.16 21.72 5.29
CA CYS E 113 -9.06 22.20 6.32
C CYS E 113 -8.21 22.21 7.57
N ASN E 114 -8.61 23.00 8.55
CA ASN E 114 -7.80 23.20 9.73
C ASN E 114 -8.19 22.22 10.84
N THR E 115 -8.86 21.14 10.45
CA THR E 115 -9.08 19.94 11.30
C THR E 115 -7.97 18.92 11.03
N TYR E 116 -7.49 18.91 9.77
CA TYR E 116 -6.40 18.04 9.29
C TYR E 116 -5.32 17.62 10.28
N ILE E 117 -4.49 18.55 10.73
CA ILE E 117 -3.43 18.17 11.65
C ILE E 117 -4.01 17.42 12.82
N ASP E 118 -5.11 17.96 13.36
CA ASP E 118 -5.73 17.43 14.58
C ASP E 118 -6.33 16.07 14.32
N SER E 119 -6.82 15.86 13.11
CA SER E 119 -7.32 14.56 12.79
C SER E 119 -6.31 13.42 13.06
N TYR E 120 -5.03 13.72 13.21
CA TYR E 120 -4.06 12.65 13.41
C TYR E 120 -3.79 12.43 14.87
N LYS E 121 -4.38 13.27 15.71
CA LYS E 121 -4.20 13.24 17.18
C LYS E 121 -4.22 11.84 17.75
N GLY E 122 -3.33 11.59 18.71
CA GLY E 122 -3.11 10.26 19.23
C GLY E 122 -3.53 9.20 18.23
N THR E 123 -2.75 9.03 17.17
CA THR E 123 -2.90 7.89 16.25
C THR E 123 -1.51 7.47 15.82
N VAL E 124 -0.62 8.46 15.77
CA VAL E 124 0.75 8.18 15.34
C VAL E 124 1.44 7.07 16.13
N ASP E 125 1.99 6.14 15.36
CA ASP E 125 3.19 5.43 15.74
C ASP E 125 4.34 5.67 14.72
N CYS E 126 4.24 6.74 13.90
CA CYS E 126 5.37 7.14 13.07
C CYS E 126 6.05 8.41 13.57
N VAL E 127 7.27 8.24 14.07
CA VAL E 127 8.04 9.37 14.59
C VAL E 127 8.22 10.52 13.59
N GLN E 128 8.50 10.18 12.32
CA GLN E 128 8.76 11.22 11.32
C GLN E 128 7.51 11.97 10.93
N ALA E 129 6.45 11.24 10.55
CA ALA E 129 5.13 11.84 10.35
C ALA E 129 4.77 12.74 11.55
N ARG E 130 5.11 12.26 12.75
CA ARG E 130 4.84 13.08 13.92
C ARG E 130 5.66 14.35 13.93
N ALA E 131 6.97 14.19 13.74
CA ALA E 131 7.86 15.33 13.66
C ALA E 131 7.28 16.30 12.64
N ALA E 132 6.79 15.79 11.51
CA ALA E 132 6.25 16.67 10.48
C ALA E 132 5.03 17.44 10.98
N LEU E 133 4.09 16.73 11.60
CA LEU E 133 2.86 17.36 12.05
C LEU E 133 3.16 18.40 13.11
N ASP E 134 3.95 18.00 14.11
CA ASP E 134 4.56 18.94 15.04
C ASP E 134 5.13 20.23 14.42
N LYS E 135 6.06 20.08 13.49
CA LYS E 135 6.65 21.25 12.86
C LYS E 135 5.50 22.09 12.43
N ALA E 136 4.55 21.50 11.73
CA ALA E 136 3.42 22.28 11.12
C ALA E 136 2.63 23.12 12.15
N THR E 137 2.42 22.55 13.33
CA THR E 137 1.61 23.18 14.34
C THR E 137 2.27 24.45 14.84
N VAL E 138 3.48 24.24 15.36
CA VAL E 138 4.40 25.25 15.84
C VAL E 138 4.57 26.35 14.82
N LEU E 139 4.46 26.04 13.54
CA LEU E 139 4.46 27.11 12.54
C LEU E 139 3.18 27.91 12.62
N LEU E 140 2.05 27.23 12.47
CA LEU E 140 0.75 27.88 12.35
C LEU E 140 0.47 28.75 13.56
N SER E 141 0.76 28.22 14.74
CA SER E 141 0.43 28.88 16.00
C SER E 141 1.15 30.20 16.00
N MSE E 142 2.42 30.12 15.66
CA MSE E 142 3.24 31.29 15.50
C MSE E 142 2.63 32.38 14.62
O MSE E 142 2.64 33.56 14.99
CB MSE E 142 4.55 30.83 14.87
CG MSE E 142 5.76 31.53 15.36
SE MSE E 142 7.18 30.76 14.32
CE MSE E 142 6.50 31.15 12.51
N SER E 143 2.09 32.00 13.46
CA SER E 143 1.72 32.96 12.43
C SER E 143 0.31 33.55 12.59
N LYS E 144 -0.30 33.27 13.75
CA LYS E 144 -1.68 33.66 14.05
C LYS E 144 -1.95 35.15 13.76
N SER E 151 6.42 34.33 3.36
CA SER E 151 6.75 32.96 2.91
C SER E 151 7.83 32.28 3.73
N VAL E 152 7.50 31.12 4.29
CA VAL E 152 8.48 30.31 5.02
C VAL E 152 9.46 29.58 4.08
N TRP E 153 9.28 29.75 2.77
CA TRP E 153 10.26 29.25 1.82
C TRP E 153 11.29 30.32 1.49
N GLY E 154 11.85 30.20 0.29
CA GLY E 154 12.79 31.19 -0.19
C GLY E 154 12.24 32.61 -0.13
N SER E 155 13.08 33.54 -0.58
CA SER E 155 12.62 34.62 -1.43
C SER E 155 13.66 34.80 -2.53
N GLY E 156 14.48 33.78 -2.79
CA GLY E 156 15.52 33.89 -3.84
C GLY E 156 15.02 33.44 -5.21
N GLY E 157 15.91 33.22 -6.17
CA GLY E 157 15.50 32.65 -7.47
C GLY E 157 15.36 33.64 -8.63
N GLY E 158 15.65 33.17 -9.84
CA GLY E 158 15.53 34.02 -11.03
C GLY E 158 14.11 34.56 -11.19
N GLN E 159 13.13 33.78 -10.75
CA GLN E 159 11.73 34.18 -10.66
C GLN E 159 11.54 35.48 -9.85
N GLN E 160 12.64 36.15 -9.48
CA GLN E 160 12.54 37.32 -8.64
C GLN E 160 13.13 38.62 -9.20
N SER E 161 12.57 39.75 -8.78
CA SER E 161 12.91 41.07 -9.32
C SER E 161 14.31 41.50 -8.85
N VAL E 162 15.11 42.00 -9.81
CA VAL E 162 16.44 42.46 -9.54
C VAL E 162 16.36 43.43 -8.36
N ASN E 163 15.28 44.19 -8.31
CA ASN E 163 15.04 45.03 -7.14
C ASN E 163 15.05 44.16 -5.93
N HIS E 164 14.10 43.24 -5.87
CA HIS E 164 14.06 42.36 -4.72
C HIS E 164 15.45 41.75 -4.42
N LEU E 165 16.12 41.20 -5.43
CA LEU E 165 17.47 40.69 -5.21
C LEU E 165 18.41 41.73 -4.55
N VAL E 166 18.74 42.80 -5.28
CA VAL E 166 19.47 43.99 -4.74
C VAL E 166 19.12 44.34 -3.29
N LYS E 167 17.83 44.37 -2.94
CA LYS E 167 17.46 44.56 -1.53
C LYS E 167 18.06 43.43 -0.70
N GLU E 168 18.07 42.20 -1.24
CA GLU E 168 18.49 41.03 -0.47
C GLU E 168 20.01 40.97 -0.20
N ILE E 169 20.78 41.07 -1.28
CA ILE E 169 22.24 41.27 -1.23
C ILE E 169 22.68 42.43 -0.31
N ASP E 170 21.93 43.55 -0.33
CA ASP E 170 22.27 44.67 0.56
C ASP E 170 21.84 44.35 1.97
N MSE E 171 20.64 43.79 2.07
CA MSE E 171 20.14 43.26 3.32
C MSE E 171 21.24 42.43 3.97
O MSE E 171 21.58 42.62 5.14
CB MSE E 171 18.90 42.42 3.07
CG MSE E 171 18.14 42.10 4.34
SE MSE E 171 17.84 43.69 5.43
CE MSE E 171 16.51 44.57 4.27
N LEU E 172 21.87 41.59 3.14
CA LEU E 172 22.87 40.62 3.55
C LEU E 172 24.18 41.29 4.01
N LEU E 173 24.80 42.05 3.10
CA LEU E 173 26.07 42.74 3.35
C LEU E 173 25.97 43.65 4.56
N LYS E 174 24.89 44.41 4.65
CA LYS E 174 24.71 45.31 5.79
C LYS E 174 24.73 44.50 7.08
N GLU E 175 23.86 43.48 7.13
CA GLU E 175 23.77 42.53 8.24
C GLU E 175 25.13 41.88 8.60
N TYR E 176 25.94 41.59 7.59
CA TYR E 176 27.27 41.05 7.85
C TYR E 176 28.07 41.95 8.78
N LEU E 177 28.34 43.17 8.31
CA LEU E 177 28.92 44.22 9.13
C LEU E 177 28.44 44.17 10.58
N LEU E 178 27.14 43.97 10.76
CA LEU E 178 26.59 43.93 12.10
C LEU E 178 26.99 42.66 12.80
N SER E 179 26.84 41.53 12.12
CA SER E 179 27.11 40.23 12.72
C SER E 179 28.61 40.04 12.91
N GLY E 180 29.35 40.01 11.80
CA GLY E 180 30.73 39.57 11.77
C GLY E 180 30.78 38.19 11.16
N ASP E 181 29.59 37.58 11.00
CA ASP E 181 29.46 36.17 10.63
C ASP E 181 29.61 35.93 9.13
N ILE E 182 30.82 35.59 8.70
CA ILE E 182 31.09 35.28 7.31
C ILE E 182 30.32 34.04 6.77
N SER E 183 29.94 33.10 7.65
CA SER E 183 29.35 31.83 7.18
C SER E 183 27.84 31.97 6.90
N GLU E 184 27.14 32.59 7.84
CA GLU E 184 25.79 33.06 7.60
C GLU E 184 25.75 33.83 6.29
N ALA E 185 26.72 34.71 6.07
CA ALA E 185 26.71 35.51 4.85
C ALA E 185 26.87 34.66 3.58
N GLU E 186 27.77 33.68 3.63
CA GLU E 186 27.85 32.61 2.65
C GLU E 186 26.52 31.82 2.49
N HIS E 187 25.73 31.76 3.55
CA HIS E 187 24.49 30.98 3.51
C HIS E 187 23.36 31.73 2.78
N CYS E 188 23.06 32.94 3.25
CA CYS E 188 22.07 33.78 2.61
C CYS E 188 22.30 33.81 1.11
N LEU E 189 23.55 34.04 0.76
CA LEU E 189 23.94 34.21 -0.62
C LEU E 189 23.57 32.94 -1.40
N LYS E 190 23.80 31.78 -0.77
CA LYS E 190 23.38 30.50 -1.32
C LYS E 190 21.86 30.45 -1.47
N GLU E 191 21.18 30.85 -0.41
CA GLU E 191 19.75 30.99 -0.48
C GLU E 191 19.19 32.01 -1.50
N LEU E 192 20.00 32.95 -1.96
CA LEU E 192 19.61 33.68 -3.19
C LEU E 192 19.45 32.84 -4.45
N GLU E 193 19.96 31.61 -4.44
CA GLU E 193 19.89 30.74 -5.62
C GLU E 193 20.16 31.56 -6.89
N VAL E 194 21.25 32.31 -6.93
CA VAL E 194 21.43 33.07 -8.15
C VAL E 194 22.86 33.37 -8.59
N PRO E 195 23.59 32.29 -8.97
CA PRO E 195 24.99 32.33 -9.30
C PRO E 195 25.34 33.51 -10.23
N HIS E 196 24.66 33.63 -11.38
CA HIS E 196 25.03 34.68 -12.31
C HIS E 196 24.61 36.05 -11.85
N PHE E 197 24.57 36.29 -10.56
CA PHE E 197 24.33 37.62 -10.07
C PHE E 197 25.17 37.88 -8.83
N HIS E 198 26.28 37.17 -8.75
CA HIS E 198 27.15 37.34 -7.62
C HIS E 198 27.96 38.61 -7.77
N HIS E 199 28.26 38.95 -9.02
CA HIS E 199 28.97 40.20 -9.31
C HIS E 199 28.31 41.34 -8.58
N GLU E 200 26.99 41.33 -8.55
CA GLU E 200 26.27 42.31 -7.80
C GLU E 200 26.82 42.45 -6.40
N LEU E 201 26.85 41.33 -5.67
CA LEU E 201 27.37 41.29 -4.30
C LEU E 201 28.77 41.91 -4.21
N VAL E 202 29.70 41.45 -5.06
CA VAL E 202 31.08 41.97 -5.15
C VAL E 202 31.01 43.50 -5.25
N TYR E 203 30.38 43.95 -6.33
CA TYR E 203 30.15 45.35 -6.59
C TYR E 203 29.53 46.09 -5.40
N GLU E 204 28.37 45.65 -4.93
CA GLU E 204 27.75 46.34 -3.81
C GLU E 204 28.68 46.38 -2.62
N ALA E 205 29.63 45.44 -2.59
CA ALA E 205 30.49 45.31 -1.40
C ALA E 205 31.62 46.35 -1.44
N ILE E 206 32.22 46.50 -2.62
CA ILE E 206 33.25 47.48 -2.80
C ILE E 206 32.72 48.91 -2.58
N ILE E 207 31.55 49.21 -3.14
CA ILE E 207 30.92 50.49 -2.87
C ILE E 207 30.76 50.73 -1.36
N MSE E 208 30.48 49.67 -0.60
CA MSE E 208 30.30 49.82 0.84
C MSE E 208 31.62 50.28 1.45
O MSE E 208 31.65 51.15 2.32
CB MSE E 208 29.87 48.51 1.49
CG MSE E 208 28.53 47.98 0.98
SE MSE E 208 27.42 47.12 2.38
CE MSE E 208 28.80 46.85 3.75
N VAL E 209 32.71 49.71 0.93
CA VAL E 209 34.05 50.09 1.35
C VAL E 209 34.29 51.60 1.15
N LEU E 210 34.30 52.03 -0.11
CA LEU E 210 34.60 53.41 -0.49
C LEU E 210 33.77 54.44 0.29
N GLU E 211 32.48 54.16 0.51
CA GLU E 211 31.62 55.09 1.26
C GLU E 211 31.82 55.11 2.78
N SER E 212 32.49 54.09 3.33
CA SER E 212 32.57 53.95 4.79
C SER E 212 33.69 54.82 5.39
N THR E 213 33.55 55.16 6.67
CA THR E 213 34.62 55.86 7.38
C THR E 213 35.41 54.90 8.25
N GLY E 214 36.74 55.01 8.20
CA GLY E 214 37.57 54.18 9.05
C GLY E 214 38.20 53.02 8.28
N GLU E 215 38.48 51.93 8.99
CA GLU E 215 39.24 50.82 8.43
C GLU E 215 38.44 49.51 8.56
N SER E 216 37.46 49.53 9.46
CA SER E 216 36.70 48.34 9.83
C SER E 216 35.94 47.73 8.65
N THR E 217 35.15 48.55 7.95
CA THR E 217 34.49 48.12 6.72
C THR E 217 35.50 47.64 5.67
N PHE E 218 36.63 48.33 5.56
CA PHE E 218 37.72 47.89 4.69
C PHE E 218 38.13 46.44 5.05
N LYS E 219 38.21 46.15 6.36
CA LYS E 219 38.69 44.85 6.87
C LYS E 219 37.64 43.74 6.76
N MSE E 220 36.46 43.97 7.33
CA MSE E 220 35.30 43.09 7.14
C MSE E 220 35.17 42.69 5.67
O MSE E 220 35.49 41.57 5.30
CB MSE E 220 34.00 43.78 7.58
CG MSE E 220 34.12 44.68 8.81
SE MSE E 220 33.05 44.07 10.33
CE MSE E 220 32.57 45.77 11.21
N ILE E 221 34.75 43.62 4.83
CA ILE E 221 34.50 43.29 3.44
C ILE E 221 35.66 42.47 2.90
N LEU E 222 36.87 42.74 3.38
CA LEU E 222 38.05 42.14 2.76
C LEU E 222 38.23 40.68 3.21
N ASP E 223 37.97 40.43 4.51
CA ASP E 223 37.88 39.10 5.07
C ASP E 223 36.83 38.33 4.26
N LEU E 224 35.69 38.99 4.04
CA LEU E 224 34.57 38.32 3.43
C LEU E 224 34.90 37.78 2.03
N LEU E 225 35.53 38.59 1.19
CA LEU E 225 35.74 38.19 -0.18
C LEU E 225 36.94 37.27 -0.23
N LYS E 226 37.68 37.24 0.89
CA LYS E 226 38.81 36.33 1.04
C LYS E 226 38.27 34.94 1.28
N SER E 227 37.39 34.85 2.28
CA SER E 227 36.62 33.65 2.54
C SER E 227 35.85 33.15 1.30
N LEU E 228 34.97 34.01 0.76
CA LEU E 228 34.37 33.76 -0.55
C LEU E 228 35.37 33.38 -1.65
N TRP E 229 36.59 33.90 -1.61
CA TRP E 229 37.55 33.61 -2.69
C TRP E 229 38.00 32.16 -2.51
N LYS E 230 38.25 31.82 -1.25
CA LYS E 230 38.91 30.59 -0.87
C LYS E 230 38.00 29.36 -1.06
N SER E 231 36.71 29.53 -0.71
CA SER E 231 35.69 28.50 -0.86
C SER E 231 35.24 28.39 -2.30
N SER E 232 35.39 29.49 -3.04
CA SER E 232 34.90 29.63 -4.40
C SER E 232 33.40 29.82 -4.45
N THR E 233 32.83 30.20 -3.32
CA THR E 233 31.45 30.57 -3.29
C THR E 233 31.17 31.55 -4.42
N ILE E 234 31.95 32.62 -4.52
CA ILE E 234 31.94 33.42 -5.74
C ILE E 234 33.04 32.94 -6.69
N THR E 235 32.69 32.73 -7.94
CA THR E 235 33.68 32.28 -8.93
C THR E 235 34.64 33.41 -9.31
N VAL E 236 35.77 33.00 -9.92
CA VAL E 236 36.74 33.97 -10.41
C VAL E 236 36.01 34.90 -11.39
N ASP E 237 35.23 34.30 -12.28
CA ASP E 237 34.48 34.99 -13.34
C ASP E 237 33.58 36.10 -12.77
N GLN E 238 32.80 35.74 -11.77
CA GLN E 238 31.90 36.68 -11.14
C GLN E 238 32.65 37.73 -10.34
N MSE E 239 33.84 37.37 -9.85
CA MSE E 239 34.72 38.31 -9.14
C MSE E 239 35.12 39.38 -10.14
O MSE E 239 34.71 40.54 -10.03
CB MSE E 239 35.99 37.60 -8.62
CG MSE E 239 35.88 37.04 -7.23
SE MSE E 239 35.92 38.40 -5.78
CE MSE E 239 35.84 37.27 -4.19
N LYS E 240 35.90 38.95 -11.14
CA LYS E 240 36.34 39.77 -12.26
C LYS E 240 35.20 40.68 -12.70
N ARG E 241 34.08 40.08 -13.14
CA ARG E 241 32.93 40.85 -13.60
C ARG E 241 32.41 41.85 -12.56
N GLY E 242 32.50 41.47 -11.28
CA GLY E 242 32.10 42.33 -10.16
C GLY E 242 33.02 43.53 -10.00
N TYR E 243 34.32 43.29 -10.14
CA TYR E 243 35.34 44.32 -10.02
C TYR E 243 35.29 45.35 -11.17
N GLU E 244 35.30 44.86 -12.41
CA GLU E 244 35.31 45.71 -13.58
C GLU E 244 34.09 46.63 -13.65
N ARG E 245 32.95 46.19 -13.13
CA ARG E 245 31.77 47.07 -13.02
C ARG E 245 32.15 48.31 -12.22
N ILE E 246 33.03 48.12 -11.22
CA ILE E 246 33.49 49.20 -10.35
C ILE E 246 34.54 50.10 -11.07
N TYR E 247 35.44 49.44 -11.79
CA TYR E 247 36.42 50.10 -12.66
C TYR E 247 35.72 51.01 -13.68
N ASN E 248 34.51 50.62 -14.09
CA ASN E 248 33.77 51.35 -15.10
C ASN E 248 33.01 52.55 -14.60
N GLU E 249 32.63 52.50 -13.34
CA GLU E 249 31.62 53.41 -12.81
C GLU E 249 32.23 54.26 -11.71
N ILE E 250 33.55 54.24 -11.64
CA ILE E 250 34.28 54.99 -10.63
C ILE E 250 34.13 56.52 -10.79
N PRO E 251 34.07 57.03 -12.04
CA PRO E 251 33.55 58.39 -12.14
C PRO E 251 32.25 58.55 -11.35
N ASP E 252 31.23 57.75 -11.68
CA ASP E 252 29.89 57.93 -11.10
C ASP E 252 29.91 57.82 -9.58
N ILE E 253 30.75 56.93 -9.06
CA ILE E 253 30.95 56.78 -7.61
C ILE E 253 31.69 57.99 -7.06
N ASN E 254 32.75 58.37 -7.78
CA ASN E 254 33.50 59.57 -7.52
C ASN E 254 32.59 60.77 -7.20
N LEU E 255 31.54 60.96 -7.99
CA LEU E 255 30.59 62.04 -7.74
C LEU E 255 30.03 62.02 -6.31
N ASP E 256 29.74 60.83 -5.79
CA ASP E 256 29.16 60.68 -4.44
C ASP E 256 30.21 60.62 -3.33
N VAL E 257 31.38 60.10 -3.68
CA VAL E 257 32.57 60.22 -2.82
C VAL E 257 33.79 60.69 -3.63
N PRO E 258 34.30 61.91 -3.33
CA PRO E 258 35.50 62.45 -3.99
C PRO E 258 36.70 61.57 -3.72
N HIS E 259 36.98 61.31 -2.45
CA HIS E 259 38.13 60.50 -2.03
C HIS E 259 38.15 59.09 -2.64
N SER E 260 37.14 58.79 -3.47
CA SER E 260 36.86 57.42 -3.92
C SER E 260 37.95 56.77 -4.76
N TYR E 261 38.72 57.57 -5.50
CA TYR E 261 39.83 57.05 -6.31
C TYR E 261 41.01 56.63 -5.42
N SER E 262 41.02 57.15 -4.20
CA SER E 262 42.05 56.84 -3.23
C SER E 262 41.77 55.45 -2.63
N VAL E 263 40.70 55.35 -1.83
CA VAL E 263 40.31 54.06 -1.23
C VAL E 263 40.42 52.93 -2.24
N LEU E 264 39.77 53.08 -3.40
CA LEU E 264 39.75 52.03 -4.44
C LEU E 264 41.09 51.34 -4.61
N GLU E 265 42.11 52.15 -4.88
CA GLU E 265 43.45 51.66 -5.18
C GLU E 265 44.04 50.88 -4.00
N ARG E 266 43.83 51.38 -2.80
CA ARG E 266 44.34 50.70 -1.60
C ARG E 266 43.82 49.27 -1.54
N PHE E 267 42.49 49.15 -1.40
CA PHE E 267 41.73 47.90 -1.43
C PHE E 267 42.09 46.97 -2.61
N VAL E 268 42.05 47.50 -3.83
CA VAL E 268 42.45 46.74 -5.01
C VAL E 268 43.83 46.12 -4.84
N GLU E 269 44.73 46.83 -4.17
CA GLU E 269 46.09 46.36 -3.94
C GLU E 269 46.07 45.31 -2.83
N GLU E 270 45.40 45.66 -1.74
CA GLU E 270 45.11 44.78 -0.62
C GLU E 270 44.45 43.43 -1.01
N CYS E 271 44.00 43.33 -2.25
CA CYS E 271 43.29 42.16 -2.71
C CYS E 271 44.21 41.36 -3.60
N PHE E 272 45.03 42.08 -4.35
CA PHE E 272 46.09 41.43 -5.09
C PHE E 272 46.98 40.74 -4.04
N GLN E 273 47.08 41.39 -2.88
CA GLN E 273 47.90 40.88 -1.79
C GLN E 273 47.41 39.56 -1.22
N ALA E 274 46.10 39.42 -1.07
CA ALA E 274 45.51 38.18 -0.57
C ALA E 274 45.26 37.13 -1.68
N GLY E 275 45.95 37.26 -2.81
CA GLY E 275 45.84 36.28 -3.90
C GLY E 275 44.49 36.25 -4.61
N ILE E 276 43.60 37.19 -4.25
CA ILE E 276 42.19 37.10 -4.67
C ILE E 276 41.82 37.70 -6.03
N ILE E 277 42.77 38.37 -6.68
CA ILE E 277 42.58 38.85 -8.07
C ILE E 277 43.89 38.83 -8.80
N SER E 278 43.86 38.55 -10.10
CA SER E 278 45.11 38.45 -10.88
C SER E 278 45.79 39.83 -11.02
N LYS E 279 47.04 39.81 -11.51
CA LYS E 279 47.79 41.02 -11.85
C LYS E 279 46.96 41.89 -12.80
N GLN E 280 46.68 41.36 -13.99
CA GLN E 280 45.76 41.99 -14.94
C GLN E 280 44.73 42.88 -14.24
N LEU E 281 44.03 42.30 -13.27
CA LEU E 281 42.91 42.93 -12.62
C LEU E 281 43.36 44.11 -11.78
N ARG E 282 44.50 43.95 -11.10
CA ARG E 282 45.12 45.05 -10.37
C ARG E 282 45.58 46.14 -11.35
N ASP E 283 46.15 45.69 -12.48
CA ASP E 283 46.73 46.57 -13.51
C ASP E 283 45.68 47.12 -14.48
N LEU E 284 44.42 47.16 -14.04
CA LEU E 284 43.36 47.80 -14.79
C LEU E 284 42.57 48.75 -13.90
N CYS E 285 42.93 48.80 -12.63
CA CYS E 285 42.37 49.81 -11.74
C CYS E 285 42.80 51.19 -12.23
N PRO E 286 41.84 52.07 -12.47
CA PRO E 286 42.17 53.46 -12.82
C PRO E 286 42.89 54.16 -11.67
N SER E 287 43.90 54.97 -12.03
CA SER E 287 44.62 55.83 -11.08
C SER E 287 44.12 57.27 -11.18
N ARG E 288 44.41 58.07 -10.15
CA ARG E 288 43.84 59.42 -10.03
C ARG E 288 42.96 59.78 -11.22
N ALA F 69 13.74 69.43 5.87
CA ALA F 69 12.65 68.60 5.38
C ALA F 69 11.32 69.19 5.81
N ILE F 70 11.30 69.68 7.05
CA ILE F 70 10.09 70.06 7.73
C ILE F 70 9.48 71.35 7.13
N SER F 71 10.34 72.32 6.79
CA SER F 71 9.92 73.63 6.27
C SER F 71 10.03 73.76 4.75
N ILE F 72 10.66 72.78 4.11
CA ILE F 72 10.81 72.77 2.66
C ILE F 72 9.46 72.59 1.93
N LEU F 73 8.68 71.61 2.36
CA LEU F 73 7.39 71.33 1.71
C LEU F 73 6.31 72.39 1.98
N GLN F 74 6.33 73.00 3.18
CA GLN F 74 5.37 74.06 3.49
C GLN F 74 5.64 75.33 2.68
N GLN F 75 6.92 75.71 2.56
CA GLN F 75 7.31 76.92 1.82
C GLN F 75 7.54 76.66 0.32
N ILE F 76 7.05 75.54 -0.19
CA ILE F 76 7.14 75.21 -1.62
C ILE F 76 5.84 75.53 -2.35
N GLU F 77 5.73 75.08 -3.60
CA GLU F 77 4.54 75.26 -4.42
C GLU F 77 4.28 74.03 -5.29
N LEU F 78 3.39 73.16 -4.83
CA LEU F 78 3.10 71.89 -5.48
C LEU F 78 2.23 72.06 -6.74
N ASP F 79 2.64 72.97 -7.63
CA ASP F 79 1.83 73.36 -8.79
C ASP F 79 2.69 73.56 -10.05
N LEU F 80 3.97 73.84 -9.84
CA LEU F 80 4.90 74.13 -10.94
C LEU F 80 5.90 72.98 -11.13
N LYS F 81 6.07 72.55 -12.37
CA LYS F 81 6.82 71.35 -12.68
C LYS F 81 8.26 71.66 -13.05
N ALA F 82 9.01 72.15 -12.05
CA ALA F 82 10.43 72.46 -12.18
C ALA F 82 11.06 72.51 -10.79
N THR F 83 12.31 72.07 -10.67
CA THR F 83 12.97 71.96 -9.37
C THR F 83 12.91 73.27 -8.58
N GLN F 84 12.29 73.20 -7.41
CA GLN F 84 12.09 74.36 -6.57
C GLN F 84 12.95 74.31 -5.31
N ALA F 85 13.36 73.10 -4.94
CA ALA F 85 14.20 72.90 -3.76
C ALA F 85 15.48 72.15 -4.09
N LEU F 86 16.58 72.61 -3.51
CA LEU F 86 17.85 71.93 -3.61
C LEU F 86 18.37 71.54 -2.22
N VAL F 87 18.60 70.26 -2.01
CA VAL F 87 19.11 69.75 -0.73
C VAL F 87 20.38 68.96 -0.96
N LEU F 88 21.43 69.32 -0.21
CA LEU F 88 22.70 68.62 -0.29
C LEU F 88 22.98 67.75 0.94
N ALA F 89 23.44 66.51 0.71
CA ALA F 89 23.71 65.54 1.78
C ALA F 89 25.15 65.04 1.67
N PRO F 90 25.72 64.52 2.78
CA PRO F 90 27.11 64.03 2.73
C PRO F 90 27.30 62.79 1.86
N THR F 91 26.34 61.88 1.89
CA THR F 91 26.46 60.62 1.15
C THR F 91 25.13 60.20 0.57
N ARG F 92 25.20 59.42 -0.51
CA ARG F 92 24.03 58.81 -1.12
C ARG F 92 23.09 58.21 -0.09
N GLU F 93 23.69 57.64 0.96
CA GLU F 93 22.95 57.06 2.09
C GLU F 93 21.98 58.07 2.69
N LEU F 94 22.53 59.10 3.32
CA LEU F 94 21.73 60.06 4.06
C LEU F 94 20.82 60.86 3.13
N ALA F 95 20.96 60.67 1.82
CA ALA F 95 20.15 61.40 0.83
C ALA F 95 18.78 60.78 0.55
N GLN F 96 18.69 59.44 0.58
CA GLN F 96 17.40 58.73 0.46
C GLN F 96 16.59 58.72 1.73
N GLN F 97 17.25 58.49 2.87
CA GLN F 97 16.61 58.60 4.17
C GLN F 97 15.99 59.99 4.33
N ILE F 98 16.63 61.00 3.74
CA ILE F 98 16.04 62.34 3.66
C ILE F 98 14.82 62.33 2.75
N GLN F 99 14.98 61.82 1.53
CA GLN F 99 13.90 61.82 0.52
C GLN F 99 12.72 60.89 0.88
N LYS F 100 12.98 59.87 1.70
CA LYS F 100 11.92 59.18 2.40
C LYS F 100 11.24 60.15 3.36
N VAL F 101 11.99 60.68 4.33
CA VAL F 101 11.44 61.60 5.35
C VAL F 101 10.52 62.68 4.76
N VAL F 102 10.86 63.19 3.58
CA VAL F 102 10.06 64.22 2.90
C VAL F 102 8.77 63.68 2.30
N MET F 103 8.86 62.64 1.49
CA MET F 103 7.67 62.02 0.92
C MET F 103 6.80 61.40 2.01
N ALA F 104 7.44 60.88 3.06
CA ALA F 104 6.75 60.38 4.26
C ALA F 104 6.18 61.53 5.08
N LEU F 105 6.08 62.69 4.44
CA LEU F 105 5.09 63.72 4.80
C LEU F 105 4.22 63.96 3.56
N GLY F 106 3.37 62.99 3.24
CA GLY F 106 2.52 63.07 2.05
C GLY F 106 2.63 61.85 1.15
N ASP F 107 2.56 62.06 -0.17
CA ASP F 107 2.33 63.38 -0.75
C ASP F 107 1.18 63.36 -1.77
N CYS F 113 9.14 64.60 -4.33
CA CYS F 113 10.59 64.75 -4.21
C CYS F 113 11.31 63.59 -4.91
N HIS F 114 12.64 63.66 -4.93
CA HIS F 114 13.43 62.69 -5.66
C HIS F 114 14.92 62.72 -5.28
N ALA F 115 15.43 61.63 -4.69
CA ALA F 115 16.87 61.49 -4.39
C ALA F 115 17.66 60.96 -5.59
N CYS F 116 18.90 61.42 -5.75
CA CYS F 116 19.66 61.15 -6.96
C CYS F 116 20.60 59.95 -6.85
N ILE F 117 20.11 58.79 -7.29
CA ILE F 117 20.92 57.56 -7.32
C ILE F 117 21.99 57.69 -8.41
N GLY F 118 22.96 56.79 -8.42
CA GLY F 118 23.92 56.76 -9.51
C GLY F 118 24.28 55.35 -9.94
N GLY F 119 23.31 54.45 -9.86
CA GLY F 119 23.55 53.05 -10.17
C GLY F 119 23.77 52.82 -11.65
N THR F 120 23.79 51.55 -12.04
CA THR F 120 23.69 51.19 -13.45
C THR F 120 22.37 51.71 -14.00
N ASN F 121 21.42 51.95 -13.10
CA ASN F 121 20.18 52.64 -13.39
C ASN F 121 20.38 54.16 -13.50
N VAL F 122 20.98 54.61 -14.61
CA VAL F 122 21.32 56.02 -14.76
C VAL F 122 20.57 56.71 -15.90
N ARG F 123 20.55 56.07 -17.07
CA ARG F 123 19.76 56.56 -18.20
C ARG F 123 18.27 56.33 -17.95
N ALA F 124 17.97 55.28 -17.20
CA ALA F 124 16.64 55.10 -16.61
C ALA F 124 16.21 56.37 -15.86
N GLU F 125 17.11 56.89 -15.02
CA GLU F 125 16.77 57.97 -14.10
C GLU F 125 17.00 59.39 -14.65
N VAL F 126 17.84 59.51 -15.69
CA VAL F 126 18.04 60.80 -16.37
C VAL F 126 16.87 61.15 -17.27
N GLN F 127 16.45 60.16 -18.07
CA GLN F 127 15.29 60.28 -18.94
C GLN F 127 14.00 60.35 -18.12
N LYS F 128 14.10 60.07 -16.83
CA LYS F 128 13.06 60.40 -15.88
C LYS F 128 13.16 61.89 -15.50
N LEU F 129 14.40 62.38 -15.39
CA LEU F 129 14.68 63.75 -14.94
C LEU F 129 14.19 64.82 -15.91
N GLN F 130 14.03 64.44 -17.18
CA GLN F 130 13.69 65.39 -18.23
C GLN F 130 12.22 65.75 -18.18
N MET F 131 11.38 64.83 -18.64
CA MET F 131 9.99 65.11 -18.97
C MET F 131 9.18 65.84 -17.87
N GLU F 132 8.78 65.13 -16.80
CA GLU F 132 8.09 65.78 -15.67
C GLU F 132 8.98 65.95 -14.43
N ALA F 133 9.79 67.00 -14.45
CA ALA F 133 10.97 67.16 -13.60
C ALA F 133 10.70 67.36 -12.11
N PRO F 134 11.65 66.91 -11.27
CA PRO F 134 11.69 66.89 -9.82
C PRO F 134 10.82 67.90 -9.10
N HIS F 135 9.78 67.39 -8.45
CA HIS F 135 9.29 67.97 -7.20
C HIS F 135 10.41 68.78 -6.54
N ILE F 136 11.24 68.06 -5.79
CA ILE F 136 12.39 68.57 -5.06
C ILE F 136 13.58 67.67 -5.42
N ILE F 137 14.78 68.11 -5.07
CA ILE F 137 15.99 67.35 -5.33
C ILE F 137 16.94 67.36 -4.13
N VAL F 138 17.33 66.16 -3.68
CA VAL F 138 18.36 66.02 -2.66
C VAL F 138 19.49 65.12 -3.19
N GLY F 139 20.73 65.56 -2.99
CA GLY F 139 21.88 64.87 -3.56
C GLY F 139 23.18 65.22 -2.88
N THR F 140 24.26 64.52 -3.23
CA THR F 140 25.60 64.87 -2.75
C THR F 140 26.20 65.87 -3.74
N PRO F 141 26.87 66.92 -3.22
CA PRO F 141 27.25 68.01 -4.09
C PRO F 141 27.89 67.54 -5.40
N GLY F 142 28.63 66.43 -5.36
CA GLY F 142 29.41 65.96 -6.50
C GLY F 142 28.60 65.63 -7.73
N ARG F 143 27.43 65.01 -7.53
CA ARG F 143 26.62 64.60 -8.67
C ARG F 143 25.48 65.58 -8.99
N VAL F 144 25.03 66.31 -7.96
CA VAL F 144 24.16 67.46 -8.16
C VAL F 144 24.82 68.46 -9.12
N PHE F 145 26.04 68.88 -8.78
CA PHE F 145 26.84 69.69 -9.69
C PHE F 145 26.86 69.15 -11.12
N ASP F 146 26.93 67.83 -11.27
CA ASP F 146 27.00 67.22 -12.60
C ASP F 146 25.69 67.38 -13.36
N MET F 147 24.58 67.28 -12.64
CA MET F 147 23.28 67.26 -13.29
C MET F 147 22.76 68.64 -13.59
N LEU F 148 22.97 69.56 -12.64
CA LEU F 148 22.74 70.98 -12.89
C LEU F 148 23.56 71.43 -14.10
N ASN F 149 24.81 70.97 -14.14
CA ASN F 149 25.67 71.11 -15.30
C ASN F 149 24.95 70.80 -16.61
N ARG F 150 24.94 69.52 -16.98
CA ARG F 150 24.36 69.10 -18.25
C ARG F 150 22.84 69.24 -18.26
N ARG F 151 22.35 70.25 -17.55
CA ARG F 151 21.00 70.77 -17.72
C ARG F 151 19.87 69.77 -17.45
N TYR F 152 20.24 68.60 -16.94
CA TYR F 152 19.28 67.66 -16.37
C TYR F 152 18.52 68.37 -15.27
N LEU F 153 19.23 69.27 -14.60
CA LEU F 153 18.65 70.14 -13.60
C LEU F 153 18.65 71.58 -14.10
N SER F 154 17.61 72.32 -13.71
CA SER F 154 17.48 73.72 -14.09
C SER F 154 17.43 74.63 -12.87
N PRO F 155 18.38 75.59 -12.81
CA PRO F 155 18.55 76.47 -11.65
C PRO F 155 17.33 77.36 -11.44
N LYS F 156 16.32 77.26 -12.32
CA LYS F 156 15.14 78.13 -12.31
C LYS F 156 14.46 78.29 -10.96
N TYR F 157 13.31 77.65 -10.76
CA TYR F 157 12.49 77.93 -9.57
C TYR F 157 13.11 77.45 -8.25
N ILE F 158 14.44 77.42 -8.18
CA ILE F 158 15.15 76.98 -6.98
C ILE F 158 15.24 78.11 -5.94
N LYS F 159 14.18 78.24 -5.13
CA LYS F 159 14.10 79.26 -4.10
C LYS F 159 14.65 78.74 -2.77
N MET F 160 14.96 77.44 -2.72
CA MET F 160 15.44 76.82 -1.50
C MET F 160 16.82 76.19 -1.73
N PHE F 161 17.67 76.24 -0.70
CA PHE F 161 19.03 75.74 -0.79
C PHE F 161 19.52 75.26 0.58
N VAL F 162 19.25 73.99 0.88
CA VAL F 162 19.67 73.39 2.14
C VAL F 162 21.04 72.76 2.01
N LEU F 163 21.90 73.03 2.98
CA LEU F 163 23.13 72.28 3.09
C LEU F 163 23.09 71.52 4.40
N ASP F 164 22.83 70.21 4.32
CA ASP F 164 22.76 69.39 5.52
C ASP F 164 24.10 68.73 5.83
N GLU F 165 24.45 68.66 7.11
CA GLU F 165 25.77 68.17 7.53
C GLU F 165 26.88 68.83 6.71
N ALA F 166 27.13 70.10 7.02
CA ALA F 166 28.15 70.89 6.34
C ALA F 166 29.57 70.48 6.72
N ASP F 167 29.79 70.16 8.00
CA ASP F 167 31.05 69.55 8.44
C ASP F 167 31.42 68.28 7.64
N GLU F 168 30.47 67.34 7.56
CA GLU F 168 30.67 66.08 6.85
C GLU F 168 30.89 66.25 5.33
N MET F 169 30.27 67.28 4.75
CA MET F 169 30.39 67.54 3.32
C MET F 169 31.77 68.10 2.95
N LEU F 170 32.16 69.19 3.61
CA LEU F 170 33.43 69.85 3.33
C LEU F 170 34.59 68.89 3.58
N SER F 171 34.50 68.17 4.70
CA SER F 171 35.57 67.30 5.13
C SER F 171 35.57 65.98 4.38
N ARG F 172 34.59 65.78 3.51
CA ARG F 172 34.66 64.69 2.54
C ARG F 172 35.34 65.16 1.25
N GLY F 173 35.61 66.47 1.19
CA GLY F 173 36.31 67.09 0.08
C GLY F 173 35.33 67.50 -1.00
N PHE F 174 34.16 67.97 -0.57
CA PHE F 174 33.13 68.40 -1.51
C PHE F 174 33.25 69.90 -1.77
N LYS F 175 34.41 70.47 -1.41
CA LYS F 175 34.57 71.93 -1.27
C LYS F 175 34.17 72.75 -2.50
N ASP F 176 34.89 72.55 -3.62
CA ASP F 176 34.57 73.17 -4.91
C ASP F 176 33.09 73.12 -5.22
N GLN F 177 32.56 71.90 -5.14
CA GLN F 177 31.23 71.55 -5.62
C GLN F 177 30.12 72.33 -4.93
N ILE F 178 30.31 72.66 -3.65
CA ILE F 178 29.37 73.51 -2.92
C ILE F 178 29.44 74.96 -3.43
N TYR F 179 30.62 75.34 -3.93
CA TYR F 179 30.88 76.70 -4.43
C TYR F 179 30.50 76.86 -5.90
N ASP F 180 30.92 75.91 -6.71
CA ASP F 180 30.46 75.84 -8.09
C ASP F 180 28.93 75.86 -8.15
N ILE F 181 28.30 75.01 -7.34
CA ILE F 181 26.85 74.85 -7.35
C ILE F 181 26.12 76.15 -7.00
N PHE F 182 26.65 76.89 -6.05
CA PHE F 182 26.03 78.13 -5.64
C PHE F 182 26.08 79.18 -6.76
N GLN F 183 27.18 79.16 -7.51
CA GLN F 183 27.42 80.12 -8.60
C GLN F 183 26.37 80.06 -9.70
N LYS F 184 25.61 78.96 -9.74
CA LYS F 184 24.60 78.78 -10.77
C LYS F 184 23.19 79.09 -10.29
N LEU F 185 23.06 79.37 -8.98
CA LEU F 185 21.78 79.71 -8.37
C LEU F 185 21.51 81.21 -8.33
N ASN F 186 20.24 81.58 -8.37
CA ASN F 186 19.84 82.98 -8.35
C ASN F 186 20.12 83.65 -7.02
N SER F 187 20.19 84.97 -7.06
CA SER F 187 20.49 85.77 -5.88
C SER F 187 19.60 85.45 -4.68
N ASN F 188 18.32 85.18 -4.96
CA ASN F 188 17.33 84.93 -3.91
C ASN F 188 17.69 83.82 -2.93
N THR F 189 17.90 82.62 -3.46
CA THR F 189 17.72 81.37 -2.72
C THR F 189 18.02 81.43 -1.22
N GLN F 190 17.01 81.11 -0.41
CA GLN F 190 17.20 80.92 1.02
C GLN F 190 18.41 80.02 1.22
N VAL F 191 19.32 80.42 2.10
CA VAL F 191 20.50 79.63 2.37
C VAL F 191 20.68 79.39 3.87
N LEU F 193 21.63 75.81 6.24
CA LEU F 193 22.93 75.18 6.52
C LEU F 193 22.90 74.51 7.89
N LEU F 194 23.58 73.37 7.99
CA LEU F 194 23.49 72.50 9.17
C LEU F 194 24.85 71.83 9.47
N SER F 195 25.20 71.78 10.77
CA SER F 195 26.44 71.15 11.20
C SER F 195 26.54 70.98 12.72
N ALA F 196 27.14 69.86 13.12
CA ALA F 196 27.62 69.70 14.48
C ALA F 196 28.74 70.74 14.73
N THR F 197 29.81 70.64 13.95
CA THR F 197 31.01 71.48 14.10
C THR F 197 31.10 72.63 13.08
N MET F 198 31.76 73.73 13.47
CA MET F 198 31.97 74.90 12.58
C MET F 198 33.45 75.28 12.37
N PRO F 199 34.20 74.50 11.56
CA PRO F 199 35.61 74.80 11.31
C PRO F 199 35.85 76.06 10.46
N SER F 200 37.04 76.15 9.86
CA SER F 200 37.47 77.32 9.10
C SER F 200 36.69 77.49 7.80
N ASP F 201 36.43 76.39 7.12
CA ASP F 201 35.80 76.40 5.80
C ASP F 201 34.28 76.48 5.87
N VAL F 202 33.69 75.89 6.90
CA VAL F 202 32.23 75.85 7.05
C VAL F 202 31.71 77.18 7.57
N LEU F 203 32.54 77.90 8.32
CA LEU F 203 32.17 79.25 8.73
C LEU F 203 32.35 80.20 7.55
N GLU F 204 33.33 79.89 6.70
CA GLU F 204 33.67 80.73 5.54
C GLU F 204 32.58 80.69 4.47
N VAL F 205 31.73 79.66 4.56
CA VAL F 205 30.56 79.52 3.68
C VAL F 205 29.37 80.36 4.18
N THR F 206 29.12 80.33 5.48
CA THR F 206 28.08 81.19 6.06
C THR F 206 28.20 82.61 5.50
N LYS F 207 29.40 83.17 5.55
CA LYS F 207 29.68 84.57 5.17
C LYS F 207 29.43 84.83 3.70
N LYS F 208 30.05 84.02 2.85
CA LYS F 208 29.98 84.21 1.41
C LYS F 208 28.57 83.98 0.84
N PHE F 209 27.77 83.15 1.53
CA PHE F 209 26.55 82.57 0.95
C PHE F 209 25.25 83.07 1.59
N MET F 210 25.32 83.45 2.86
CA MET F 210 24.13 83.89 3.59
C MET F 210 24.17 85.40 3.82
N ARG F 211 23.00 86.00 4.06
CA ARG F 211 22.91 87.42 4.37
C ARG F 211 22.10 87.64 5.64
N ASP F 212 22.79 87.80 6.77
CA ASP F 212 22.13 87.99 8.06
C ASP F 212 21.32 86.76 8.51
N PRO F 213 22.01 85.66 8.84
CA PRO F 213 21.37 84.44 9.36
C PRO F 213 20.66 84.67 10.69
N GLY F 227 17.37 55.48 34.34
CA GLY F 227 18.73 54.97 34.55
C GLY F 227 19.09 53.97 33.49
N ILE F 228 20.31 53.41 33.58
CA ILE F 228 20.82 52.50 32.57
C ILE F 228 21.64 51.33 33.18
N ARG F 229 20.94 50.40 33.85
CA ARG F 229 21.58 49.37 34.68
C ARG F 229 21.96 48.12 33.87
N GLN F 230 23.19 47.63 34.07
CA GLN F 230 23.86 46.78 33.07
C GLN F 230 24.63 45.55 33.58
N PHE F 231 24.08 44.36 33.32
CA PHE F 231 24.61 43.12 33.89
C PHE F 231 25.07 42.16 32.80
N TYR F 232 25.79 41.10 33.21
CA TYR F 232 26.15 40.05 32.27
C TYR F 232 26.14 38.64 32.88
N ILE F 233 25.57 37.68 32.13
CA ILE F 233 25.50 36.29 32.57
C ILE F 233 26.34 35.40 31.67
N ASN F 234 26.61 34.18 32.13
CA ASN F 234 27.37 33.21 31.33
C ASN F 234 26.66 31.88 31.14
N VAL F 235 26.54 31.45 29.88
CA VAL F 235 25.85 30.20 29.55
C VAL F 235 26.83 29.05 29.37
N GLU F 238 26.28 28.06 25.09
CA GLU F 238 25.88 28.46 23.75
C GLU F 238 24.45 28.03 23.47
N GLU F 239 24.19 26.73 23.53
CA GLU F 239 22.83 26.18 23.54
C GLU F 239 21.99 26.67 24.74
N TRP F 240 22.63 26.90 25.89
CA TRP F 240 21.88 27.33 27.09
C TRP F 240 21.32 28.77 27.02
N LYS F 241 21.68 29.50 25.96
CA LYS F 241 21.22 30.87 25.80
C LYS F 241 19.69 30.91 25.73
N LEU F 242 19.12 30.08 24.85
CA LEU F 242 17.68 29.85 24.85
C LEU F 242 17.15 29.55 26.26
N ASP F 243 17.94 28.82 27.06
CA ASP F 243 17.54 28.40 28.39
C ASP F 243 17.57 29.50 29.45
N THR F 244 18.66 30.27 29.49
CA THR F 244 18.69 31.46 30.33
C THR F 244 17.71 32.52 29.81
N LEU F 245 17.41 32.48 28.52
CA LEU F 245 16.33 33.28 27.97
C LEU F 245 14.99 32.96 28.64
N CYS F 246 14.73 31.66 28.84
CA CYS F 246 13.50 31.20 29.54
C CYS F 246 13.63 31.17 31.06
N ASP F 247 14.84 31.36 31.58
CA ASP F 247 15.04 31.56 33.02
C ASP F 247 14.48 32.93 33.42
N LEU F 248 14.76 33.92 32.59
CA LEU F 248 14.42 35.30 32.90
C LEU F 248 13.10 35.74 32.23
N TYR F 249 12.60 34.94 31.29
CA TYR F 249 11.21 35.09 30.81
C TYR F 249 10.26 34.82 31.96
N GLU F 250 10.71 33.94 32.86
CA GLU F 250 10.00 33.57 34.09
C GLU F 250 10.24 34.54 35.26
N THR F 251 11.44 35.12 35.33
CA THR F 251 11.85 35.94 36.48
C THR F 251 12.30 37.35 36.10
N THR F 253 10.06 39.58 32.33
CA THR F 253 8.80 39.04 32.83
C THR F 253 7.67 40.04 32.59
N ILE F 254 8.05 41.25 32.18
CA ILE F 254 7.12 42.39 32.11
C ILE F 254 6.09 42.24 30.99
N GLN F 256 6.97 43.91 28.08
CA GLN F 256 7.99 44.68 27.35
C GLN F 256 9.41 44.15 27.61
N ALA F 257 10.13 43.89 26.52
CA ALA F 257 11.53 43.47 26.55
C ALA F 257 12.06 43.32 25.13
N VAL F 258 13.14 44.03 24.79
CA VAL F 258 13.68 43.94 23.43
C VAL F 258 14.85 42.98 23.39
N ILE F 259 14.80 42.07 22.40
CA ILE F 259 15.82 41.03 22.27
C ILE F 259 16.61 41.22 20.99
N PHE F 260 17.79 41.82 21.14
CA PHE F 260 18.68 42.03 20.02
C PHE F 260 19.47 40.76 19.75
N ILE F 261 19.26 40.18 18.58
CA ILE F 261 20.07 39.05 18.11
C ILE F 261 20.72 39.46 16.78
N ASN F 262 21.76 38.73 16.35
CA ASN F 262 22.69 39.26 15.33
C ASN F 262 22.55 38.91 13.86
N THR F 263 21.49 38.17 13.51
CA THR F 263 21.09 37.99 12.11
C THR F 263 19.57 37.72 11.97
N ARG F 264 19.02 37.99 10.80
CA ARG F 264 17.62 37.67 10.53
C ARG F 264 17.34 36.21 10.84
N ARG F 265 18.17 35.32 10.30
CA ARG F 265 18.00 33.88 10.48
C ARG F 265 17.96 33.48 11.96
N LYS F 266 18.96 33.87 12.73
CA LYS F 266 18.82 33.67 14.15
C LYS F 266 17.58 34.35 14.77
N VAL F 267 16.95 35.31 14.09
CA VAL F 267 15.67 35.82 14.63
C VAL F 267 14.52 34.84 14.41
N ASP F 268 14.20 34.58 13.13
CA ASP F 268 13.36 33.43 12.73
C ASP F 268 13.57 32.20 13.66
N TRP F 269 14.82 31.78 13.84
CA TRP F 269 15.11 30.62 14.66
C TRP F 269 14.57 30.84 16.05
N LEU F 270 15.21 31.78 16.75
CA LEU F 270 14.91 32.06 18.15
C LEU F 270 13.41 32.31 18.37
N THR F 271 12.71 32.67 17.30
CA THR F 271 11.26 32.94 17.35
C THR F 271 10.45 31.64 17.49
N GLU F 272 10.66 30.69 16.58
CA GLU F 272 10.01 29.37 16.59
C GLU F 272 10.35 28.55 17.85
N LYS F 273 11.62 28.50 18.23
CA LYS F 273 11.98 27.77 19.45
C LYS F 273 11.23 28.28 20.69
N MET F 274 10.75 29.52 20.65
CA MET F 274 9.96 30.10 21.74
C MET F 274 8.47 29.69 21.67
N HIS F 275 7.89 29.74 20.47
CA HIS F 275 6.50 29.32 20.25
C HIS F 275 6.27 27.83 20.46
N ALA F 276 7.31 27.02 20.25
CA ALA F 276 7.25 25.60 20.60
C ALA F 276 7.55 25.39 22.08
N ARG F 277 7.75 26.48 22.81
CA ARG F 277 8.04 26.42 24.23
C ARG F 277 7.05 27.26 25.03
N ASP F 278 5.93 27.59 24.38
CA ASP F 278 4.73 28.18 25.03
C ASP F 278 4.85 29.68 25.33
N PHE F 279 5.84 30.34 24.73
CA PHE F 279 6.08 31.77 24.97
C PHE F 279 5.56 32.66 23.82
N THR F 280 4.62 33.55 24.14
CA THR F 280 4.12 34.52 23.16
C THR F 280 5.22 35.51 22.80
N VAL F 281 5.45 35.69 21.50
CA VAL F 281 6.55 36.56 21.04
C VAL F 281 6.35 37.11 19.62
N SER F 282 6.95 38.29 19.36
CA SER F 282 6.80 39.00 18.08
C SER F 282 8.18 39.20 17.47
N ALA F 283 8.25 39.21 16.14
CA ALA F 283 9.53 39.15 15.47
C ALA F 283 9.68 40.22 14.40
N MET F 284 10.69 41.05 14.58
CA MET F 284 11.01 42.10 13.63
C MET F 284 12.22 41.73 12.77
N HIS F 285 11.93 41.32 11.54
CA HIS F 285 12.97 40.85 10.61
C HIS F 285 13.51 41.99 9.74
N GLN F 290 8.35 48.47 5.03
CA GLN F 290 7.79 49.07 6.24
C GLN F 290 6.27 48.91 6.32
N LYS F 291 5.72 47.98 5.55
CA LYS F 291 4.28 47.74 5.49
C LYS F 291 3.75 47.25 6.85
N GLU F 292 3.77 45.94 7.05
CA GLU F 292 3.36 45.37 8.34
C GLU F 292 4.53 45.32 9.32
N ARG F 293 5.54 46.14 9.08
CA ARG F 293 6.60 46.40 10.06
C ARG F 293 6.03 47.18 11.24
N ASP F 294 5.52 48.37 10.95
CA ASP F 294 4.97 49.26 11.96
C ASP F 294 3.73 48.67 12.63
N VAL F 295 3.15 47.64 12.01
CA VAL F 295 1.98 46.93 12.57
C VAL F 295 2.30 46.35 13.96
N ILE F 296 3.58 46.38 14.33
CA ILE F 296 4.04 45.82 15.59
C ILE F 296 4.27 46.92 16.63
N MET F 297 4.82 48.05 16.19
CA MET F 297 5.11 49.18 17.08
C MET F 297 3.87 49.84 17.71
N ARG F 298 2.81 50.04 16.93
CA ARG F 298 1.60 50.68 17.45
C ARG F 298 0.91 49.92 18.59
N GLU F 299 1.10 48.60 18.63
CA GLU F 299 0.47 47.79 19.67
C GLU F 299 1.42 47.09 20.65
N PHE F 300 2.70 47.02 20.31
CA PHE F 300 3.73 46.66 21.28
C PHE F 300 3.75 47.70 22.40
N ARG F 301 3.49 48.95 22.04
CA ARG F 301 3.43 50.03 23.01
C ARG F 301 2.06 50.09 23.69
N GLY F 303 1.46 47.28 25.73
CA GLY F 303 1.76 46.06 26.49
C GLY F 303 1.21 44.80 25.83
N SER F 304 0.50 44.98 24.72
CA SER F 304 -0.10 43.89 23.96
C SER F 304 0.94 42.82 23.55
N SER F 305 1.78 43.15 22.57
CA SER F 305 2.95 42.33 22.26
C SER F 305 3.93 42.35 23.44
N ARG F 306 4.20 41.18 24.01
CA ARG F 306 4.97 41.08 25.25
C ARG F 306 6.48 41.19 25.03
N VAL F 307 7.02 40.37 24.12
CA VAL F 307 8.44 40.38 23.80
C VAL F 307 8.64 40.57 22.30
N LEU F 308 9.51 41.50 21.92
CA LEU F 308 9.83 41.75 20.52
C LEU F 308 11.28 41.38 20.26
N ILE F 309 11.49 40.50 19.28
CA ILE F 309 12.84 40.11 18.86
C ILE F 309 13.26 40.75 17.54
N THR F 310 14.43 41.38 17.55
CA THR F 310 14.88 42.17 16.43
C THR F 310 16.39 42.10 16.24
N THR F 311 16.83 42.41 15.02
CA THR F 311 18.21 42.78 14.74
C THR F 311 18.33 44.29 14.94
N ASP F 312 19.56 44.80 14.98
CA ASP F 312 19.73 46.25 15.03
C ASP F 312 19.70 46.92 13.65
N LEU F 313 19.69 46.11 12.58
CA LEU F 313 19.59 46.65 11.21
C LEU F 313 18.29 47.40 11.02
N LEU F 314 17.17 46.69 11.20
CA LEU F 314 15.87 47.36 11.27
C LEU F 314 15.61 47.93 12.67
N ALA F 315 16.66 48.49 13.27
CA ALA F 315 16.54 49.52 14.29
C ALA F 315 16.35 50.89 13.62
N ARG F 316 16.50 50.89 12.30
CA ARG F 316 16.27 52.07 11.44
C ARG F 316 15.01 52.85 11.84
N GLY F 317 14.02 52.13 12.37
CA GLY F 317 12.81 52.73 12.92
C GLY F 317 12.22 51.90 14.05
N ILE F 318 12.76 52.08 15.26
CA ILE F 318 12.29 51.40 16.46
C ILE F 318 12.17 52.37 17.65
N ASP F 319 11.40 51.99 18.66
CA ASP F 319 11.12 52.83 19.83
C ASP F 319 11.90 52.38 21.07
N VAL F 320 13.22 52.57 21.08
CA VAL F 320 14.02 52.25 22.27
C VAL F 320 13.82 53.29 23.38
N GLN F 321 12.57 53.65 23.62
CA GLN F 321 12.20 54.57 24.70
C GLN F 321 11.30 53.89 25.73
N GLN F 322 10.13 53.41 25.30
CA GLN F 322 9.21 52.67 26.21
C GLN F 322 9.83 51.33 26.62
N VAL F 323 11.15 51.33 26.77
CA VAL F 323 11.96 50.12 26.82
C VAL F 323 12.67 49.99 28.16
N SER F 324 12.01 49.31 29.10
CA SER F 324 12.56 49.09 30.44
C SER F 324 13.40 47.80 30.57
N LEU F 325 13.54 47.07 29.46
CA LEU F 325 14.41 45.89 29.42
C LEU F 325 15.07 45.65 28.04
N VAL F 326 16.39 45.50 28.03
CA VAL F 326 17.13 45.21 26.79
C VAL F 326 17.93 43.90 26.93
N ILE F 327 17.76 43.00 25.98
CA ILE F 327 18.47 41.72 26.02
C ILE F 327 19.43 41.58 24.84
N ASN F 328 20.71 41.71 25.11
CA ASN F 328 21.70 41.40 24.09
C ASN F 328 22.00 39.92 24.05
N TYR F 329 21.07 39.14 23.50
CA TYR F 329 21.31 37.73 23.21
C TYR F 329 22.62 37.64 22.42
N ASP F 330 22.76 38.52 21.44
CA ASP F 330 24.03 38.67 20.74
C ASP F 330 24.60 40.07 21.03
N LEU F 331 25.94 40.16 21.02
CA LEU F 331 26.66 41.42 21.26
C LEU F 331 26.99 42.09 19.93
N PRO F 332 27.14 43.43 19.94
CA PRO F 332 27.61 44.15 18.75
C PRO F 332 28.98 43.67 18.27
N THR F 333 29.26 43.85 16.97
CA THR F 333 30.64 43.76 16.43
C THR F 333 31.32 45.13 16.48
N ASN F 334 30.60 46.17 16.92
CA ASN F 334 31.14 47.53 17.05
C ASN F 334 30.42 48.29 18.16
N ARG F 335 31.18 48.75 19.16
CA ARG F 335 30.61 49.36 20.36
C ARG F 335 29.72 50.56 20.07
N GLU F 336 30.01 51.28 18.98
CA GLU F 336 29.17 52.39 18.53
C GLU F 336 27.73 51.92 18.31
N ASN F 337 27.57 50.64 17.97
CA ASN F 337 26.24 50.03 17.82
C ASN F 337 25.62 49.64 19.14
N TYR F 338 26.46 49.34 20.12
CA TYR F 338 25.98 49.03 21.46
C TYR F 338 25.14 50.16 22.06
N ILE F 339 25.57 51.41 21.84
CA ILE F 339 24.81 52.55 22.32
C ILE F 339 23.50 52.71 21.55
N HIS F 340 23.50 52.25 20.30
CA HIS F 340 22.30 52.30 19.45
C HIS F 340 21.23 51.35 19.93
N ARG F 341 21.65 50.26 20.55
CA ARG F 341 20.74 49.21 21.01
C ARG F 341 20.14 49.52 22.38
N ILE F 342 21.00 49.62 23.39
CA ILE F 342 20.56 49.85 24.77
C ILE F 342 19.62 51.04 24.94
N GLY F 352 15.84 52.37 31.77
CA GLY F 352 15.79 50.96 31.39
C GLY F 352 16.84 50.10 32.07
N VAL F 353 16.85 48.81 31.72
CA VAL F 353 17.83 47.84 32.21
C VAL F 353 18.36 46.99 31.04
N ALA F 354 19.67 46.73 31.02
CA ALA F 354 20.32 45.99 29.92
C ALA F 354 21.03 44.72 30.37
N ILE F 355 20.99 43.67 29.55
CA ILE F 355 21.62 42.39 29.89
C ILE F 355 22.36 41.74 28.71
N ASN F 356 23.62 41.37 28.95
CA ASN F 356 24.45 40.67 27.95
C ASN F 356 24.60 39.17 28.24
N MET F 357 24.15 38.32 27.32
CA MET F 357 24.40 36.88 27.42
C MET F 357 25.76 36.54 26.78
N VAL F 358 26.64 35.89 27.55
CA VAL F 358 28.04 35.68 27.14
C VAL F 358 28.47 34.19 27.17
N THR F 359 29.18 33.76 26.12
CA THR F 359 29.83 32.45 26.09
C THR F 359 31.35 32.66 26.25
N GLU F 360 32.10 31.56 26.43
CA GLU F 360 33.56 31.64 26.67
C GLU F 360 34.37 31.98 25.42
N GLU F 361 33.72 31.97 24.26
CA GLU F 361 34.30 32.51 23.03
C GLU F 361 34.11 34.03 22.97
N ASP F 362 33.21 34.53 23.82
CA ASP F 362 32.83 35.96 23.81
C ASP F 362 33.67 36.79 24.77
N LYS F 363 33.97 36.23 25.94
CA LYS F 363 34.64 36.97 27.01
C LYS F 363 36.14 37.09 26.78
N ARG F 367 35.24 41.86 26.94
CA ARG F 367 36.07 42.77 27.73
C ARG F 367 36.32 44.07 26.96
N ASP F 368 36.17 43.98 25.64
CA ASP F 368 36.48 45.06 24.69
C ASP F 368 35.59 46.30 24.89
N ILE F 369 34.37 46.06 25.34
CA ILE F 369 33.38 47.11 25.56
C ILE F 369 33.82 48.01 26.71
N GLU F 370 34.26 47.38 27.80
CA GLU F 370 34.70 48.10 29.00
C GLU F 370 36.03 48.80 28.77
N THR F 371 36.15 49.49 27.64
CA THR F 371 37.36 50.24 27.29
C THR F 371 37.01 51.54 26.57
N PHE F 372 35.94 51.52 25.77
CA PHE F 372 35.32 52.76 25.28
C PHE F 372 34.41 53.33 26.37
N TYR F 373 33.95 52.46 27.27
CA TYR F 373 33.07 52.86 28.36
C TYR F 373 33.78 52.78 29.71
N ASN F 374 34.07 53.94 30.30
CA ASN F 374 34.36 54.00 31.74
C ASN F 374 33.07 54.07 32.58
N THR F 375 32.00 53.51 32.00
CA THR F 375 30.70 53.40 32.65
C THR F 375 30.07 52.02 32.42
N ILE F 377 29.66 47.59 33.42
CA ILE F 377 28.68 46.51 33.49
C ILE F 377 29.23 45.33 34.29
N GLU F 378 28.78 45.17 35.53
CA GLU F 378 29.29 44.10 36.37
C GLU F 378 28.51 42.80 36.16
N GLU F 379 28.93 41.74 36.84
CA GLU F 379 28.31 40.42 36.74
C GLU F 379 26.89 40.42 37.30
N MET F 380 26.05 39.53 36.77
CA MET F 380 24.71 39.35 37.31
C MET F 380 24.75 38.36 38.47
C1 EDO G . -25.82 -20.84 26.58
O1 EDO G . -25.29 -19.76 27.30
C2 EDO G . -26.93 -20.36 25.63
O2 EDO G . -26.83 -21.05 24.40
C1 EDO H . -31.18 -13.11 8.21
O1 EDO H . -31.35 -12.07 7.26
C2 EDO H . -30.30 -14.26 7.67
O2 EDO H . -29.38 -14.81 8.63
C ACY I . -37.46 -4.39 12.10
O ACY I . -37.88 -3.49 12.88
OXT ACY I . -36.37 -4.35 11.45
CH3 ACY I . -38.30 -5.63 11.90
C1 EDO J . 39.88 8.19 -11.05
O1 EDO J . 39.48 7.30 -10.04
C2 EDO J . 39.46 9.61 -10.64
O2 EDO J . 38.08 9.64 -10.44
C ACY K . 11.75 -4.79 1.05
O ACY K . 12.57 -3.94 1.48
OXT ACY K . 10.49 -4.68 1.12
CH3 ACY K . 12.31 -6.02 0.40
#